data_6XP3
#
_entry.id   6XP3
#
_cell.length_a   109.702
_cell.length_b   178.533
_cell.length_c   87.657
_cell.angle_alpha   90.000
_cell.angle_beta   106.850
_cell.angle_gamma   90.000
#
_symmetry.space_group_name_H-M   'C 1 2 1'
#
loop_
_entity.id
_entity.type
_entity.pdbx_description
1 polymer 'Pyrroline-5-carboxylate reductase 1, mitochondrial'
2 non-polymer 'SULFATE ION'
3 non-polymer 'cyclopentanecarboxylic acid'
4 water water
#
_entity_poly.entity_id   1
_entity_poly.type   'polypeptide(L)'
_entity_poly.pdbx_seq_one_letter_code
;MHHHHHHSSGVDLGTENLYFQSMSVGFIGAGQLAFALAKGFTAAGVLAAHKIMASSPDMDLATVSALRKMGVKLTPHNKE
TVQHSDVLFLAVKPHIIPFILDEIGADIEDRHIVVSCAAGVTISSIEKKLSAFRPAPRVIRCMTNTPVVVREGATVYATG
THAQVEDGRLMEQLLSSVGFCTEVEEDLIDAVTGLSGSGPAYAFTALDALADGGVKMGLPRRLAVRLGAQALLGAAKMLL
HSEQHPGQLKDNVSSPGGATIHALHVLESGGFRSLLINAVEASCIRTRELQSMADQEQVSPAAIKKTILDKVKLDSPAGT
AL
;
_entity_poly.pdbx_strand_id   A,B,C,D,E
#
loop_
_chem_comp.id
_chem_comp.type
_chem_comp.name
_chem_comp.formula
IQ0 non-polymer 'cyclopentanecarboxylic acid' 'C6 H10 O2'
SO4 non-polymer 'SULFATE ION' 'O4 S -2'
#
# COMPACT_ATOMS: atom_id res chain seq x y z
N PHE A 20 -11.45 20.90 27.51
CA PHE A 20 -12.02 22.25 27.46
C PHE A 20 -12.84 22.50 26.19
N GLN A 21 -14.16 22.30 26.32
CA GLN A 21 -15.09 22.67 25.25
C GLN A 21 -15.21 24.17 25.06
N SER A 22 -14.65 24.98 25.97
CA SER A 22 -14.67 26.43 25.81
C SER A 22 -13.63 26.92 24.83
N MET A 23 -12.71 26.07 24.37
CA MET A 23 -11.72 26.48 23.40
C MET A 23 -12.34 26.67 22.02
N SER A 24 -11.94 27.75 21.35
CA SER A 24 -12.30 27.98 19.95
C SER A 24 -11.17 27.51 19.06
N VAL A 25 -11.50 26.71 18.06
CA VAL A 25 -10.50 26.11 17.19
C VAL A 25 -10.84 26.49 15.76
N GLY A 26 -9.82 26.88 15.02
CA GLY A 26 -9.97 27.17 13.61
C GLY A 26 -9.09 26.25 12.80
N PHE A 27 -9.54 25.97 11.58
CA PHE A 27 -8.75 25.30 10.56
C PHE A 27 -8.72 26.18 9.32
N ILE A 28 -7.52 26.60 8.93
CA ILE A 28 -7.28 27.19 7.62
CA ILE A 28 -7.30 27.19 7.62
C ILE A 28 -7.05 26.02 6.68
N GLY A 29 -8.04 25.74 5.82
CA GLY A 29 -8.02 24.55 5.00
C GLY A 29 -9.11 23.64 5.53
N ALA A 30 -9.98 23.18 4.63
CA ALA A 30 -11.09 22.33 5.06
C ALA A 30 -11.05 21.03 4.30
N GLY A 31 -9.86 20.41 4.23
CA GLY A 31 -9.66 19.17 3.53
C GLY A 31 -9.76 17.96 4.44
N GLN A 32 -9.10 16.88 4.00
CA GLN A 32 -9.15 15.59 4.69
C GLN A 32 -8.65 15.68 6.13
N LEU A 33 -7.55 16.41 6.35
CA LEU A 33 -6.99 16.43 7.69
C LEU A 33 -7.84 17.29 8.64
N ALA A 34 -8.27 18.46 8.18
CA ALA A 34 -9.22 19.27 8.96
C ALA A 34 -10.44 18.46 9.32
N PHE A 35 -10.98 17.72 8.35
CA PHE A 35 -12.14 16.89 8.67
C PHE A 35 -11.77 15.81 9.67
N ALA A 36 -10.65 15.12 9.45
CA ALA A 36 -10.24 14.05 10.36
C ALA A 36 -10.07 14.59 11.77
N LEU A 37 -9.32 15.69 11.92
CA LEU A 37 -9.10 16.25 13.26
C LEU A 37 -10.40 16.74 13.88
N ALA A 38 -11.24 17.42 13.10
CA ALA A 38 -12.51 17.90 13.64
C ALA A 38 -13.39 16.74 14.07
N LYS A 39 -13.47 15.71 13.23
CA LYS A 39 -14.23 14.51 13.59
C LYS A 39 -13.69 13.90 14.88
N GLY A 40 -12.37 13.74 14.96
CA GLY A 40 -11.78 13.14 16.15
C GLY A 40 -12.03 13.95 17.40
N PHE A 41 -11.78 15.27 17.34
CA PHE A 41 -11.98 16.15 18.50
C PHE A 41 -13.42 16.11 18.97
N THR A 42 -14.38 16.15 18.04
CA THR A 42 -15.77 16.11 18.46
C THR A 42 -16.12 14.75 19.04
N ALA A 43 -15.65 13.67 18.39
CA ALA A 43 -15.93 12.34 18.92
C ALA A 43 -15.28 12.15 20.29
N ALA A 44 -14.15 12.82 20.53
CA ALA A 44 -13.50 12.73 21.83
C ALA A 44 -14.23 13.52 22.90
N GLY A 45 -15.18 14.38 22.53
CA GLY A 45 -15.83 15.25 23.48
C GLY A 45 -15.03 16.47 23.89
N VAL A 46 -13.86 16.71 23.31
CA VAL A 46 -13.02 17.80 23.81
C VAL A 46 -13.47 19.15 23.23
N LEU A 47 -14.08 19.16 22.06
CA LEU A 47 -14.55 20.38 21.44
C LEU A 47 -15.98 20.18 20.96
N ALA A 48 -16.75 21.24 21.00
CA ALA A 48 -18.05 21.24 20.35
C ALA A 48 -17.86 21.54 18.87
N ALA A 49 -18.60 20.81 18.02
CA ALA A 49 -18.46 20.98 16.58
C ALA A 49 -18.63 22.43 16.14
N HIS A 50 -19.60 23.14 16.73
CA HIS A 50 -19.85 24.53 16.36
C HIS A 50 -18.87 25.52 17.00
N LYS A 51 -17.93 25.05 17.83
CA LYS A 51 -16.82 25.88 18.29
C LYS A 51 -15.60 25.76 17.38
N ILE A 52 -15.70 24.94 16.35
CA ILE A 52 -14.71 24.83 15.29
C ILE A 52 -15.19 25.64 14.09
N MET A 53 -14.28 26.43 13.51
CA MET A 53 -14.54 27.11 12.26
C MET A 53 -13.47 26.66 11.26
N ALA A 54 -13.86 26.46 10.00
CA ALA A 54 -12.91 26.12 8.96
C ALA A 54 -13.18 26.97 7.72
N SER A 55 -12.09 27.31 7.04
CA SER A 55 -12.17 28.10 5.82
C SER A 55 -11.50 27.34 4.68
N SER A 56 -12.06 27.52 3.49
CA SER A 56 -11.54 26.93 2.27
C SER A 56 -11.83 27.88 1.13
N PRO A 57 -10.90 28.04 0.18
CA PRO A 57 -11.24 28.78 -1.06
C PRO A 57 -12.14 27.97 -1.99
N ASP A 58 -12.39 26.70 -1.69
CA ASP A 58 -13.25 25.83 -2.49
C ASP A 58 -14.30 25.23 -1.54
N MET A 59 -15.46 25.87 -1.45
CA MET A 59 -16.55 25.34 -0.62
C MET A 59 -17.32 24.22 -1.31
N ASP A 60 -16.89 23.79 -2.49
CA ASP A 60 -17.54 22.72 -3.23
C ASP A 60 -16.86 21.37 -3.01
N LEU A 61 -16.03 21.26 -1.98
CA LEU A 61 -15.40 19.99 -1.64
C LEU A 61 -16.38 19.09 -0.89
N ALA A 62 -16.13 17.78 -0.96
CA ALA A 62 -16.91 16.83 -0.18
C ALA A 62 -16.61 16.96 1.31
N THR A 63 -15.33 17.16 1.66
CA THR A 63 -14.95 17.35 3.06
C THR A 63 -15.66 18.53 3.68
N VAL A 64 -15.88 19.60 2.91
CA VAL A 64 -16.58 20.77 3.42
C VAL A 64 -18.04 20.40 3.74
N SER A 65 -18.65 19.57 2.91
CA SER A 65 -20.03 19.16 3.15
C SER A 65 -20.13 18.31 4.41
N ALA A 66 -19.17 17.41 4.63
CA ALA A 66 -19.16 16.63 5.85
C ALA A 66 -18.90 17.52 7.06
N LEU A 67 -17.93 18.43 6.95
CA LEU A 67 -17.72 19.39 8.02
C LEU A 67 -19.00 20.14 8.33
N ARG A 68 -19.68 20.63 7.29
CA ARG A 68 -20.93 21.35 7.48
C ARG A 68 -21.96 20.49 8.20
N LYS A 69 -22.09 19.22 7.79
CA LYS A 69 -23.06 18.33 8.42
C LYS A 69 -22.74 18.09 9.89
N MET A 70 -21.45 18.07 10.24
CA MET A 70 -21.02 17.91 11.63
C MET A 70 -21.45 19.05 12.54
N GLY A 71 -21.72 20.23 11.98
CA GLY A 71 -21.96 21.41 12.78
C GLY A 71 -20.79 22.37 12.85
N VAL A 72 -19.69 22.07 12.15
CA VAL A 72 -18.56 22.98 12.08
C VAL A 72 -18.94 24.21 11.28
N LYS A 73 -18.50 25.37 11.74
CA LYS A 73 -18.74 26.61 11.02
C LYS A 73 -17.81 26.72 9.83
N LEU A 74 -18.36 27.15 8.69
CA LEU A 74 -17.60 27.23 7.47
C LEU A 74 -17.65 28.66 6.94
N THR A 75 -16.55 29.12 6.36
CA THR A 75 -16.50 30.46 5.81
C THR A 75 -15.47 30.45 4.70
N PRO A 76 -15.64 31.29 3.67
CA PRO A 76 -14.58 31.46 2.67
C PRO A 76 -13.47 32.39 3.12
N HIS A 77 -13.59 33.03 4.29
CA HIS A 77 -12.69 34.10 4.73
C HIS A 77 -11.76 33.58 5.81
N ASN A 78 -10.48 33.41 5.44
CA ASN A 78 -9.46 32.99 6.41
C ASN A 78 -9.38 33.92 7.59
N LYS A 79 -9.59 35.23 7.38
CA LYS A 79 -9.58 36.19 8.48
C LYS A 79 -10.65 35.84 9.51
N GLU A 80 -11.82 35.40 9.04
CA GLU A 80 -12.88 35.01 9.98
C GLU A 80 -12.47 33.81 10.81
N THR A 81 -11.88 32.80 10.17
CA THR A 81 -11.33 31.68 10.94
C THR A 81 -10.32 32.17 11.98
N VAL A 82 -9.43 33.08 11.59
CA VAL A 82 -8.42 33.55 12.54
C VAL A 82 -9.08 34.29 13.71
N GLN A 83 -10.04 35.17 13.41
CA GLN A 83 -10.65 35.97 14.47
C GLN A 83 -11.43 35.10 15.45
N HIS A 84 -12.08 34.05 14.93
CA HIS A 84 -12.82 33.13 15.78
C HIS A 84 -11.89 32.30 16.66
N SER A 85 -10.71 31.97 16.16
CA SER A 85 -9.89 30.93 16.74
C SER A 85 -9.10 31.40 17.95
N ASP A 86 -8.88 30.46 18.89
CA ASP A 86 -7.83 30.53 19.89
C ASP A 86 -6.63 29.68 19.47
N VAL A 87 -6.87 28.40 19.16
CA VAL A 87 -5.90 27.53 18.51
C VAL A 87 -6.25 27.50 17.02
N LEU A 88 -5.27 27.81 16.18
CA LEU A 88 -5.48 27.94 14.74
C LEU A 88 -4.62 26.90 14.04
N PHE A 89 -5.26 25.89 13.46
CA PHE A 89 -4.54 24.87 12.70
C PHE A 89 -4.36 25.34 11.27
N LEU A 90 -3.14 25.25 10.77
CA LEU A 90 -2.87 25.45 9.35
C LEU A 90 -2.88 24.08 8.68
N ALA A 91 -3.92 23.82 7.89
CA ALA A 91 -4.18 22.51 7.31
C ALA A 91 -4.32 22.63 5.81
N VAL A 92 -3.40 23.35 5.18
CA VAL A 92 -3.36 23.50 3.74
C VAL A 92 -2.04 22.92 3.26
N LYS A 93 -1.97 22.74 1.93
CA LYS A 93 -0.78 22.16 1.33
C LYS A 93 0.44 23.03 1.63
N PRO A 94 1.62 22.42 1.79
CA PRO A 94 2.83 23.19 2.12
C PRO A 94 3.04 24.41 1.24
N HIS A 95 2.74 24.32 -0.05
CA HIS A 95 3.09 25.45 -0.92
C HIS A 95 2.14 26.62 -0.76
N ILE A 96 1.01 26.42 -0.07
CA ILE A 96 0.09 27.51 0.22
C ILE A 96 0.45 28.26 1.50
N ILE A 97 1.24 27.65 2.40
CA ILE A 97 1.48 28.23 3.73
C ILE A 97 2.02 29.66 3.66
N PRO A 98 3.04 29.97 2.85
CA PRO A 98 3.51 31.37 2.81
C PRO A 98 2.46 32.35 2.33
N PHE A 99 1.59 31.95 1.40
CA PHE A 99 0.53 32.87 0.98
C PHE A 99 -0.48 33.09 2.09
N ILE A 100 -0.79 32.04 2.85
CA ILE A 100 -1.69 32.17 3.99
C ILE A 100 -1.10 33.12 5.02
N LEU A 101 0.19 32.94 5.34
CA LEU A 101 0.81 33.78 6.36
C LEU A 101 0.82 35.24 5.91
N ASP A 102 1.11 35.50 4.64
CA ASP A 102 0.97 36.85 4.09
C ASP A 102 -0.43 37.40 4.32
N GLU A 103 -1.45 36.59 4.03
CA GLU A 103 -2.83 37.07 4.03
C GLU A 103 -3.30 37.40 5.44
N ILE A 104 -3.08 36.50 6.41
CA ILE A 104 -3.68 36.67 7.73
C ILE A 104 -2.64 36.98 8.80
N GLY A 105 -1.40 37.23 8.39
CA GLY A 105 -0.37 37.56 9.37
C GLY A 105 -0.73 38.75 10.23
N ALA A 106 -1.34 39.77 9.64
CA ALA A 106 -1.74 40.92 10.43
C ALA A 106 -2.79 40.56 11.47
N ASP A 107 -3.54 39.46 11.26
CA ASP A 107 -4.65 39.11 12.14
C ASP A 107 -4.26 38.13 13.23
N ILE A 108 -3.03 37.62 13.23
CA ILE A 108 -2.55 36.78 14.32
C ILE A 108 -2.38 37.65 15.56
N GLU A 109 -3.03 37.27 16.65
CA GLU A 109 -2.93 38.01 17.89
C GLU A 109 -2.03 37.30 18.87
N ASP A 110 -1.70 38.02 19.95
CA ASP A 110 -0.88 37.44 21.01
C ASP A 110 -1.57 36.24 21.65
N ARG A 111 -2.90 36.22 21.71
CA ARG A 111 -3.61 35.09 22.29
C ARG A 111 -3.55 33.83 21.43
N HIS A 112 -3.16 33.93 20.16
CA HIS A 112 -3.25 32.77 19.27
C HIS A 112 -2.11 31.79 19.52
N ILE A 113 -2.44 30.51 19.41
CA ILE A 113 -1.46 29.45 19.20
C ILE A 113 -1.65 28.98 17.78
N VAL A 114 -0.62 29.11 16.95
CA VAL A 114 -0.68 28.73 15.55
C VAL A 114 -0.03 27.37 15.41
N VAL A 115 -0.81 26.39 14.94
CA VAL A 115 -0.38 24.99 14.81
C VAL A 115 -0.32 24.64 13.33
N SER A 116 0.89 24.50 12.80
CA SER A 116 1.05 24.13 11.41
C SER A 116 1.06 22.62 11.31
N CYS A 117 0.18 22.08 10.46
CA CYS A 117 0.18 20.67 10.14
C CYS A 117 0.82 20.38 8.79
N ALA A 118 1.28 21.40 8.08
CA ALA A 118 1.79 21.20 6.74
C ALA A 118 3.09 20.40 6.78
N ALA A 119 3.20 19.39 5.92
CA ALA A 119 4.44 18.63 5.80
C ALA A 119 5.60 19.54 5.42
N GLY A 120 6.71 19.37 6.11
CA GLY A 120 7.97 19.97 5.68
C GLY A 120 8.20 21.39 6.16
N VAL A 121 7.11 22.14 6.33
CA VAL A 121 7.17 23.58 6.59
C VAL A 121 7.74 23.80 7.98
N THR A 122 8.85 24.55 8.05
CA THR A 122 9.57 24.68 9.30
C THR A 122 8.98 25.77 10.18
N ILE A 123 9.19 25.60 11.49
CA ILE A 123 8.83 26.64 12.44
C ILE A 123 9.51 27.95 12.08
N SER A 124 10.79 27.88 11.71
CA SER A 124 11.53 29.08 11.35
C SER A 124 10.82 29.88 10.25
N SER A 125 10.36 29.20 9.21
CA SER A 125 9.77 29.92 8.08
C SER A 125 8.45 30.57 8.47
N ILE A 126 7.69 29.90 9.33
CA ILE A 126 6.43 30.46 9.82
C ILE A 126 6.70 31.66 10.72
N GLU A 127 7.61 31.49 11.68
CA GLU A 127 7.93 32.60 12.58
C GLU A 127 8.50 33.78 11.81
N LYS A 128 9.27 33.53 10.75
CA LYS A 128 9.79 34.62 9.94
C LYS A 128 8.67 35.47 9.36
N LYS A 129 7.68 34.83 8.72
CA LYS A 129 6.51 35.55 8.21
C LYS A 129 5.76 36.26 9.34
N LEU A 130 5.32 35.50 10.34
CA LEU A 130 4.46 36.06 11.38
C LEU A 130 5.16 37.12 12.22
N SER A 131 6.48 37.04 12.37
CA SER A 131 7.19 38.02 13.17
C SER A 131 7.20 39.42 12.57
N ALA A 132 6.99 39.55 11.26
CA ALA A 132 6.88 40.87 10.67
C ALA A 132 5.68 41.65 11.22
N PHE A 133 4.73 40.95 11.85
CA PHE A 133 3.51 41.57 12.36
C PHE A 133 3.64 41.67 13.87
N ARG A 134 3.10 40.74 14.65
CA ARG A 134 3.36 40.84 16.07
C ARG A 134 4.69 40.14 16.39
N PRO A 135 5.41 40.60 17.42
CA PRO A 135 6.81 40.16 17.58
C PRO A 135 7.01 38.74 18.08
N ALA A 136 6.06 38.15 18.81
CA ALA A 136 6.30 36.86 19.45
C ALA A 136 5.20 35.85 19.12
N PRO A 137 5.00 35.54 17.84
CA PRO A 137 3.96 34.57 17.48
C PRO A 137 4.21 33.20 18.10
N ARG A 138 3.18 32.65 18.73
CA ARG A 138 3.26 31.34 19.37
C ARG A 138 2.95 30.26 18.34
N VAL A 139 3.95 29.47 18.00
CA VAL A 139 3.89 28.60 16.85
C VAL A 139 4.22 27.19 17.32
N ILE A 140 3.42 26.24 16.90
CA ILE A 140 3.70 24.82 17.14
C ILE A 140 3.64 24.12 15.79
N ARG A 141 4.59 23.22 15.54
CA ARG A 141 4.58 22.43 14.33
C ARG A 141 4.19 21.00 14.70
N CYS A 142 3.33 20.40 13.90
CA CYS A 142 2.87 19.07 14.22
C CYS A 142 2.80 18.21 12.96
N MET A 143 2.95 16.90 13.15
CA MET A 143 2.72 15.93 12.08
C MET A 143 1.78 14.90 12.67
N THR A 144 0.61 14.78 12.08
CA THR A 144 -0.40 13.87 12.60
C THR A 144 -0.86 13.04 11.41
N ASN A 145 -1.95 12.27 11.56
CA ASN A 145 -2.35 11.43 10.44
C ASN A 145 -3.85 11.20 10.51
N THR A 146 -4.38 10.59 9.48
CA THR A 146 -5.83 10.54 9.33
C THR A 146 -6.52 9.66 10.38
N PRO A 147 -5.86 8.65 11.00
CA PRO A 147 -6.55 7.87 12.06
C PRO A 147 -6.96 8.63 13.32
N VAL A 148 -6.62 9.92 13.45
CA VAL A 148 -7.25 10.72 14.49
C VAL A 148 -8.77 10.64 14.35
N VAL A 149 -9.27 10.40 13.13
CA VAL A 149 -10.72 10.33 12.93
C VAL A 149 -11.37 9.21 13.77
N VAL A 150 -10.64 8.13 14.06
CA VAL A 150 -11.11 7.11 15.00
C VAL A 150 -10.36 7.19 16.33
N ARG A 151 -9.75 8.36 16.62
CA ARG A 151 -9.02 8.63 17.86
C ARG A 151 -7.85 7.67 18.06
N GLU A 152 -7.22 7.25 16.98
CA GLU A 152 -6.03 6.40 17.03
C GLU A 152 -4.92 6.99 16.21
N GLY A 153 -4.82 8.32 16.22
CA GLY A 153 -3.80 8.99 15.47
C GLY A 153 -2.42 8.75 16.07
N ALA A 154 -1.42 9.15 15.30
CA ALA A 154 -0.05 9.23 15.78
C ALA A 154 0.39 10.65 15.53
N THR A 155 0.72 11.39 16.59
CA THR A 155 1.00 12.81 16.46
C THR A 155 2.32 13.15 17.14
N VAL A 156 3.14 13.92 16.45
CA VAL A 156 4.27 14.55 17.11
C VAL A 156 4.15 16.05 16.92
N TYR A 157 4.76 16.80 17.84
CA TYR A 157 4.75 18.24 17.73
C TYR A 157 6.07 18.79 18.25
N ALA A 158 6.45 19.94 17.71
CA ALA A 158 7.61 20.68 18.22
C ALA A 158 7.17 22.11 18.51
N THR A 159 7.66 22.67 19.61
CA THR A 159 7.24 24.00 20.03
C THR A 159 8.18 25.05 19.46
N GLY A 160 7.63 26.18 19.06
CA GLY A 160 8.42 27.23 18.45
C GLY A 160 9.10 28.11 19.49
N THR A 161 9.74 29.17 18.98
CA THR A 161 10.55 30.05 19.82
C THR A 161 9.76 30.69 20.95
N HIS A 162 8.53 31.12 20.67
CA HIS A 162 7.76 31.84 21.66
C HIS A 162 6.60 31.04 22.22
N ALA A 163 6.47 29.77 21.85
CA ALA A 163 5.45 28.90 22.43
C ALA A 163 5.70 28.73 23.93
N GLN A 164 4.69 29.06 24.74
CA GLN A 164 4.87 28.91 26.18
C GLN A 164 4.86 27.43 26.58
N VAL A 165 5.36 27.15 27.77
CA VAL A 165 5.34 25.78 28.26
C VAL A 165 3.90 25.27 28.36
N GLU A 166 2.99 26.14 28.79
CA GLU A 166 1.57 25.78 28.79
C GLU A 166 1.06 25.50 27.38
N ASP A 167 1.69 26.10 26.34
CA ASP A 167 1.22 25.86 24.97
C ASP A 167 1.56 24.46 24.52
N GLY A 168 2.78 24.00 24.84
CA GLY A 168 3.12 22.61 24.54
C GLY A 168 2.20 21.63 25.23
N ARG A 169 1.91 21.87 26.51
CA ARG A 169 1.08 20.96 27.29
C ARG A 169 -0.38 21.01 26.82
N LEU A 170 -0.87 22.20 26.46
CA LEU A 170 -2.21 22.30 25.88
C LEU A 170 -2.29 21.53 24.57
N MET A 171 -1.29 21.72 23.72
CA MET A 171 -1.20 20.99 22.47
C MET A 171 -1.22 19.48 22.71
N GLU A 172 -0.35 19.00 23.61
CA GLU A 172 -0.29 17.57 23.87
C GLU A 172 -1.63 17.05 24.42
N GLN A 173 -2.22 17.77 25.38
CA GLN A 173 -3.52 17.35 25.90
C GLN A 173 -4.54 17.20 24.79
N LEU A 174 -4.61 18.19 23.90
CA LEU A 174 -5.63 18.18 22.85
C LEU A 174 -5.40 17.06 21.84
N LEU A 175 -4.17 16.91 21.37
CA LEU A 175 -3.90 15.86 20.40
C LEU A 175 -3.86 14.48 21.02
N SER A 176 -3.60 14.38 22.33
CA SER A 176 -3.68 13.08 22.97
C SER A 176 -5.11 12.55 23.01
N SER A 177 -6.10 13.43 22.86
CA SER A 177 -7.49 13.00 22.89
C SER A 177 -7.87 12.22 21.64
N VAL A 178 -7.05 12.24 20.60
CA VAL A 178 -7.36 11.55 19.35
C VAL A 178 -6.25 10.58 18.95
N GLY A 179 -5.39 10.22 19.88
CA GLY A 179 -4.44 9.14 19.65
C GLY A 179 -3.14 9.38 20.40
N PHE A 180 -2.09 8.72 19.92
CA PHE A 180 -0.78 8.92 20.52
C PHE A 180 -0.28 10.33 20.20
N CYS A 181 0.38 10.97 21.18
CA CYS A 181 0.96 12.29 20.97
C CYS A 181 2.21 12.46 21.81
N THR A 182 3.29 12.97 21.22
CA THR A 182 4.45 13.23 22.05
C THR A 182 5.24 14.39 21.44
N GLU A 183 5.98 15.09 22.28
CA GLU A 183 6.83 16.17 21.81
C GLU A 183 8.13 15.59 21.24
N VAL A 184 8.62 16.20 20.15
CA VAL A 184 9.88 15.83 19.52
C VAL A 184 10.63 17.12 19.17
N GLU A 185 11.95 16.99 19.01
CA GLU A 185 12.71 18.03 18.34
C GLU A 185 12.23 18.17 16.90
N GLU A 186 12.26 19.40 16.39
CA GLU A 186 11.69 19.62 15.06
C GLU A 186 12.44 18.86 13.97
N ASP A 187 13.74 18.60 14.15
CA ASP A 187 14.47 17.91 13.08
C ASP A 187 14.06 16.46 12.92
N LEU A 188 13.20 15.93 13.80
CA LEU A 188 12.66 14.59 13.62
C LEU A 188 11.39 14.57 12.78
N ILE A 189 10.77 15.72 12.48
CA ILE A 189 9.39 15.66 12.00
C ILE A 189 9.32 15.18 10.55
N ASP A 190 10.30 15.51 9.71
CA ASP A 190 10.27 15.01 8.34
C ASP A 190 10.31 13.48 8.32
N ALA A 191 11.15 12.88 9.18
CA ALA A 191 11.17 11.42 9.32
C ALA A 191 9.85 10.87 9.83
N VAL A 192 9.26 11.53 10.85
CA VAL A 192 7.95 11.10 11.32
C VAL A 192 6.94 11.12 10.18
N THR A 193 7.00 12.17 9.35
CA THR A 193 6.11 12.28 8.20
C THR A 193 6.22 11.05 7.32
N GLY A 194 7.46 10.61 7.06
CA GLY A 194 7.66 9.42 6.24
C GLY A 194 7.17 8.13 6.88
N LEU A 195 7.14 8.08 8.21
CA LEU A 195 6.71 6.88 8.94
C LEU A 195 5.22 6.89 9.28
N SER A 196 4.82 7.71 10.26
CA SER A 196 3.42 7.65 10.69
C SER A 196 2.51 8.61 9.93
N GLY A 197 3.05 9.69 9.37
CA GLY A 197 2.22 10.56 8.54
C GLY A 197 1.75 9.87 7.28
N SER A 198 2.69 9.29 6.52
CA SER A 198 2.35 8.52 5.32
C SER A 198 1.96 7.09 5.66
N GLY A 199 2.29 6.61 6.86
CA GLY A 199 2.04 5.24 7.26
C GLY A 199 0.68 4.65 6.95
N PRO A 200 -0.41 5.35 7.29
CA PRO A 200 -1.73 4.75 7.02
C PRO A 200 -1.92 4.40 5.55
N ALA A 201 -1.34 5.17 4.63
CA ALA A 201 -1.50 4.82 3.22
C ALA A 201 -0.77 3.50 2.89
N TYR A 202 0.41 3.27 3.50
CA TYR A 202 1.09 1.98 3.33
C TYR A 202 0.20 0.84 3.82
N ALA A 203 -0.47 1.07 4.95
CA ALA A 203 -1.34 0.06 5.54
C ALA A 203 -2.56 -0.18 4.68
N PHE A 204 -3.17 0.88 4.14
CA PHE A 204 -4.33 0.66 3.27
C PHE A 204 -3.93 -0.11 2.02
N THR A 205 -2.78 0.24 1.43
CA THR A 205 -2.24 -0.55 0.32
C THR A 205 -2.06 -2.00 0.74
N ALA A 206 -1.42 -2.21 1.89
CA ALA A 206 -1.21 -3.58 2.40
C ALA A 206 -2.53 -4.32 2.61
N LEU A 207 -3.52 -3.65 3.20
CA LEU A 207 -4.80 -4.30 3.47
C LEU A 207 -5.52 -4.66 2.19
N ASP A 208 -5.46 -3.78 1.19
CA ASP A 208 -6.06 -4.09 -0.10
C ASP A 208 -5.41 -5.34 -0.71
N ALA A 209 -4.08 -5.42 -0.66
CA ALA A 209 -3.35 -6.55 -1.26
C ALA A 209 -3.61 -7.83 -0.50
N LEU A 210 -3.56 -7.78 0.84
CA LEU A 210 -3.86 -8.97 1.64
C LEU A 210 -5.26 -9.50 1.34
N ALA A 211 -6.22 -8.60 1.18
CA ALA A 211 -7.57 -9.03 0.81
C ALA A 211 -7.55 -9.69 -0.56
N ASP A 212 -6.80 -9.13 -1.52
CA ASP A 212 -6.66 -9.77 -2.83
C ASP A 212 -6.11 -11.18 -2.67
N GLY A 213 -5.14 -11.36 -1.77
CA GLY A 213 -4.60 -12.68 -1.54
C GLY A 213 -5.59 -13.62 -0.88
N GLY A 214 -6.37 -13.09 0.08
CA GLY A 214 -7.48 -13.87 0.62
C GLY A 214 -8.45 -14.29 -0.46
N VAL A 215 -8.85 -13.34 -1.32
CA VAL A 215 -9.79 -13.65 -2.40
C VAL A 215 -9.19 -14.68 -3.35
N LYS A 216 -7.89 -14.53 -3.67
CA LYS A 216 -7.28 -15.50 -4.58
C LYS A 216 -7.33 -16.91 -4.02
N MET A 217 -7.23 -17.04 -2.70
CA MET A 217 -7.25 -18.35 -2.06
C MET A 217 -8.66 -18.79 -1.66
N GLY A 218 -9.72 -18.06 -2.07
CA GLY A 218 -11.07 -18.54 -1.99
C GLY A 218 -11.98 -17.84 -1.02
N LEU A 219 -11.48 -16.81 -0.28
CA LEU A 219 -12.32 -16.06 0.65
C LEU A 219 -13.18 -15.04 -0.07
N PRO A 220 -14.40 -14.82 0.40
CA PRO A 220 -15.18 -13.66 -0.06
C PRO A 220 -14.46 -12.38 0.28
N ARG A 221 -14.54 -11.41 -0.64
CA ARG A 221 -13.84 -10.14 -0.44
CA ARG A 221 -13.85 -10.13 -0.45
C ARG A 221 -14.19 -9.51 0.90
N ARG A 222 -15.48 -9.45 1.21
CA ARG A 222 -15.89 -8.80 2.45
C ARG A 222 -15.19 -9.42 3.66
N LEU A 223 -15.17 -10.75 3.73
CA LEU A 223 -14.53 -11.42 4.85
C LEU A 223 -13.01 -11.23 4.80
N ALA A 224 -12.41 -11.26 3.59
CA ALA A 224 -10.98 -11.08 3.50
C ALA A 224 -10.56 -9.70 3.99
N VAL A 225 -11.36 -8.67 3.68
CA VAL A 225 -11.03 -7.31 4.15
C VAL A 225 -11.09 -7.24 5.67
N ARG A 226 -12.16 -7.78 6.25
CA ARG A 226 -12.35 -7.79 7.69
C ARG A 226 -11.23 -8.53 8.41
N LEU A 227 -10.90 -9.73 7.93
CA LEU A 227 -9.87 -10.53 8.57
C LEU A 227 -8.50 -9.87 8.49
N GLY A 228 -8.13 -9.35 7.31
CA GLY A 228 -6.82 -8.72 7.18
C GLY A 228 -6.70 -7.48 8.06
N ALA A 229 -7.74 -6.66 8.09
CA ALA A 229 -7.72 -5.48 8.95
C ALA A 229 -7.68 -5.87 10.42
N GLN A 230 -8.46 -6.88 10.82
CA GLN A 230 -8.41 -7.34 12.20
C GLN A 230 -7.04 -7.90 12.55
N ALA A 231 -6.41 -8.61 11.59
CA ALA A 231 -5.08 -9.15 11.83
C ALA A 231 -4.08 -8.03 12.07
N LEU A 232 -4.17 -6.96 11.26
CA LEU A 232 -3.22 -5.86 11.39
C LEU A 232 -3.46 -5.09 12.69
N LEU A 233 -4.73 -4.84 13.02
CA LEU A 233 -5.03 -4.14 14.26
C LEU A 233 -4.51 -4.94 15.45
N GLY A 234 -4.80 -6.25 15.48
CA GLY A 234 -4.40 -7.06 16.62
C GLY A 234 -2.89 -7.14 16.78
N ALA A 235 -2.17 -7.28 15.68
CA ALA A 235 -0.71 -7.37 15.75
C ALA A 235 -0.11 -6.05 16.21
N ALA A 236 -0.62 -4.95 15.70
CA ALA A 236 -0.13 -3.64 16.11
C ALA A 236 -0.38 -3.43 17.60
N LYS A 237 -1.59 -3.78 18.05
CA LYS A 237 -1.91 -3.69 19.47
C LYS A 237 -1.01 -4.59 20.31
N MET A 238 -0.78 -5.83 19.88
CA MET A 238 0.17 -6.71 20.59
C MET A 238 1.52 -6.03 20.79
N LEU A 239 2.08 -5.47 19.72
CA LEU A 239 3.40 -4.84 19.79
C LEU A 239 3.39 -3.66 20.76
N LEU A 240 2.39 -2.78 20.64
CA LEU A 240 2.28 -1.65 21.55
C LEU A 240 2.18 -2.09 23.01
N HIS A 241 1.47 -3.18 23.27
CA HIS A 241 1.30 -3.64 24.65
C HIS A 241 2.38 -4.62 25.09
N SER A 242 3.36 -4.92 24.24
CA SER A 242 4.43 -5.84 24.56
C SER A 242 5.75 -5.08 24.69
N GLU A 243 6.56 -5.50 25.66
CA GLU A 243 7.93 -5.00 25.72
C GLU A 243 8.86 -5.80 24.82
N GLN A 244 8.32 -6.64 23.93
CA GLN A 244 9.13 -7.55 23.15
C GLN A 244 9.47 -6.95 21.79
N HIS A 245 10.54 -7.46 21.22
CA HIS A 245 10.94 -7.03 19.89
C HIS A 245 9.95 -7.59 18.86
N PRO A 246 9.59 -6.82 17.83
CA PRO A 246 8.75 -7.37 16.77
C PRO A 246 9.31 -8.63 16.13
N GLY A 247 10.64 -8.76 16.06
CA GLY A 247 11.23 -10.02 15.62
C GLY A 247 10.89 -11.16 16.56
N GLN A 248 10.91 -10.90 17.87
CA GLN A 248 10.50 -11.94 18.82
C GLN A 248 9.02 -12.28 18.67
N LEU A 249 8.15 -11.28 18.52
CA LEU A 249 6.74 -11.61 18.31
C LEU A 249 6.55 -12.38 17.01
N LYS A 250 7.32 -12.03 15.97
CA LYS A 250 7.28 -12.81 14.74
C LYS A 250 7.75 -14.25 14.98
N ASP A 251 8.82 -14.42 15.74
CA ASP A 251 9.26 -15.78 16.07
C ASP A 251 8.15 -16.58 16.75
N ASN A 252 7.43 -15.95 17.69
CA ASN A 252 6.40 -16.67 18.45
C ASN A 252 5.25 -17.13 17.59
N VAL A 253 4.97 -16.42 16.49
CA VAL A 253 3.87 -16.80 15.63
C VAL A 253 4.22 -18.05 14.81
N SER A 254 5.45 -18.15 14.31
CA SER A 254 5.77 -19.13 13.27
C SER A 254 6.25 -20.44 13.89
N SER A 255 5.42 -21.47 13.80
CA SER A 255 5.86 -22.82 14.14
C SER A 255 6.85 -23.38 13.11
N PRO A 256 7.74 -24.26 13.55
CA PRO A 256 8.70 -24.86 12.61
C PRO A 256 8.03 -25.63 11.48
N GLY A 257 8.55 -25.45 10.27
CA GLY A 257 8.03 -26.06 9.06
C GLY A 257 6.66 -25.55 8.63
N GLY A 258 6.09 -24.59 9.35
CA GLY A 258 4.70 -24.25 9.22
C GLY A 258 4.37 -23.23 8.15
N ALA A 259 3.08 -22.90 8.10
CA ALA A 259 2.53 -22.04 7.07
C ALA A 259 3.10 -20.62 7.16
N THR A 260 3.17 -20.05 8.36
CA THR A 260 3.63 -18.68 8.51
C THR A 260 5.07 -18.53 8.02
N ILE A 261 5.96 -19.43 8.44
CA ILE A 261 7.37 -19.28 8.05
C ILE A 261 7.53 -19.45 6.54
N HIS A 262 6.68 -20.27 5.90
CA HIS A 262 6.69 -20.34 4.46
C HIS A 262 6.27 -19.00 3.83
N ALA A 263 5.24 -18.37 4.36
CA ALA A 263 4.84 -17.05 3.87
C ALA A 263 5.90 -16.00 4.15
N LEU A 264 6.54 -16.06 5.31
CA LEU A 264 7.57 -15.08 5.60
C LEU A 264 8.73 -15.20 4.59
N HIS A 265 9.08 -16.42 4.20
CA HIS A 265 10.14 -16.61 3.21
C HIS A 265 9.81 -15.90 1.91
N VAL A 266 8.58 -16.07 1.41
CA VAL A 266 8.28 -15.41 0.14
C VAL A 266 8.24 -13.90 0.31
N LEU A 267 7.90 -13.38 1.49
CA LEU A 267 8.02 -11.94 1.69
C LEU A 267 9.49 -11.52 1.60
N GLU A 268 10.38 -12.27 2.26
CA GLU A 268 11.79 -11.97 2.23
C GLU A 268 12.35 -12.04 0.82
N SER A 269 11.91 -13.02 0.02
CA SER A 269 12.48 -13.17 -1.31
C SER A 269 12.14 -11.98 -2.18
N GLY A 270 11.04 -11.29 -1.90
CA GLY A 270 10.79 -10.10 -2.67
C GLY A 270 11.37 -8.82 -2.07
N GLY A 271 12.16 -8.90 -0.98
CA GLY A 271 12.67 -7.68 -0.39
C GLY A 271 11.61 -6.85 0.30
N PHE A 272 10.58 -7.51 0.86
CA PHE A 272 9.46 -6.85 1.55
C PHE A 272 9.93 -5.77 2.52
N ARG A 273 10.85 -6.12 3.43
CA ARG A 273 11.37 -5.17 4.39
C ARG A 273 11.93 -3.93 3.71
N SER A 274 12.73 -4.14 2.66
CA SER A 274 13.38 -3.02 1.98
C SER A 274 12.37 -2.10 1.31
N LEU A 275 11.24 -2.62 0.87
CA LEU A 275 10.24 -1.76 0.23
C LEU A 275 9.65 -0.78 1.25
N LEU A 276 9.41 -1.24 2.48
CA LEU A 276 8.92 -0.37 3.53
C LEU A 276 9.97 0.66 3.96
N ILE A 277 11.24 0.25 4.03
CA ILE A 277 12.31 1.22 4.27
C ILE A 277 12.37 2.24 3.14
N ASN A 278 12.31 1.76 1.88
CA ASN A 278 12.26 2.66 0.73
C ASN A 278 11.14 3.68 0.85
N ALA A 279 9.97 3.22 1.29
CA ALA A 279 8.80 4.08 1.40
C ALA A 279 9.02 5.19 2.42
N VAL A 280 9.35 4.83 3.66
CA VAL A 280 9.61 5.82 4.70
C VAL A 280 10.65 6.83 4.21
N GLU A 281 11.71 6.35 3.55
CA GLU A 281 12.75 7.24 3.06
C GLU A 281 12.22 8.16 1.97
N ALA A 282 11.48 7.61 1.01
CA ALA A 282 10.98 8.41 -0.10
C ALA A 282 10.05 9.51 0.40
N SER A 283 9.17 9.19 1.35
CA SER A 283 8.26 10.20 1.88
C SER A 283 9.01 11.26 2.68
N CYS A 284 9.98 10.84 3.51
CA CYS A 284 10.83 11.79 4.25
C CYS A 284 11.57 12.71 3.30
N ILE A 285 12.23 12.15 2.28
CA ILE A 285 13.02 12.94 1.35
C ILE A 285 12.14 13.93 0.60
N ARG A 286 10.98 13.45 0.14
CA ARG A 286 10.06 14.33 -0.57
C ARG A 286 9.59 15.45 0.34
N THR A 287 9.33 15.14 1.62
CA THR A 287 8.95 16.15 2.59
C THR A 287 10.02 17.23 2.67
N ARG A 288 11.29 16.82 2.66
CA ARG A 288 12.40 17.78 2.69
C ARG A 288 12.43 18.63 1.42
N GLU A 289 12.08 18.03 0.27
CA GLU A 289 12.02 18.79 -0.96
C GLU A 289 10.87 19.77 -0.96
N LEU A 290 9.72 19.40 -0.40
CA LEU A 290 8.61 20.34 -0.31
C LEU A 290 9.04 21.61 0.42
N GLN A 291 9.94 21.48 1.41
CA GLN A 291 10.40 22.67 2.13
C GLN A 291 11.50 23.40 1.36
N SER A 292 12.50 22.67 0.86
CA SER A 292 13.54 23.31 0.06
C SER A 292 12.96 23.95 -1.21
N MET A 293 11.90 23.37 -1.76
CA MET A 293 11.16 24.03 -2.84
C MET A 293 10.65 25.39 -2.38
N ALA A 294 10.08 25.44 -1.17
CA ALA A 294 9.59 26.70 -0.62
C ALA A 294 10.74 27.68 -0.37
N ASP A 295 11.69 27.29 0.47
CA ASP A 295 12.82 28.16 0.80
C ASP A 295 13.90 28.10 -0.28
N ASN B 17 -21.04 -8.30 29.73
CA ASN B 17 -21.37 -8.93 31.01
C ASN B 17 -21.51 -10.45 30.87
N LEU B 18 -20.65 -11.02 30.03
CA LEU B 18 -20.67 -12.44 29.73
C LEU B 18 -19.84 -13.22 30.76
N TYR B 19 -20.31 -14.42 31.10
CA TYR B 19 -19.54 -15.28 32.00
C TYR B 19 -20.11 -16.69 31.92
N PHE B 20 -19.22 -17.68 31.87
CA PHE B 20 -19.60 -19.08 31.72
C PHE B 20 -19.34 -19.80 33.05
N GLN B 21 -20.32 -19.74 33.95
CA GLN B 21 -20.13 -20.35 35.27
C GLN B 21 -20.09 -21.86 35.19
N SER B 22 -20.79 -22.46 34.22
CA SER B 22 -20.83 -23.91 34.12
C SER B 22 -19.64 -24.49 33.38
N MET B 23 -18.89 -23.69 32.65
CA MET B 23 -17.93 -24.21 31.68
C MET B 23 -16.54 -24.36 32.29
N SER B 24 -15.97 -25.55 32.14
CA SER B 24 -14.56 -25.79 32.43
C SER B 24 -13.82 -25.92 31.11
N VAL B 25 -12.76 -25.14 30.93
CA VAL B 25 -12.01 -25.16 29.69
C VAL B 25 -10.69 -25.86 29.94
N GLY B 26 -10.26 -26.67 28.97
CA GLY B 26 -8.94 -27.28 29.01
C GLY B 26 -8.18 -27.02 27.73
N PHE B 27 -6.86 -26.90 27.87
CA PHE B 27 -5.97 -26.83 26.73
C PHE B 27 -5.09 -28.08 26.70
N ILE B 28 -5.13 -28.81 25.60
CA ILE B 28 -4.07 -29.78 25.30
C ILE B 28 -2.99 -28.99 24.56
N GLY B 29 -1.85 -28.81 25.20
CA GLY B 29 -0.83 -27.91 24.71
C GLY B 29 -0.81 -26.71 25.65
N ALA B 30 0.38 -26.21 25.94
CA ALA B 30 0.53 -25.06 26.82
C ALA B 30 1.55 -24.11 26.24
N GLY B 31 1.52 -23.94 24.92
CA GLY B 31 2.42 -23.07 24.21
C GLY B 31 1.81 -21.71 23.97
N GLN B 32 2.24 -21.08 22.87
CA GLN B 32 1.89 -19.70 22.58
C GLN B 32 0.38 -19.50 22.47
N LEU B 33 -0.29 -20.35 21.69
CA LEU B 33 -1.73 -20.16 21.48
C LEU B 33 -2.52 -20.40 22.75
N ALA B 34 -2.19 -21.47 23.48
CA ALA B 34 -2.90 -21.73 24.74
C ALA B 34 -2.70 -20.58 25.72
N PHE B 35 -1.47 -20.06 25.79
CA PHE B 35 -1.26 -18.89 26.63
C PHE B 35 -2.12 -17.72 26.17
N ALA B 36 -2.08 -17.39 24.87
CA ALA B 36 -2.79 -16.23 24.38
C ALA B 36 -4.28 -16.32 24.65
N LEU B 37 -4.89 -17.48 24.36
CA LEU B 37 -6.32 -17.65 24.57
C LEU B 37 -6.68 -17.58 26.06
N ALA B 38 -5.90 -18.22 26.93
CA ALA B 38 -6.20 -18.19 28.37
C ALA B 38 -6.03 -16.78 28.92
N LYS B 39 -5.00 -16.05 28.47
CA LYS B 39 -4.85 -14.67 28.89
C LYS B 39 -6.02 -13.83 28.39
N GLY B 40 -6.40 -14.00 27.13
CA GLY B 40 -7.54 -13.27 26.60
C GLY B 40 -8.83 -13.58 27.34
N PHE B 41 -9.15 -14.87 27.52
CA PHE B 41 -10.38 -15.25 28.22
C PHE B 41 -10.41 -14.67 29.62
N THR B 42 -9.28 -14.71 30.33
CA THR B 42 -9.28 -14.22 31.71
C THR B 42 -9.38 -12.70 31.74
N ALA B 43 -8.63 -12.01 30.88
CA ALA B 43 -8.76 -10.56 30.79
C ALA B 43 -10.17 -10.15 30.37
N ALA B 44 -10.85 -10.99 29.59
CA ALA B 44 -12.22 -10.67 29.22
C ALA B 44 -13.18 -10.83 30.39
N GLY B 45 -12.74 -11.46 31.48
CA GLY B 45 -13.60 -11.77 32.61
C GLY B 45 -14.56 -12.91 32.38
N VAL B 46 -14.50 -13.57 31.22
CA VAL B 46 -15.49 -14.60 30.90
C VAL B 46 -15.15 -15.94 31.53
N LEU B 47 -13.90 -16.13 31.97
CA LEU B 47 -13.46 -17.35 32.63
C LEU B 47 -12.53 -16.99 33.76
N ALA B 48 -12.77 -17.56 34.93
CA ALA B 48 -11.78 -17.51 36.00
C ALA B 48 -10.60 -18.39 35.62
N ALA B 49 -9.38 -17.91 35.89
CA ALA B 49 -8.20 -18.68 35.53
C ALA B 49 -8.18 -20.05 36.20
N HIS B 50 -8.72 -20.16 37.43
CA HIS B 50 -8.70 -21.42 38.13
C HIS B 50 -9.64 -22.45 37.51
N LYS B 51 -10.58 -22.03 36.66
CA LYS B 51 -11.43 -22.95 35.92
C LYS B 51 -10.82 -23.37 34.59
N ILE B 52 -9.56 -23.04 34.36
CA ILE B 52 -8.85 -23.44 33.15
C ILE B 52 -7.73 -24.38 33.55
N MET B 53 -7.56 -25.45 32.77
CA MET B 53 -6.47 -26.40 32.95
C MET B 53 -5.73 -26.55 31.64
N ALA B 54 -4.41 -26.61 31.71
CA ALA B 54 -3.60 -26.84 30.52
C ALA B 54 -2.60 -27.96 30.79
N SER B 55 -2.38 -28.80 29.77
CA SER B 55 -1.42 -29.88 29.86
C SER B 55 -0.34 -29.70 28.81
N SER B 56 0.87 -30.14 29.16
CA SER B 56 2.01 -30.04 28.27
C SER B 56 3.01 -31.11 28.67
N PRO B 57 3.71 -31.73 27.71
CA PRO B 57 4.76 -32.68 28.07
C PRO B 57 6.04 -32.03 28.54
N ASP B 58 6.07 -30.69 28.60
CA ASP B 58 7.28 -29.94 28.93
C ASP B 58 6.82 -28.81 29.86
N MET B 59 6.85 -29.06 31.15
CA MET B 59 6.49 -28.07 32.15
C MET B 59 7.60 -27.04 32.39
N ASP B 60 8.67 -27.07 31.60
CA ASP B 60 9.76 -26.10 31.68
C ASP B 60 9.62 -25.00 30.63
N LEU B 61 8.41 -24.73 30.19
CA LEU B 61 8.15 -23.71 29.18
C LEU B 61 7.86 -22.36 29.82
N ALA B 62 8.28 -21.30 29.14
CA ALA B 62 7.97 -19.96 29.63
C ALA B 62 6.46 -19.71 29.60
N THR B 63 5.78 -20.18 28.55
CA THR B 63 4.32 -20.10 28.52
C THR B 63 3.69 -20.90 29.65
N VAL B 64 4.30 -22.03 30.01
CA VAL B 64 3.81 -22.81 31.15
C VAL B 64 3.98 -22.03 32.45
N SER B 65 5.16 -21.43 32.65
CA SER B 65 5.39 -20.64 33.84
C SER B 65 4.45 -19.43 33.90
N ALA B 66 4.10 -18.88 32.72
CA ALA B 66 3.21 -17.73 32.68
C ALA B 66 1.77 -18.11 33.00
N LEU B 67 1.31 -19.26 32.49
CA LEU B 67 -0.02 -19.74 32.83
C LEU B 67 -0.14 -20.01 34.33
N ARG B 68 0.95 -20.43 34.98
CA ARG B 68 0.92 -20.62 36.43
C ARG B 68 0.59 -19.32 37.14
N LYS B 69 1.36 -18.26 36.85
CA LYS B 69 1.14 -16.97 37.51
C LYS B 69 -0.28 -16.47 37.31
N MET B 70 -0.89 -16.78 36.17
CA MET B 70 -2.28 -16.40 35.93
C MET B 70 -3.25 -17.15 36.84
N GLY B 71 -2.84 -18.28 37.40
CA GLY B 71 -3.75 -19.14 38.14
C GLY B 71 -4.29 -20.33 37.38
N VAL B 72 -3.81 -20.58 36.17
CA VAL B 72 -4.28 -21.72 35.39
C VAL B 72 -3.78 -23.01 36.03
N LYS B 73 -4.68 -23.99 36.15
CA LYS B 73 -4.28 -25.30 36.63
C LYS B 73 -3.42 -26.00 35.59
N LEU B 74 -2.27 -26.51 36.00
CA LEU B 74 -1.39 -27.22 35.09
C LEU B 74 -1.21 -28.67 35.51
N THR B 75 -1.04 -29.53 34.51
CA THR B 75 -0.81 -30.95 34.70
C THR B 75 0.05 -31.44 33.54
N PRO B 76 0.86 -32.48 33.74
CA PRO B 76 1.52 -33.09 32.59
C PRO B 76 0.66 -34.10 31.86
N HIS B 77 -0.49 -34.47 32.39
CA HIS B 77 -1.28 -35.59 31.86
C HIS B 77 -2.48 -35.06 31.09
N ASN B 78 -2.47 -35.27 29.77
CA ASN B 78 -3.59 -34.90 28.92
C ASN B 78 -4.90 -35.49 29.40
N LYS B 79 -4.86 -36.69 29.98
CA LYS B 79 -6.10 -37.29 30.48
C LYS B 79 -6.71 -36.48 31.60
N GLU B 80 -5.87 -35.84 32.44
CA GLU B 80 -6.40 -34.96 33.48
C GLU B 80 -7.16 -33.78 32.87
N THR B 81 -6.53 -33.10 31.92
CA THR B 81 -7.21 -32.00 31.23
C THR B 81 -8.57 -32.43 30.73
N VAL B 82 -8.63 -33.58 30.05
CA VAL B 82 -9.88 -34.06 29.48
C VAL B 82 -10.89 -34.35 30.58
N GLN B 83 -10.46 -34.99 31.66
CA GLN B 83 -11.38 -35.28 32.75
C GLN B 83 -11.89 -34.02 33.45
N HIS B 84 -11.06 -32.98 33.55
CA HIS B 84 -11.49 -31.72 34.16
C HIS B 84 -12.34 -30.86 33.23
N SER B 85 -12.25 -31.04 31.92
CA SER B 85 -12.74 -30.01 31.01
C SER B 85 -14.07 -30.40 30.37
N ASP B 86 -14.85 -29.37 30.03
CA ASP B 86 -16.00 -29.49 29.14
C ASP B 86 -15.64 -29.04 27.73
N VAL B 87 -15.09 -27.85 27.61
CA VAL B 87 -14.61 -27.35 26.33
C VAL B 87 -13.11 -27.66 26.26
N LEU B 88 -12.70 -28.37 25.21
CA LEU B 88 -11.35 -28.89 25.10
C LEU B 88 -10.66 -28.30 23.88
N PHE B 89 -9.67 -27.43 24.10
CA PHE B 89 -8.89 -26.82 23.03
C PHE B 89 -7.67 -27.67 22.74
N LEU B 90 -7.53 -28.10 21.48
CA LEU B 90 -6.33 -28.79 21.01
C LEU B 90 -5.40 -27.75 20.44
N ALA B 91 -4.41 -27.36 21.24
CA ALA B 91 -3.48 -26.30 20.93
C ALA B 91 -2.08 -26.88 20.75
N VAL B 92 -2.01 -28.01 20.06
CA VAL B 92 -0.74 -28.66 19.75
C VAL B 92 -0.52 -28.54 18.24
N LYS B 93 0.71 -28.86 17.83
CA LYS B 93 1.05 -28.80 16.43
C LYS B 93 0.28 -29.86 15.64
N PRO B 94 -0.04 -29.59 14.37
CA PRO B 94 -0.91 -30.51 13.61
C PRO B 94 -0.44 -31.96 13.63
N HIS B 95 0.86 -32.20 13.54
CA HIS B 95 1.29 -33.59 13.47
C HIS B 95 1.19 -34.30 14.80
N ILE B 96 0.99 -33.57 15.91
CA ILE B 96 0.78 -34.20 17.21
C ILE B 96 -0.66 -34.63 17.41
N ILE B 97 -1.61 -34.02 16.68
CA ILE B 97 -3.03 -34.25 16.94
C ILE B 97 -3.41 -35.73 16.88
N PRO B 98 -3.05 -36.50 15.85
CA PRO B 98 -3.44 -37.91 15.85
C PRO B 98 -2.99 -38.67 17.09
N PHE B 99 -1.79 -38.39 17.59
CA PHE B 99 -1.34 -39.09 18.79
C PHE B 99 -2.12 -38.62 20.02
N ILE B 100 -2.46 -37.33 20.08
CA ILE B 100 -3.33 -36.84 21.13
C ILE B 100 -4.67 -37.57 21.09
N LEU B 101 -5.29 -37.62 19.90
CA LEU B 101 -6.62 -38.21 19.81
C LEU B 101 -6.59 -39.69 20.17
N ASP B 102 -5.51 -40.40 19.80
CA ASP B 102 -5.37 -41.78 20.24
C ASP B 102 -5.23 -41.87 21.75
N GLU B 103 -4.51 -40.91 22.35
CA GLU B 103 -4.23 -40.98 23.77
C GLU B 103 -5.48 -40.76 24.62
N ILE B 104 -6.31 -39.78 24.26
CA ILE B 104 -7.45 -39.41 25.09
C ILE B 104 -8.77 -39.80 24.47
N GLY B 105 -8.76 -40.47 23.30
CA GLY B 105 -10.01 -40.80 22.62
C GLY B 105 -11.00 -41.55 23.50
N ALA B 106 -10.51 -42.50 24.30
CA ALA B 106 -11.38 -43.24 25.20
C ALA B 106 -11.89 -42.40 26.36
N ASP B 107 -11.35 -41.19 26.57
CA ASP B 107 -11.78 -40.33 27.65
C ASP B 107 -12.79 -39.28 27.21
N ILE B 108 -13.08 -39.18 25.91
CA ILE B 108 -14.07 -38.23 25.44
C ILE B 108 -15.46 -38.70 25.86
N GLU B 109 -16.23 -37.78 26.43
CA GLU B 109 -17.59 -38.05 26.89
C GLU B 109 -18.58 -37.23 26.08
N ASP B 110 -19.87 -37.52 26.30
CA ASP B 110 -20.92 -36.77 25.60
C ASP B 110 -20.80 -35.28 25.83
N ARG B 111 -20.34 -34.88 27.02
CA ARG B 111 -20.33 -33.48 27.40
C ARG B 111 -19.25 -32.69 26.69
N HIS B 112 -18.24 -33.35 26.13
CA HIS B 112 -17.07 -32.65 25.60
C HIS B 112 -17.37 -32.00 24.27
N ILE B 113 -16.86 -30.78 24.11
CA ILE B 113 -16.74 -30.13 22.82
C ILE B 113 -15.26 -30.02 22.55
N VAL B 114 -14.80 -30.65 21.47
CA VAL B 114 -13.39 -30.66 21.12
C VAL B 114 -13.18 -29.57 20.10
N VAL B 115 -12.37 -28.58 20.45
CA VAL B 115 -12.10 -27.45 19.57
C VAL B 115 -10.65 -27.58 19.10
N SER B 116 -10.46 -28.00 17.86
CA SER B 116 -9.10 -28.10 17.33
C SER B 116 -8.66 -26.75 16.78
N CYS B 117 -7.50 -26.29 17.24
CA CYS B 117 -6.89 -25.08 16.70
C CYS B 117 -5.72 -25.39 15.79
N ALA B 118 -5.41 -26.68 15.57
CA ALA B 118 -4.28 -27.04 14.74
C ALA B 118 -4.51 -26.62 13.29
N ALA B 119 -3.50 -25.98 12.69
CA ALA B 119 -3.62 -25.58 11.29
C ALA B 119 -3.82 -26.80 10.40
N GLY B 120 -4.74 -26.70 9.46
CA GLY B 120 -4.91 -27.69 8.42
C GLY B 120 -5.67 -28.95 8.82
N VAL B 121 -5.69 -29.31 10.09
CA VAL B 121 -6.29 -30.59 10.52
C VAL B 121 -7.80 -30.54 10.33
N THR B 122 -8.32 -31.45 9.53
CA THR B 122 -9.72 -31.38 9.15
C THR B 122 -10.64 -31.95 10.23
N ILE B 123 -11.87 -31.45 10.21
CA ILE B 123 -12.92 -32.01 11.04
C ILE B 123 -13.07 -33.49 10.75
N SER B 124 -13.01 -33.86 9.46
CA SER B 124 -13.14 -35.25 9.06
C SER B 124 -12.15 -36.14 9.78
N SER B 125 -10.88 -35.76 9.79
CA SER B 125 -9.84 -36.60 10.40
C SER B 125 -9.99 -36.69 11.91
N ILE B 126 -10.44 -35.61 12.56
CA ILE B 126 -10.63 -35.66 14.00
C ILE B 126 -11.81 -36.57 14.36
N GLU B 127 -12.93 -36.40 13.66
CA GLU B 127 -14.09 -37.22 13.95
C GLU B 127 -13.80 -38.69 13.67
N LYS B 128 -13.03 -38.99 12.63
CA LYS B 128 -12.73 -40.39 12.32
C LYS B 128 -11.94 -41.03 13.46
N LYS B 129 -10.93 -40.32 13.96
CA LYS B 129 -10.13 -40.83 15.08
C LYS B 129 -10.98 -41.02 16.33
N LEU B 130 -11.67 -39.95 16.76
CA LEU B 130 -12.48 -40.03 17.97
C LEU B 130 -13.66 -41.00 17.84
N SER B 131 -14.25 -41.13 16.65
CA SER B 131 -15.40 -42.00 16.51
C SER B 131 -15.05 -43.46 16.71
N ALA B 132 -13.77 -43.81 16.62
CA ALA B 132 -13.36 -45.18 16.92
C ALA B 132 -13.60 -45.54 18.39
N PHE B 133 -13.71 -44.55 19.27
CA PHE B 133 -13.86 -44.76 20.71
C PHE B 133 -15.29 -44.55 21.18
N ARG B 134 -15.97 -43.55 20.65
CA ARG B 134 -17.33 -43.22 21.03
C ARG B 134 -17.93 -42.47 19.86
N PRO B 135 -19.11 -42.85 19.38
CA PRO B 135 -19.71 -42.15 18.24
C PRO B 135 -20.14 -40.76 18.63
N ALA B 136 -20.41 -39.95 17.61
CA ALA B 136 -20.91 -38.58 17.74
C ALA B 136 -20.02 -37.67 18.58
N PRO B 137 -18.70 -37.64 18.39
CA PRO B 137 -17.91 -36.62 19.06
C PRO B 137 -18.27 -35.24 18.54
N ARG B 138 -18.35 -34.27 19.45
CA ARG B 138 -18.71 -32.90 19.08
C ARG B 138 -17.43 -32.10 18.82
N VAL B 139 -17.18 -31.79 17.56
CA VAL B 139 -15.90 -31.27 17.12
C VAL B 139 -16.15 -29.92 16.48
N ILE B 140 -15.31 -28.96 16.84
CA ILE B 140 -15.31 -27.66 16.19
C ILE B 140 -13.89 -27.38 15.76
N ARG B 141 -13.73 -26.92 14.53
CA ARG B 141 -12.43 -26.53 14.02
C ARG B 141 -12.33 -25.02 14.03
N CYS B 142 -11.18 -24.52 14.47
CA CYS B 142 -10.99 -23.10 14.73
C CYS B 142 -9.67 -22.66 14.10
N MET B 143 -9.65 -21.47 13.47
CA MET B 143 -8.37 -20.80 13.15
C MET B 143 -8.39 -19.46 13.86
N THR B 144 -7.47 -19.28 14.78
CA THR B 144 -7.43 -18.01 15.48
C THR B 144 -6.00 -17.48 15.37
N ASN B 145 -5.63 -16.47 16.15
CA ASN B 145 -4.28 -15.91 16.03
C ASN B 145 -3.86 -15.33 17.38
N THR B 146 -2.59 -14.94 17.46
CA THR B 146 -2.05 -14.58 18.77
C THR B 146 -2.65 -13.29 19.35
N PRO B 147 -3.13 -12.33 18.56
CA PRO B 147 -3.70 -11.10 19.16
C PRO B 147 -4.94 -11.32 20.07
N VAL B 148 -5.49 -12.54 20.16
CA VAL B 148 -6.47 -12.82 21.22
C VAL B 148 -5.87 -12.50 22.58
N VAL B 149 -4.54 -12.48 22.70
CA VAL B 149 -3.89 -12.13 23.95
C VAL B 149 -4.21 -10.69 24.36
N VAL B 150 -4.49 -9.81 23.40
CA VAL B 150 -4.93 -8.46 23.69
C VAL B 150 -6.39 -8.25 23.31
N ARG B 151 -7.12 -9.37 23.17
CA ARG B 151 -8.56 -9.34 22.87
C ARG B 151 -8.83 -8.65 21.54
N GLU B 152 -7.93 -8.83 20.59
CA GLU B 152 -8.15 -8.32 19.24
C GLU B 152 -7.82 -9.40 18.24
N GLY B 153 -8.15 -10.64 18.57
CA GLY B 153 -7.89 -11.71 17.65
C GLY B 153 -8.85 -11.68 16.49
N ALA B 154 -8.55 -12.53 15.50
CA ALA B 154 -9.41 -12.78 14.38
C ALA B 154 -9.63 -14.28 14.34
N THR B 155 -10.86 -14.72 14.54
CA THR B 155 -11.14 -16.13 14.73
C THR B 155 -12.26 -16.55 13.78
N VAL B 156 -12.05 -17.64 13.06
CA VAL B 156 -13.15 -18.27 12.35
C VAL B 156 -13.28 -19.69 12.91
N TYR B 157 -14.47 -20.26 12.76
CA TYR B 157 -14.65 -21.62 13.21
C TYR B 157 -15.62 -22.32 12.28
N ALA B 158 -15.54 -23.63 12.28
CA ALA B 158 -16.46 -24.44 11.51
C ALA B 158 -16.93 -25.58 12.40
N THR B 159 -18.24 -25.85 12.37
CA THR B 159 -18.84 -26.85 13.24
C THR B 159 -18.84 -28.22 12.58
N GLY B 160 -18.57 -29.25 13.37
CA GLY B 160 -18.48 -30.60 12.86
C GLY B 160 -19.83 -31.26 12.70
N THR B 161 -19.78 -32.53 12.27
CA THR B 161 -20.98 -33.33 12.02
C THR B 161 -21.91 -33.37 13.22
N HIS B 162 -21.35 -33.60 14.40
CA HIS B 162 -22.15 -33.90 15.57
C HIS B 162 -22.21 -32.75 16.55
N ALA B 163 -21.56 -31.64 16.22
CA ALA B 163 -21.67 -30.44 17.04
C ALA B 163 -23.11 -29.94 17.00
N GLN B 164 -23.66 -29.66 18.17
CA GLN B 164 -25.02 -29.14 18.25
C GLN B 164 -25.05 -27.64 17.91
N VAL B 165 -26.26 -27.14 17.66
CA VAL B 165 -26.42 -25.74 17.29
C VAL B 165 -25.96 -24.83 18.42
N GLU B 166 -26.25 -25.20 19.65
CA GLU B 166 -25.78 -24.46 20.81
C GLU B 166 -24.26 -24.53 20.98
N ASP B 167 -23.60 -25.56 20.42
CA ASP B 167 -22.14 -25.67 20.55
C ASP B 167 -21.43 -24.54 19.81
N GLY B 168 -21.78 -24.33 18.53
CA GLY B 168 -21.11 -23.28 17.76
C GLY B 168 -21.41 -21.91 18.32
N ARG B 169 -22.66 -21.68 18.73
CA ARG B 169 -23.02 -20.41 19.35
C ARG B 169 -22.23 -20.18 20.64
N LEU B 170 -22.04 -21.24 21.43
CA LEU B 170 -21.24 -21.12 22.64
C LEU B 170 -19.80 -20.78 22.32
N MET B 171 -19.22 -21.48 21.33
CA MET B 171 -17.86 -21.16 20.90
C MET B 171 -17.76 -19.76 20.31
N GLU B 172 -18.79 -19.30 19.60
CA GLU B 172 -18.74 -17.94 19.09
C GLU B 172 -18.76 -16.92 20.21
N GLN B 173 -19.63 -17.11 21.21
CA GLN B 173 -19.65 -16.20 22.35
C GLN B 173 -18.29 -16.15 23.03
N LEU B 174 -17.70 -17.31 23.27
CA LEU B 174 -16.41 -17.36 23.96
C LEU B 174 -15.31 -16.72 23.13
N LEU B 175 -15.19 -17.10 21.85
CA LEU B 175 -14.11 -16.53 21.05
C LEU B 175 -14.37 -15.08 20.69
N SER B 176 -15.63 -14.65 20.66
CA SER B 176 -15.90 -13.23 20.47
C SER B 176 -15.41 -12.39 21.64
N SER B 177 -15.23 -12.98 22.83
CA SER B 177 -14.74 -12.17 23.93
C SER B 177 -13.27 -11.79 23.77
N VAL B 178 -12.56 -12.34 22.78
CA VAL B 178 -11.14 -12.06 22.60
C VAL B 178 -10.83 -11.58 21.17
N GLY B 179 -11.84 -11.16 20.44
CA GLY B 179 -11.61 -10.50 19.17
C GLY B 179 -12.75 -10.76 18.22
N PHE B 180 -12.48 -10.58 16.92
CA PHE B 180 -13.50 -10.88 15.93
C PHE B 180 -13.70 -12.40 15.85
N CYS B 181 -14.94 -12.84 15.75
CA CYS B 181 -15.19 -14.26 15.55
C CYS B 181 -16.41 -14.46 14.65
N THR B 182 -16.30 -15.39 13.69
CA THR B 182 -17.47 -15.71 12.89
C THR B 182 -17.40 -17.16 12.40
N GLU B 183 -18.56 -17.72 12.08
CA GLU B 183 -18.60 -19.05 11.51
C GLU B 183 -18.26 -18.98 10.02
N VAL B 184 -17.53 -20.00 9.55
CA VAL B 184 -17.27 -20.19 8.12
C VAL B 184 -17.47 -21.65 7.76
N GLU B 185 -17.64 -21.91 6.47
CA GLU B 185 -17.51 -23.27 5.95
C GLU B 185 -16.07 -23.73 6.13
N GLU B 186 -15.90 -25.02 6.45
CA GLU B 186 -14.55 -25.53 6.76
C GLU B 186 -13.57 -25.32 5.61
N ASP B 187 -14.05 -25.36 4.36
CA ASP B 187 -13.11 -25.25 3.25
C ASP B 187 -12.57 -23.82 3.06
N LEU B 188 -12.94 -22.87 3.91
CA LEU B 188 -12.32 -21.53 3.92
C LEU B 188 -11.17 -21.40 4.91
N ILE B 189 -11.00 -22.37 5.82
CA ILE B 189 -10.12 -22.15 6.97
C ILE B 189 -8.65 -22.14 6.54
N ASP B 190 -8.28 -22.95 5.56
CA ASP B 190 -6.90 -22.89 5.06
C ASP B 190 -6.56 -21.50 4.51
N ALA B 191 -7.49 -20.89 3.76
CA ALA B 191 -7.28 -19.53 3.29
C ALA B 191 -7.24 -18.52 4.43
N VAL B 192 -8.12 -18.66 5.42
CA VAL B 192 -8.08 -17.76 6.58
C VAL B 192 -6.73 -17.90 7.31
N THR B 193 -6.23 -19.12 7.42
CA THR B 193 -4.90 -19.35 7.98
C THR B 193 -3.86 -18.50 7.26
N GLY B 194 -3.93 -18.46 5.93
CA GLY B 194 -2.97 -17.67 5.17
C GLY B 194 -3.09 -16.19 5.39
N LEU B 195 -4.29 -15.71 5.73
CA LEU B 195 -4.55 -14.27 5.85
C LEU B 195 -4.43 -13.84 7.30
N SER B 196 -5.41 -14.20 8.14
CA SER B 196 -5.39 -13.73 9.53
C SER B 196 -4.61 -14.65 10.46
N GLY B 197 -4.51 -15.95 10.18
CA GLY B 197 -3.67 -16.80 11.01
C GLY B 197 -2.20 -16.38 10.98
N SER B 198 -1.63 -16.30 9.78
CA SER B 198 -0.26 -15.87 9.59
C SER B 198 -0.11 -14.35 9.60
N GLY B 199 -1.21 -13.62 9.39
CA GLY B 199 -1.16 -12.18 9.23
C GLY B 199 -0.38 -11.41 10.28
N PRO B 200 -0.50 -11.73 11.57
CA PRO B 200 0.27 -10.95 12.55
C PRO B 200 1.77 -10.99 12.31
N ALA B 201 2.31 -12.11 11.83
CA ALA B 201 3.74 -12.18 11.52
C ALA B 201 4.09 -11.29 10.32
N TYR B 202 3.21 -11.20 9.32
CA TYR B 202 3.44 -10.23 8.25
C TYR B 202 3.53 -8.83 8.82
N ALA B 203 2.62 -8.51 9.76
CA ALA B 203 2.60 -7.18 10.38
C ALA B 203 3.84 -6.95 11.24
N PHE B 204 4.26 -7.94 12.04
CA PHE B 204 5.49 -7.76 12.83
C PHE B 204 6.70 -7.52 11.93
N THR B 205 6.82 -8.28 10.84
CA THR B 205 7.87 -8.05 9.87
C THR B 205 7.78 -6.65 9.30
N ALA B 206 6.57 -6.23 8.88
CA ALA B 206 6.38 -4.88 8.36
C ALA B 206 6.78 -3.81 9.38
N LEU B 207 6.39 -3.98 10.65
CA LEU B 207 6.67 -2.98 11.68
C LEU B 207 8.18 -2.90 11.97
N ASP B 208 8.86 -4.03 12.02
CA ASP B 208 10.32 -4.02 12.13
C ASP B 208 10.96 -3.24 10.99
N ALA B 209 10.50 -3.47 9.76
CA ALA B 209 11.07 -2.81 8.60
C ALA B 209 10.73 -1.32 8.59
N LEU B 210 9.49 -0.98 8.92
CA LEU B 210 9.13 0.43 8.99
C LEU B 210 9.94 1.15 10.06
N ALA B 211 10.17 0.48 11.20
CA ALA B 211 11.02 1.09 12.21
C ALA B 211 12.45 1.28 11.68
N ASP B 212 12.97 0.28 10.96
CA ASP B 212 14.27 0.44 10.32
C ASP B 212 14.29 1.66 9.40
N GLY B 213 13.21 1.86 8.65
CA GLY B 213 13.12 3.04 7.80
C GLY B 213 13.12 4.32 8.61
N GLY B 214 12.36 4.34 9.72
CA GLY B 214 12.36 5.51 10.56
C GLY B 214 13.74 5.79 11.15
N VAL B 215 14.44 4.73 11.59
CA VAL B 215 15.79 4.90 12.12
C VAL B 215 16.72 5.44 11.05
N LYS B 216 16.60 4.93 9.81
CA LYS B 216 17.48 5.41 8.74
C LYS B 216 17.31 6.91 8.53
N MET B 217 16.09 7.40 8.64
CA MET B 217 15.84 8.81 8.43
C MET B 217 16.06 9.65 9.69
N GLY B 218 16.55 9.04 10.78
CA GLY B 218 16.99 9.78 11.95
C GLY B 218 16.15 9.64 13.22
N LEU B 219 15.14 8.80 13.24
CA LEU B 219 14.34 8.65 14.45
C LEU B 219 15.00 7.68 15.43
N PRO B 220 14.84 7.89 16.72
CA PRO B 220 15.22 6.85 17.68
C PRO B 220 14.36 5.61 17.49
N ARG B 221 14.99 4.45 17.73
CA ARG B 221 14.33 3.18 17.42
CA ARG B 221 14.34 3.17 17.44
C ARG B 221 13.02 3.03 18.20
N ARG B 222 13.02 3.40 19.48
CA ARG B 222 11.82 3.24 20.29
C ARG B 222 10.66 4.07 19.72
N LEU B 223 10.94 5.31 19.35
CA LEU B 223 9.89 6.16 18.78
C LEU B 223 9.44 5.64 17.42
N ALA B 224 10.37 5.17 16.59
CA ALA B 224 10.00 4.64 15.29
C ALA B 224 9.09 3.42 15.44
N VAL B 225 9.39 2.54 16.41
CA VAL B 225 8.55 1.36 16.64
C VAL B 225 7.15 1.79 17.08
N ARG B 226 7.10 2.71 18.05
CA ARG B 226 5.82 3.21 18.58
C ARG B 226 4.99 3.86 17.47
N LEU B 227 5.60 4.74 16.69
CA LEU B 227 4.87 5.46 15.64
C LEU B 227 4.42 4.52 14.54
N GLY B 228 5.28 3.60 14.11
CA GLY B 228 4.88 2.69 13.06
C GLY B 228 3.74 1.79 13.49
N ALA B 229 3.81 1.28 14.73
CA ALA B 229 2.72 0.44 15.25
C ALA B 229 1.44 1.24 15.42
N GLN B 230 1.55 2.48 15.92
CA GLN B 230 0.36 3.32 16.03
C GLN B 230 -0.28 3.57 14.67
N ALA B 231 0.56 3.79 13.66
CA ALA B 231 0.07 4.08 12.32
C ALA B 231 -0.70 2.90 11.77
N LEU B 232 -0.16 1.70 11.94
CA LEU B 232 -0.85 0.50 11.45
C LEU B 232 -2.13 0.26 12.23
N LEU B 233 -2.07 0.40 13.56
CA LEU B 233 -3.25 0.23 14.38
C LEU B 233 -4.36 1.19 13.95
N GLY B 234 -4.03 2.48 13.84
CA GLY B 234 -5.05 3.45 13.48
C GLY B 234 -5.60 3.22 12.08
N ALA B 235 -4.75 2.82 11.14
CA ALA B 235 -5.22 2.59 9.78
C ALA B 235 -6.18 1.41 9.75
N ALA B 236 -5.80 0.31 10.40
CA ALA B 236 -6.64 -0.87 10.46
C ALA B 236 -7.97 -0.54 11.11
N LYS B 237 -7.94 0.19 12.24
CA LYS B 237 -9.18 0.63 12.88
C LYS B 237 -10.01 1.51 11.95
N MET B 238 -9.38 2.44 11.24
CA MET B 238 -10.14 3.25 10.29
C MET B 238 -10.92 2.39 9.33
N LEU B 239 -10.24 1.38 8.76
CA LEU B 239 -10.87 0.53 7.75
C LEU B 239 -11.98 -0.30 8.36
N LEU B 240 -11.76 -0.84 9.57
CA LEU B 240 -12.82 -1.63 10.20
C LEU B 240 -14.04 -0.79 10.48
N HIS B 241 -13.86 0.49 10.79
CA HIS B 241 -14.98 1.35 11.13
C HIS B 241 -15.53 2.11 9.93
N SER B 242 -14.93 1.97 8.76
CA SER B 242 -15.37 2.68 7.57
C SER B 242 -16.08 1.73 6.63
N GLU B 243 -17.08 2.27 5.92
CA GLU B 243 -17.70 1.53 4.83
C GLU B 243 -16.97 1.74 3.51
N GLN B 244 -15.84 2.44 3.52
CA GLN B 244 -15.14 2.83 2.31
C GLN B 244 -14.09 1.79 1.92
N HIS B 245 -13.79 1.75 0.63
CA HIS B 245 -12.77 0.85 0.12
C HIS B 245 -11.39 1.29 0.61
N PRO B 246 -10.48 0.35 0.91
CA PRO B 246 -9.14 0.77 1.35
C PRO B 246 -8.41 1.63 0.33
N GLY B 247 -8.67 1.45 -0.97
CA GLY B 247 -8.15 2.38 -1.96
C GLY B 247 -8.66 3.81 -1.76
N GLN B 248 -9.95 3.95 -1.42
CA GLN B 248 -10.47 5.30 -1.17
C GLN B 248 -9.79 5.94 0.03
N LEU B 249 -9.63 5.18 1.13
CA LEU B 249 -8.92 5.72 2.28
C LEU B 249 -7.47 6.03 1.94
N LYS B 250 -6.81 5.17 1.15
CA LYS B 250 -5.46 5.50 0.68
C LYS B 250 -5.44 6.84 -0.05
N ASP B 251 -6.46 7.08 -0.88
CA ASP B 251 -6.51 8.33 -1.63
C ASP B 251 -6.60 9.55 -0.72
N ASN B 252 -7.29 9.43 0.42
CA ASN B 252 -7.47 10.57 1.33
C ASN B 252 -6.18 10.96 2.03
N VAL B 253 -5.24 10.04 2.17
CA VAL B 253 -3.96 10.36 2.81
C VAL B 253 -3.08 11.18 1.87
N SER B 254 -3.11 10.88 0.57
CA SER B 254 -2.05 11.37 -0.32
C SER B 254 -2.47 12.71 -0.94
N SER B 255 -1.82 13.78 -0.50
CA SER B 255 -1.93 15.07 -1.17
C SER B 255 -1.26 15.03 -2.54
N PRO B 256 -1.79 15.73 -3.53
CA PRO B 256 -1.17 15.72 -4.86
C PRO B 256 0.27 16.18 -4.81
N GLY B 257 1.15 15.45 -5.48
CA GLY B 257 2.56 15.77 -5.47
C GLY B 257 3.28 15.50 -4.15
N GLY B 258 2.58 15.00 -3.14
CA GLY B 258 3.12 14.97 -1.80
C GLY B 258 4.01 13.78 -1.46
N ALA B 259 4.35 13.73 -0.16
CA ALA B 259 5.28 12.73 0.34
C ALA B 259 4.69 11.32 0.25
N THR B 260 3.42 11.20 0.56
CA THR B 260 2.81 9.89 0.64
C THR B 260 2.74 9.23 -0.74
N ILE B 261 2.27 9.97 -1.75
CA ILE B 261 2.16 9.38 -3.07
C ILE B 261 3.53 9.03 -3.63
N HIS B 262 4.58 9.81 -3.27
CA HIS B 262 5.92 9.43 -3.67
C HIS B 262 6.32 8.09 -3.03
N ALA B 263 5.98 7.91 -1.76
CA ALA B 263 6.32 6.66 -1.11
C ALA B 263 5.49 5.52 -1.67
N LEU B 264 4.21 5.79 -1.97
CA LEU B 264 3.40 4.72 -2.57
C LEU B 264 3.99 4.28 -3.89
N HIS B 265 4.54 5.22 -4.69
CA HIS B 265 5.16 4.84 -5.94
C HIS B 265 6.27 3.82 -5.71
N VAL B 266 7.13 4.05 -4.72
CA VAL B 266 8.25 3.13 -4.56
C VAL B 266 7.78 1.78 -4.02
N LEU B 267 6.70 1.73 -3.25
CA LEU B 267 6.11 0.43 -2.91
C LEU B 267 5.65 -0.30 -4.15
N GLU B 268 4.92 0.40 -5.03
CA GLU B 268 4.43 -0.20 -6.26
C GLU B 268 5.57 -0.68 -7.12
N SER B 269 6.67 0.09 -7.20
CA SER B 269 7.75 -0.28 -8.10
C SER B 269 8.41 -1.59 -7.68
N GLY B 270 8.40 -1.89 -6.38
CA GLY B 270 8.85 -3.18 -5.88
C GLY B 270 7.79 -4.28 -5.84
N GLY B 271 6.58 -4.04 -6.34
CA GLY B 271 5.57 -5.09 -6.32
C GLY B 271 5.08 -5.44 -4.93
N PHE B 272 5.04 -4.45 -4.04
CA PHE B 272 4.61 -4.62 -2.66
C PHE B 272 3.31 -5.42 -2.53
N ARG B 273 2.28 -5.03 -3.30
CA ARG B 273 1.01 -5.73 -3.24
C ARG B 273 1.18 -7.21 -3.55
N SER B 274 1.99 -7.53 -4.58
CA SER B 274 2.14 -8.93 -5.00
C SER B 274 2.86 -9.77 -3.97
N LEU B 275 3.73 -9.16 -3.18
CA LEU B 275 4.39 -9.91 -2.11
C LEU B 275 3.39 -10.35 -1.05
N LEU B 276 2.46 -9.46 -0.68
CA LEU B 276 1.43 -9.84 0.29
C LEU B 276 0.47 -10.89 -0.29
N ILE B 277 0.06 -10.75 -1.54
CA ILE B 277 -0.68 -11.83 -2.19
C ILE B 277 0.13 -13.12 -2.14
N ASN B 278 1.42 -13.04 -2.53
CA ASN B 278 2.30 -14.20 -2.48
C ASN B 278 2.29 -14.87 -1.11
N ALA B 279 2.35 -14.06 -0.04
CA ALA B 279 2.41 -14.60 1.32
C ALA B 279 1.13 -15.35 1.68
N VAL B 280 -0.03 -14.72 1.50
CA VAL B 280 -1.29 -15.39 1.83
C VAL B 280 -1.40 -16.70 1.07
N GLU B 281 -0.99 -16.71 -0.20
CA GLU B 281 -1.05 -17.92 -1.00
C GLU B 281 -0.10 -18.99 -0.45
N ALA B 282 1.13 -18.58 -0.12
CA ALA B 282 2.12 -19.54 0.37
C ALA B 282 1.68 -20.16 1.70
N SER B 283 1.17 -19.35 2.62
CA SER B 283 0.69 -19.89 3.89
C SER B 283 -0.48 -20.85 3.69
N CYS B 284 -1.45 -20.46 2.83
CA CYS B 284 -2.60 -21.31 2.60
C CYS B 284 -2.18 -22.62 1.94
N ILE B 285 -1.26 -22.55 0.98
CA ILE B 285 -0.85 -23.75 0.27
C ILE B 285 -0.09 -24.69 1.19
N ARG B 286 0.81 -24.15 2.01
CA ARG B 286 1.50 -24.95 3.02
C ARG B 286 0.49 -25.58 4.00
N THR B 287 -0.52 -24.82 4.41
CA THR B 287 -1.57 -25.38 5.26
C THR B 287 -2.25 -26.58 4.61
N ARG B 288 -2.56 -26.50 3.32
CA ARG B 288 -3.15 -27.65 2.60
C ARG B 288 -2.18 -28.83 2.54
N GLU B 289 -0.90 -28.55 2.31
CA GLU B 289 0.12 -29.59 2.33
C GLU B 289 0.18 -30.28 3.68
N LEU B 290 0.19 -29.49 4.76
CA LEU B 290 0.28 -30.08 6.10
C LEU B 290 -0.82 -31.11 6.30
N GLN B 291 -2.02 -30.83 5.80
CA GLN B 291 -3.05 -31.83 5.84
C GLN B 291 -2.82 -32.96 4.85
N SER B 292 -2.79 -32.66 3.55
CA SER B 292 -2.74 -33.67 2.50
C SER B 292 -1.69 -34.74 2.77
N MET B 293 -0.56 -34.35 3.37
CA MET B 293 0.48 -35.32 3.70
C MET B 293 0.26 -35.98 5.05
N ALA B 294 -0.61 -35.42 5.90
CA ALA B 294 -1.07 -36.14 7.08
C ALA B 294 -1.84 -37.39 6.66
N ASP B 295 -3.03 -37.20 6.09
CA ASP B 295 -3.88 -38.32 5.66
C ASP B 295 -3.38 -38.96 4.36
N SER C 22 -22.85 31.86 -35.45
CA SER C 22 -21.98 32.24 -36.56
C SER C 22 -20.56 32.43 -36.09
N MET C 23 -19.89 31.34 -35.76
CA MET C 23 -18.54 31.38 -35.22
C MET C 23 -17.55 30.85 -36.26
N SER C 24 -16.48 31.60 -36.46
CA SER C 24 -15.42 31.22 -37.39
C SER C 24 -14.25 30.65 -36.60
N VAL C 25 -13.82 29.44 -36.97
CA VAL C 25 -12.77 28.74 -36.26
C VAL C 25 -11.63 28.48 -37.23
N GLY C 26 -10.41 28.73 -36.78
CA GLY C 26 -9.24 28.52 -37.61
C GLY C 26 -8.26 27.56 -36.98
N PHE C 27 -7.44 26.88 -37.79
CA PHE C 27 -6.40 26.00 -37.30
C PHE C 27 -5.07 26.40 -37.93
N ILE C 28 -4.10 26.78 -37.10
CA ILE C 28 -2.71 26.91 -37.53
C ILE C 28 -2.07 25.54 -37.36
N GLY C 29 -1.69 24.92 -38.47
CA GLY C 29 -1.31 23.53 -38.44
C GLY C 29 -2.49 22.67 -38.83
N ALA C 30 -2.27 21.70 -39.71
CA ALA C 30 -3.34 20.87 -40.24
C ALA C 30 -2.97 19.41 -40.12
N GLY C 31 -2.40 19.04 -38.97
CA GLY C 31 -1.95 17.69 -38.68
C GLY C 31 -2.98 16.88 -37.94
N GLN C 32 -2.49 15.91 -37.15
CA GLN C 32 -3.37 14.94 -36.50
C GLN C 32 -4.41 15.61 -35.60
N LEU C 33 -3.99 16.62 -34.83
CA LEU C 33 -4.88 17.21 -33.83
C LEU C 33 -5.95 18.08 -34.49
N ALA C 34 -5.55 18.90 -35.47
CA ALA C 34 -6.51 19.73 -36.18
C ALA C 34 -7.60 18.87 -36.85
N PHE C 35 -7.19 17.82 -37.54
CA PHE C 35 -8.18 16.96 -38.15
C PHE C 35 -9.09 16.37 -37.08
N ALA C 36 -8.51 15.84 -36.01
CA ALA C 36 -9.30 15.27 -34.92
C ALA C 36 -10.34 16.27 -34.42
N LEU C 37 -9.91 17.52 -34.14
CA LEU C 37 -10.84 18.52 -33.63
C LEU C 37 -11.88 18.91 -34.67
N ALA C 38 -11.47 19.14 -35.93
CA ALA C 38 -12.44 19.53 -36.95
C ALA C 38 -13.45 18.41 -37.19
N LYS C 39 -12.97 17.17 -37.28
CA LYS C 39 -13.86 16.03 -37.43
C LYS C 39 -14.84 15.95 -36.26
N GLY C 40 -14.34 16.05 -35.04
CA GLY C 40 -15.23 16.05 -33.89
C GLY C 40 -16.24 17.20 -33.90
N PHE C 41 -15.76 18.42 -34.12
CA PHE C 41 -16.64 19.59 -34.09
C PHE C 41 -17.78 19.44 -35.08
N THR C 42 -17.47 19.04 -36.31
CA THR C 42 -18.51 18.93 -37.32
C THR C 42 -19.41 17.73 -37.05
N ALA C 43 -18.83 16.60 -36.62
CA ALA C 43 -19.66 15.47 -36.21
C ALA C 43 -20.55 15.85 -35.04
N ALA C 44 -20.11 16.80 -34.21
CA ALA C 44 -20.92 17.24 -33.07
C ALA C 44 -22.05 18.17 -33.47
N GLY C 45 -22.00 18.75 -34.67
CA GLY C 45 -22.99 19.73 -35.05
C GLY C 45 -22.77 21.11 -34.47
N VAL C 46 -21.60 21.39 -33.89
CA VAL C 46 -21.33 22.72 -33.35
C VAL C 46 -20.67 23.65 -34.36
N LEU C 47 -20.07 23.12 -35.41
CA LEU C 47 -19.42 23.92 -36.43
C LEU C 47 -19.66 23.32 -37.80
N ALA C 48 -19.88 24.17 -38.79
CA ALA C 48 -19.95 23.73 -40.18
C ALA C 48 -18.53 23.67 -40.74
N ALA C 49 -18.26 22.64 -41.52
CA ALA C 49 -16.91 22.46 -42.04
C ALA C 49 -16.47 23.65 -42.90
N HIS C 50 -17.41 24.27 -43.62
CA HIS C 50 -17.06 25.40 -44.46
C HIS C 50 -16.78 26.66 -43.66
N LYS C 51 -17.11 26.71 -42.37
CA LYS C 51 -16.74 27.81 -41.51
C LYS C 51 -15.39 27.59 -40.83
N ILE C 52 -14.71 26.50 -41.15
CA ILE C 52 -13.43 26.15 -40.55
C ILE C 52 -12.35 26.32 -41.60
N MET C 53 -11.26 26.98 -41.23
CA MET C 53 -10.10 27.14 -42.09
C MET C 53 -8.88 26.59 -41.38
N ALA C 54 -8.06 25.85 -42.13
CA ALA C 54 -6.82 25.27 -41.61
C ALA C 54 -5.68 25.60 -42.56
N SER C 55 -4.55 26.02 -42.00
CA SER C 55 -3.37 26.39 -42.77
C SER C 55 -2.24 25.42 -42.49
N SER C 56 -1.46 25.12 -43.53
CA SER C 56 -0.37 24.16 -43.42
C SER C 56 0.79 24.55 -44.32
N PRO C 57 2.04 24.42 -43.85
CA PRO C 57 3.19 24.64 -44.73
C PRO C 57 3.44 23.53 -45.73
N ASP C 58 2.61 22.48 -45.74
CA ASP C 58 2.74 21.38 -46.70
C ASP C 58 1.33 20.87 -46.99
N MET C 59 0.69 21.46 -48.00
CA MET C 59 -0.65 21.01 -48.40
C MET C 59 -0.66 19.58 -48.97
N ASP C 60 0.40 18.80 -48.81
CA ASP C 60 0.47 17.44 -49.33
C ASP C 60 0.48 16.39 -48.23
N LEU C 61 0.10 16.76 -47.01
CA LEU C 61 -0.04 15.79 -45.93
C LEU C 61 -1.38 15.07 -46.04
N ALA C 62 -1.42 13.83 -45.54
CA ALA C 62 -2.67 13.07 -45.56
C ALA C 62 -3.74 13.78 -44.74
N THR C 63 -3.35 14.37 -43.62
CA THR C 63 -4.28 15.14 -42.81
C THR C 63 -4.87 16.31 -43.58
N VAL C 64 -4.14 16.83 -44.58
CA VAL C 64 -4.65 17.91 -45.41
C VAL C 64 -5.73 17.38 -46.35
N SER C 65 -5.51 16.22 -46.97
CA SER C 65 -6.50 15.65 -47.86
C SER C 65 -7.81 15.36 -47.13
N ALA C 66 -7.71 14.85 -45.89
CA ALA C 66 -8.90 14.47 -45.16
C ALA C 66 -9.70 15.67 -44.69
N LEU C 67 -9.00 16.76 -44.32
CA LEU C 67 -9.69 18.02 -44.04
C LEU C 67 -10.34 18.59 -45.29
N ARG C 68 -9.65 18.50 -46.42
CA ARG C 68 -10.25 18.91 -47.69
C ARG C 68 -11.52 18.12 -47.97
N LYS C 69 -11.42 16.78 -47.92
CA LYS C 69 -12.59 15.92 -48.15
C LYS C 69 -13.71 16.18 -47.16
N MET C 70 -13.37 16.68 -45.97
CA MET C 70 -14.33 17.02 -44.91
C MET C 70 -15.10 18.31 -45.17
N GLY C 71 -14.65 19.14 -46.12
CA GLY C 71 -15.24 20.44 -46.33
C GLY C 71 -14.51 21.59 -45.67
N VAL C 72 -13.40 21.33 -44.97
CA VAL C 72 -12.64 22.41 -44.34
C VAL C 72 -11.97 23.24 -45.43
N LYS C 73 -11.89 24.55 -45.20
CA LYS C 73 -11.14 25.45 -46.08
C LYS C 73 -9.65 25.38 -45.75
N LEU C 74 -8.83 25.23 -46.79
CA LEU C 74 -7.39 25.06 -46.60
C LEU C 74 -6.61 26.13 -47.35
N THR C 75 -5.37 26.33 -46.92
CA THR C 75 -4.52 27.42 -47.39
C THR C 75 -3.10 27.16 -46.88
N PRO C 76 -2.09 27.73 -47.54
CA PRO C 76 -0.74 27.68 -46.97
C PRO C 76 -0.34 29.03 -46.40
N HIS C 77 -1.32 29.87 -46.09
CA HIS C 77 -1.08 31.20 -45.53
C HIS C 77 -1.65 31.23 -44.12
N ASN C 78 -0.78 31.11 -43.11
CA ASN C 78 -1.23 31.29 -41.73
C ASN C 78 -1.97 32.60 -41.55
N LYS C 79 -1.57 33.63 -42.32
CA LYS C 79 -2.23 34.93 -42.22
C LYS C 79 -3.68 34.85 -42.68
N GLU C 80 -3.97 34.03 -43.69
CA GLU C 80 -5.34 33.89 -44.15
C GLU C 80 -6.23 33.26 -43.08
N THR C 81 -5.69 32.28 -42.35
CA THR C 81 -6.44 31.65 -41.27
C THR C 81 -6.80 32.65 -40.18
N VAL C 82 -5.78 33.41 -39.71
CA VAL C 82 -6.01 34.47 -38.74
C VAL C 82 -7.10 35.42 -39.22
N GLN C 83 -6.99 35.88 -40.48
CA GLN C 83 -8.00 36.78 -41.03
C GLN C 83 -9.37 36.13 -41.09
N HIS C 84 -9.41 34.82 -41.29
CA HIS C 84 -10.69 34.14 -41.48
C HIS C 84 -11.46 33.99 -40.18
N SER C 85 -10.76 33.74 -39.07
CA SER C 85 -11.42 33.16 -37.92
C SER C 85 -11.43 34.10 -36.72
N ASP C 86 -12.35 33.81 -35.80
CA ASP C 86 -12.35 34.45 -34.48
C ASP C 86 -11.60 33.60 -33.48
N VAL C 87 -11.97 32.33 -33.37
CA VAL C 87 -11.28 31.38 -32.50
C VAL C 87 -10.17 30.74 -33.31
N LEU C 88 -8.94 30.89 -32.83
CA LEU C 88 -7.75 30.47 -33.55
C LEU C 88 -7.06 29.38 -32.74
N PHE C 89 -7.11 28.15 -33.22
CA PHE C 89 -6.40 27.05 -32.60
C PHE C 89 -4.97 26.99 -33.12
N LEU C 90 -4.00 26.92 -32.20
CA LEU C 90 -2.59 26.70 -32.56
C LEU C 90 -2.33 25.22 -32.38
N ALA C 91 -2.26 24.50 -33.50
CA ALA C 91 -2.05 23.05 -33.47
C ALA C 91 -0.78 22.69 -34.22
N VAL C 92 0.31 23.36 -33.87
CA VAL C 92 1.62 23.02 -34.37
C VAL C 92 2.41 22.39 -33.22
N LYS C 93 3.58 21.85 -33.56
CA LYS C 93 4.47 21.34 -32.52
C LYS C 93 4.98 22.49 -31.67
N PRO C 94 5.30 22.24 -30.40
CA PRO C 94 5.65 23.33 -29.48
C PRO C 94 6.81 24.19 -29.92
N HIS C 95 7.86 23.61 -30.50
CA HIS C 95 8.99 24.40 -30.95
C HIS C 95 8.65 25.31 -32.13
N ILE C 96 7.47 25.16 -32.72
CA ILE C 96 7.05 26.03 -33.81
C ILE C 96 6.20 27.20 -33.32
N ILE C 97 5.54 27.07 -32.17
CA ILE C 97 4.68 28.14 -31.66
C ILE C 97 5.34 29.51 -31.70
N PRO C 98 6.58 29.69 -31.22
CA PRO C 98 7.18 31.05 -31.28
C PRO C 98 7.25 31.61 -32.69
N PHE C 99 7.63 30.80 -33.67
CA PHE C 99 7.73 31.29 -35.03
C PHE C 99 6.36 31.56 -35.63
N ILE C 100 5.33 30.86 -35.16
CA ILE C 100 3.98 31.17 -35.58
C ILE C 100 3.54 32.50 -34.98
N LEU C 101 3.85 32.72 -33.70
CA LEU C 101 3.45 33.97 -33.06
C LEU C 101 4.17 35.17 -33.68
N ASP C 102 5.44 35.00 -34.04
CA ASP C 102 6.15 36.06 -34.78
C ASP C 102 5.47 36.36 -36.10
N GLU C 103 5.03 35.32 -36.81
CA GLU C 103 4.52 35.49 -38.16
C GLU C 103 3.19 36.21 -38.19
N ILE C 104 2.33 36.00 -37.20
CA ILE C 104 0.96 36.50 -37.24
C ILE C 104 0.63 37.42 -36.08
N GLY C 105 1.54 37.60 -35.12
CA GLY C 105 1.27 38.48 -33.99
C GLY C 105 0.75 39.84 -34.39
N ALA C 106 1.22 40.37 -35.52
CA ALA C 106 0.76 41.65 -36.03
C ALA C 106 -0.63 41.58 -36.67
N ASP C 107 -1.19 40.38 -36.84
CA ASP C 107 -2.52 40.24 -37.42
C ASP C 107 -3.57 39.87 -36.39
N ILE C 108 -3.19 39.57 -35.15
CA ILE C 108 -4.16 39.30 -34.10
C ILE C 108 -4.97 40.57 -33.83
N GLU C 109 -6.28 40.42 -33.78
CA GLU C 109 -7.19 41.56 -33.59
C GLU C 109 -7.83 41.49 -32.21
N ASP C 110 -8.58 42.56 -31.90
CA ASP C 110 -9.42 42.56 -30.70
C ASP C 110 -10.24 41.28 -30.60
N ARG C 111 -10.84 40.87 -31.70
CA ARG C 111 -11.83 39.80 -31.71
C ARG C 111 -11.24 38.42 -31.47
N HIS C 112 -9.91 38.26 -31.51
CA HIS C 112 -9.32 36.92 -31.57
C HIS C 112 -9.22 36.27 -30.19
N ILE C 113 -9.55 34.99 -30.13
CA ILE C 113 -9.21 34.12 -29.03
C ILE C 113 -8.17 33.14 -29.54
N VAL C 114 -6.97 33.20 -28.97
CA VAL C 114 -5.91 32.28 -29.37
C VAL C 114 -5.93 31.11 -28.40
N VAL C 115 -6.16 29.90 -28.93
CA VAL C 115 -6.19 28.69 -28.13
C VAL C 115 -4.97 27.85 -28.51
N SER C 116 -4.00 27.79 -27.60
CA SER C 116 -2.83 26.97 -27.85
C SER C 116 -3.08 25.56 -27.36
N CYS C 117 -2.88 24.59 -28.25
CA CYS C 117 -2.98 23.18 -27.90
C CYS C 117 -1.62 22.53 -27.74
N ALA C 118 -0.54 23.28 -27.97
CA ALA C 118 0.77 22.67 -27.96
C ALA C 118 1.16 22.29 -26.54
N ALA C 119 1.76 21.10 -26.42
CA ALA C 119 2.18 20.62 -25.11
C ALA C 119 3.24 21.55 -24.51
N GLY C 120 3.09 21.86 -23.23
CA GLY C 120 4.13 22.57 -22.50
C GLY C 120 4.14 24.09 -22.65
N VAL C 121 3.80 24.60 -23.84
CA VAL C 121 3.92 26.03 -24.11
C VAL C 121 3.05 26.82 -23.13
N THR C 122 3.67 27.75 -22.41
CA THR C 122 2.99 28.45 -21.35
C THR C 122 2.16 29.61 -21.87
N ILE C 123 1.06 29.89 -21.18
CA ILE C 123 0.29 31.11 -21.43
C ILE C 123 1.21 32.32 -21.35
N SER C 124 2.06 32.37 -20.32
CA SER C 124 3.01 33.48 -20.17
C SER C 124 3.79 33.73 -21.46
N SER C 125 4.38 32.68 -22.04
CA SER C 125 5.26 32.86 -23.19
C SER C 125 4.48 33.27 -24.43
N ILE C 126 3.23 32.80 -24.57
CA ILE C 126 2.40 33.24 -25.68
C ILE C 126 2.00 34.69 -25.51
N GLU C 127 1.55 35.06 -24.31
CA GLU C 127 1.15 36.44 -24.10
C GLU C 127 2.32 37.39 -24.30
N LYS C 128 3.54 36.96 -23.94
CA LYS C 128 4.68 37.85 -24.09
C LYS C 128 4.97 38.12 -25.57
N LYS C 129 4.94 37.07 -26.40
CA LYS C 129 5.20 37.27 -27.82
C LYS C 129 4.11 38.10 -28.48
N LEU C 130 2.85 37.76 -28.24
CA LEU C 130 1.75 38.50 -28.84
C LEU C 130 1.66 39.93 -28.32
N SER C 131 2.01 40.17 -27.06
CA SER C 131 1.84 41.51 -26.49
C SER C 131 2.78 42.53 -27.12
N ALA C 132 3.85 42.08 -27.78
CA ALA C 132 4.74 42.99 -28.48
C ALA C 132 4.07 43.64 -29.70
N PHE C 133 2.94 43.10 -30.15
CA PHE C 133 2.23 43.64 -31.30
C PHE C 133 0.97 44.40 -30.91
N ARG C 134 0.18 43.88 -29.96
CA ARG C 134 -1.04 44.51 -29.51
C ARG C 134 -1.18 44.09 -28.06
N PRO C 135 -1.49 45.01 -27.15
CA PRO C 135 -1.73 44.62 -25.76
C PRO C 135 -3.01 43.80 -25.62
N ALA C 136 -3.11 43.17 -24.47
CA ALA C 136 -4.26 42.37 -24.03
C ALA C 136 -4.69 41.26 -25.00
N PRO C 137 -3.78 40.44 -25.54
CA PRO C 137 -4.25 39.32 -26.37
C PRO C 137 -5.03 38.33 -25.51
N ARG C 138 -6.10 37.78 -26.09
CA ARG C 138 -6.96 36.82 -25.39
C ARG C 138 -6.45 35.42 -25.69
N VAL C 139 -5.88 34.76 -24.69
CA VAL C 139 -5.18 33.50 -24.88
C VAL C 139 -5.78 32.44 -23.97
N ILE C 140 -6.05 31.27 -24.52
CA ILE C 140 -6.45 30.09 -23.78
C ILE C 140 -5.43 29.00 -24.05
N ARG C 141 -5.01 28.30 -23.01
CA ARG C 141 -4.18 27.13 -23.18
C ARG C 141 -5.02 25.89 -22.91
N CYS C 142 -4.90 24.89 -23.77
CA CYS C 142 -5.66 23.68 -23.54
C CYS C 142 -4.78 22.48 -23.81
N MET C 143 -5.15 21.37 -23.18
CA MET C 143 -4.56 20.06 -23.41
C MET C 143 -5.72 19.13 -23.71
N THR C 144 -5.70 18.55 -24.90
CA THR C 144 -6.76 17.65 -25.34
C THR C 144 -6.09 16.37 -25.83
N ASN C 145 -6.81 15.51 -26.53
CA ASN C 145 -6.21 14.28 -27.03
C ASN C 145 -6.98 13.83 -28.25
N THR C 146 -6.42 12.82 -28.94
CA THR C 146 -6.95 12.45 -30.24
C THR C 146 -8.38 11.90 -30.20
N PRO C 147 -8.88 11.26 -29.11
CA PRO C 147 -10.28 10.76 -29.19
C PRO C 147 -11.36 11.82 -29.35
N VAL C 148 -11.01 13.11 -29.42
CA VAL C 148 -11.99 14.12 -29.81
C VAL C 148 -12.54 13.74 -31.17
N VAL C 149 -11.76 12.98 -31.95
CA VAL C 149 -12.19 12.57 -33.28
C VAL C 149 -13.45 11.72 -33.22
N VAL C 150 -13.65 10.97 -32.13
CA VAL C 150 -14.90 10.24 -31.94
C VAL C 150 -15.71 10.86 -30.81
N ARG C 151 -15.44 12.13 -30.53
CA ARG C 151 -16.18 12.92 -29.55
C ARG C 151 -16.10 12.34 -28.15
N GLU C 152 -14.98 11.69 -27.82
CA GLU C 152 -14.77 11.20 -26.47
C GLU C 152 -13.41 11.64 -25.96
N GLY C 153 -13.02 12.87 -26.31
CA GLY C 153 -11.78 13.41 -25.83
C GLY C 153 -11.85 13.76 -24.35
N ALA C 154 -10.68 14.09 -23.82
CA ALA C 154 -10.51 14.60 -22.47
C ALA C 154 -9.76 15.91 -22.64
N THR C 155 -10.40 17.01 -22.26
CA THR C 155 -9.81 18.32 -22.50
C THR C 155 -9.79 19.10 -21.21
N VAL C 156 -8.65 19.71 -20.90
CA VAL C 156 -8.63 20.74 -19.89
C VAL C 156 -8.16 22.03 -20.55
N TYR C 157 -8.50 23.14 -19.92
CA TYR C 157 -8.04 24.41 -20.43
C TYR C 157 -7.79 25.35 -19.26
N ALA C 158 -6.86 26.28 -19.48
CA ALA C 158 -6.59 27.38 -18.55
C ALA C 158 -6.76 28.69 -19.29
N THR C 159 -7.39 29.67 -18.63
CA THR C 159 -7.62 30.98 -19.24
C THR C 159 -6.48 31.93 -18.96
N GLY C 160 -6.15 32.76 -19.96
CA GLY C 160 -5.03 33.68 -19.84
C GLY C 160 -5.38 34.94 -19.08
N THR C 161 -4.38 35.82 -18.96
CA THR C 161 -4.54 37.08 -18.25
C THR C 161 -5.69 37.91 -18.80
N HIS C 162 -5.82 37.97 -20.12
CA HIS C 162 -6.75 38.90 -20.76
C HIS C 162 -7.96 38.19 -21.33
N ALA C 163 -8.10 36.89 -21.10
CA ALA C 163 -9.31 36.19 -21.50
C ALA C 163 -10.49 36.70 -20.69
N GLN C 164 -11.54 37.14 -21.39
CA GLN C 164 -12.78 37.49 -20.73
C GLN C 164 -13.45 36.24 -20.17
N VAL C 165 -14.46 36.45 -19.32
CA VAL C 165 -15.16 35.32 -18.70
C VAL C 165 -15.92 34.54 -19.75
N GLU C 166 -16.53 35.23 -20.70
CA GLU C 166 -17.23 34.55 -21.79
C GLU C 166 -16.27 33.76 -22.66
N ASP C 167 -14.99 34.11 -22.68
CA ASP C 167 -14.02 33.33 -23.46
C ASP C 167 -13.92 31.90 -22.93
N GLY C 168 -13.75 31.77 -21.61
CA GLY C 168 -13.60 30.45 -21.02
C GLY C 168 -14.87 29.61 -21.15
N ARG C 169 -16.02 30.21 -20.85
CA ARG C 169 -17.29 29.50 -20.97
C ARG C 169 -17.55 29.06 -22.41
N LEU C 170 -17.23 29.93 -23.38
CA LEU C 170 -17.35 29.58 -24.79
C LEU C 170 -16.42 28.43 -25.14
N MET C 171 -15.18 28.51 -24.66
CA MET C 171 -14.20 27.44 -24.82
C MET C 171 -14.73 26.13 -24.27
N GLU C 172 -15.24 26.14 -23.04
CA GLU C 172 -15.77 24.90 -22.47
C GLU C 172 -16.96 24.38 -23.27
N GLN C 173 -17.80 25.27 -23.77
CA GLN C 173 -18.94 24.80 -24.56
C GLN C 173 -18.49 24.16 -25.87
N LEU C 174 -17.55 24.79 -26.56
CA LEU C 174 -17.03 24.21 -27.79
C LEU C 174 -16.41 22.83 -27.55
N LEU C 175 -15.56 22.72 -26.53
CA LEU C 175 -14.81 21.47 -26.35
C LEU C 175 -15.57 20.41 -25.58
N SER C 176 -16.56 20.78 -24.78
CA SER C 176 -17.45 19.77 -24.19
C SER C 176 -18.24 19.01 -25.24
N SER C 177 -18.41 19.57 -26.44
CA SER C 177 -19.10 18.86 -27.50
C SER C 177 -18.27 17.73 -28.10
N VAL C 178 -16.97 17.63 -27.80
CA VAL C 178 -16.14 16.57 -28.36
C VAL C 178 -15.51 15.72 -27.26
N GLY C 179 -16.01 15.83 -26.03
CA GLY C 179 -15.56 14.98 -24.94
C GLY C 179 -15.74 15.69 -23.62
N PHE C 180 -15.06 15.17 -22.61
CA PHE C 180 -15.03 15.84 -21.32
C PHE C 180 -14.21 17.12 -21.41
N CYS C 181 -14.68 18.17 -20.77
CA CYS C 181 -13.95 19.44 -20.74
C CYS C 181 -14.09 20.06 -19.37
N THR C 182 -12.99 20.53 -18.80
CA THR C 182 -13.08 21.30 -17.56
C THR C 182 -11.94 22.30 -17.52
N GLU C 183 -12.17 23.39 -16.80
CA GLU C 183 -11.14 24.39 -16.55
C GLU C 183 -10.19 23.92 -15.46
N VAL C 184 -8.89 24.21 -15.63
CA VAL C 184 -7.89 23.91 -14.62
C VAL C 184 -6.99 25.13 -14.44
N GLU C 185 -6.35 25.21 -13.27
CA GLU C 185 -5.19 26.08 -13.12
C GLU C 185 -4.10 25.62 -14.06
N GLU C 186 -3.37 26.58 -14.66
CA GLU C 186 -2.44 26.23 -15.72
C GLU C 186 -1.36 25.27 -15.24
N ASP C 187 -0.97 25.36 -13.96
CA ASP C 187 0.08 24.49 -13.43
C ASP C 187 -0.33 23.03 -13.33
N LEU C 188 -1.58 22.68 -13.65
CA LEU C 188 -1.96 21.28 -13.70
C LEU C 188 -1.78 20.67 -15.09
N ILE C 189 -1.52 21.48 -16.11
CA ILE C 189 -1.69 21.02 -17.48
C ILE C 189 -0.59 20.05 -17.88
N ASP C 190 0.65 20.29 -17.43
CA ASP C 190 1.70 19.34 -17.77
C ASP C 190 1.42 17.96 -17.19
N ALA C 191 0.81 17.89 -16.01
CA ALA C 191 0.41 16.59 -15.46
C ALA C 191 -0.72 15.97 -16.26
N VAL C 192 -1.71 16.77 -16.65
CA VAL C 192 -2.80 16.25 -17.48
C VAL C 192 -2.24 15.68 -18.78
N THR C 193 -1.26 16.39 -19.38
CA THR C 193 -0.59 15.87 -20.57
C THR C 193 -0.06 14.46 -20.30
N GLY C 194 0.58 14.26 -19.15
CA GLY C 194 1.11 12.93 -18.85
C GLY C 194 0.03 11.87 -18.70
N LEU C 195 -1.18 12.28 -18.31
CA LEU C 195 -2.25 11.35 -18.00
C LEU C 195 -3.18 11.17 -19.20
N SER C 196 -4.00 12.18 -19.52
CA SER C 196 -4.95 12.02 -20.62
C SER C 196 -4.40 12.47 -21.98
N GLY C 197 -3.39 13.33 -22.03
CA GLY C 197 -2.78 13.66 -23.31
C GLY C 197 -2.10 12.45 -23.95
N SER C 198 -1.23 11.78 -23.18
CA SER C 198 -0.52 10.60 -23.64
C SER C 198 -1.31 9.31 -23.39
N GLY C 199 -2.36 9.39 -22.54
CA GLY C 199 -3.16 8.22 -22.21
C GLY C 199 -3.64 7.36 -23.35
N PRO C 200 -4.13 7.94 -24.46
CA PRO C 200 -4.57 7.07 -25.57
C PRO C 200 -3.48 6.15 -26.06
N ALA C 201 -2.22 6.60 -26.04
CA ALA C 201 -1.13 5.74 -26.50
C ALA C 201 -0.88 4.59 -25.55
N TYR C 202 -0.98 4.84 -24.23
CA TYR C 202 -0.92 3.75 -23.26
C TYR C 202 -2.00 2.73 -23.55
N ALA C 203 -3.20 3.22 -23.81
CA ALA C 203 -4.33 2.35 -24.07
C ALA C 203 -4.16 1.57 -25.38
N PHE C 204 -3.60 2.19 -26.42
CA PHE C 204 -3.40 1.44 -27.66
C PHE C 204 -2.35 0.34 -27.48
N THR C 205 -1.28 0.65 -26.74
CA THR C 205 -0.26 -0.34 -26.38
C THR C 205 -0.89 -1.48 -25.60
N ALA C 206 -1.72 -1.15 -24.61
CA ALA C 206 -2.38 -2.17 -23.81
C ALA C 206 -3.29 -3.03 -24.66
N LEU C 207 -4.04 -2.41 -25.57
CA LEU C 207 -4.97 -3.16 -26.44
C LEU C 207 -4.22 -4.09 -27.38
N ASP C 208 -3.12 -3.62 -27.96
CA ASP C 208 -2.29 -4.49 -28.79
C ASP C 208 -1.81 -5.70 -28.00
N ALA C 209 -1.35 -5.46 -26.77
CA ALA C 209 -0.82 -6.55 -25.95
C ALA C 209 -1.91 -7.51 -25.49
N LEU C 210 -3.07 -6.97 -25.09
CA LEU C 210 -4.19 -7.82 -24.71
C LEU C 210 -4.61 -8.70 -25.86
N ALA C 211 -4.62 -8.12 -27.07
CA ALA C 211 -4.94 -8.91 -28.26
C ALA C 211 -3.90 -10.01 -28.49
N ASP C 212 -2.61 -9.69 -28.34
CA ASP C 212 -1.59 -10.74 -28.40
C ASP C 212 -1.89 -11.85 -27.39
N GLY C 213 -2.30 -11.49 -26.17
CA GLY C 213 -2.66 -12.49 -25.19
C GLY C 213 -3.85 -13.32 -25.62
N GLY C 214 -4.86 -12.66 -26.21
CA GLY C 214 -5.98 -13.41 -26.76
C GLY C 214 -5.56 -14.35 -27.89
N VAL C 215 -4.68 -13.88 -28.77
CA VAL C 215 -4.22 -14.73 -29.87
C VAL C 215 -3.43 -15.92 -29.33
N LYS C 216 -2.55 -15.67 -28.35
CA LYS C 216 -1.79 -16.78 -27.75
C LYS C 216 -2.72 -17.84 -27.19
N MET C 217 -3.83 -17.44 -26.60
CA MET C 217 -4.76 -18.41 -26.03
C MET C 217 -5.74 -18.96 -27.04
N GLY C 218 -5.62 -18.60 -28.32
CA GLY C 218 -6.35 -19.26 -29.38
C GLY C 218 -7.39 -18.42 -30.09
N LEU C 219 -7.50 -17.11 -29.77
CA LEU C 219 -8.53 -16.31 -30.44
C LEU C 219 -8.00 -15.77 -31.77
N PRO C 220 -8.85 -15.67 -32.79
CA PRO C 220 -8.49 -14.90 -33.98
C PRO C 220 -8.16 -13.45 -33.61
N ARG C 221 -7.16 -12.89 -34.30
CA ARG C 221 -6.70 -11.54 -34.00
CA ARG C 221 -6.70 -11.54 -33.98
C ARG C 221 -7.84 -10.53 -34.05
N ARG C 222 -8.69 -10.61 -35.07
CA ARG C 222 -9.75 -9.62 -35.23
C ARG C 222 -10.71 -9.67 -34.04
N LEU C 223 -11.10 -10.87 -33.62
CA LEU C 223 -11.96 -11.00 -32.46
C LEU C 223 -11.27 -10.54 -31.18
N ALA C 224 -9.97 -10.84 -31.03
CA ALA C 224 -9.28 -10.43 -29.81
C ALA C 224 -9.19 -8.92 -29.70
N VAL C 225 -8.96 -8.23 -30.83
CA VAL C 225 -8.88 -6.77 -30.79
C VAL C 225 -10.23 -6.17 -30.40
N ARG C 226 -11.31 -6.72 -30.95
CA ARG C 226 -12.66 -6.24 -30.68
C ARG C 226 -13.03 -6.43 -29.21
N LEU C 227 -12.81 -7.63 -28.68
CA LEU C 227 -13.16 -7.92 -27.31
C LEU C 227 -12.33 -7.12 -26.33
N GLY C 228 -11.02 -7.02 -26.58
CA GLY C 228 -10.17 -6.23 -25.70
C GLY C 228 -10.58 -4.76 -25.70
N ALA C 229 -10.85 -4.21 -26.89
CA ALA C 229 -11.30 -2.82 -26.96
C ALA C 229 -12.66 -2.64 -26.30
N GLN C 230 -13.57 -3.59 -26.49
CA GLN C 230 -14.87 -3.47 -25.86
C GLN C 230 -14.75 -3.56 -24.35
N ALA C 231 -13.85 -4.42 -23.86
CA ALA C 231 -13.65 -4.56 -22.42
C ALA C 231 -13.16 -3.27 -21.80
N LEU C 232 -12.18 -2.62 -22.44
CA LEU C 232 -11.63 -1.39 -21.90
C LEU C 232 -12.67 -0.27 -21.94
N LEU C 233 -13.41 -0.18 -23.05
CA LEU C 233 -14.45 0.84 -23.15
C LEU C 233 -15.51 0.64 -22.09
N GLY C 234 -15.98 -0.61 -21.94
CA GLY C 234 -17.03 -0.88 -20.96
C GLY C 234 -16.59 -0.59 -19.54
N ALA C 235 -15.36 -0.95 -19.20
CA ALA C 235 -14.86 -0.69 -17.84
C ALA C 235 -14.70 0.80 -17.61
N ALA C 236 -14.18 1.52 -18.61
CA ALA C 236 -14.02 2.95 -18.47
C ALA C 236 -15.37 3.60 -18.23
N LYS C 237 -16.38 3.18 -18.98
CA LYS C 237 -17.72 3.75 -18.83
C LYS C 237 -18.31 3.40 -17.48
N MET C 238 -18.14 2.15 -17.04
CA MET C 238 -18.62 1.79 -15.70
C MET C 238 -18.07 2.73 -14.65
N LEU C 239 -16.76 2.98 -14.71
CA LEU C 239 -16.12 3.87 -13.72
C LEU C 239 -16.65 5.30 -13.84
N LEU C 240 -16.72 5.84 -15.07
CA LEU C 240 -17.23 7.19 -15.23
C LEU C 240 -18.66 7.34 -14.70
N HIS C 241 -19.47 6.27 -14.78
CA HIS C 241 -20.88 6.31 -14.39
C HIS C 241 -21.14 5.83 -12.96
N SER C 242 -20.12 5.35 -12.26
CA SER C 242 -20.28 4.83 -10.91
C SER C 242 -19.70 5.83 -9.91
N GLU C 243 -20.32 5.91 -8.73
CA GLU C 243 -19.71 6.72 -7.69
C GLU C 243 -18.60 5.97 -6.97
N GLN C 244 -18.34 4.72 -7.35
CA GLN C 244 -17.50 3.84 -6.56
C GLN C 244 -16.05 3.95 -6.99
N HIS C 245 -15.18 3.54 -6.08
CA HIS C 245 -13.75 3.60 -6.31
C HIS C 245 -13.34 2.49 -7.29
N PRO C 246 -12.37 2.74 -8.17
CA PRO C 246 -12.00 1.68 -9.13
C PRO C 246 -11.51 0.41 -8.45
N GLY C 247 -10.89 0.52 -7.27
CA GLY C 247 -10.63 -0.66 -6.48
C GLY C 247 -11.89 -1.44 -6.12
N GLN C 248 -12.98 -0.74 -5.77
CA GLN C 248 -14.20 -1.44 -5.41
C GLN C 248 -14.81 -2.14 -6.63
N LEU C 249 -14.78 -1.49 -7.79
CA LEU C 249 -15.28 -2.16 -8.99
C LEU C 249 -14.42 -3.36 -9.35
N LYS C 250 -13.11 -3.26 -9.12
CA LYS C 250 -12.26 -4.42 -9.32
C LYS C 250 -12.63 -5.57 -8.38
N ASP C 251 -12.92 -5.26 -7.13
CA ASP C 251 -13.39 -6.30 -6.22
C ASP C 251 -14.62 -7.00 -6.75
N ASN C 252 -15.54 -6.26 -7.38
CA ASN C 252 -16.78 -6.86 -7.87
C ASN C 252 -16.56 -7.78 -9.05
N VAL C 253 -15.48 -7.58 -9.81
CA VAL C 253 -15.22 -8.47 -10.94
C VAL C 253 -14.77 -9.84 -10.46
N SER C 254 -13.95 -9.89 -9.42
CA SER C 254 -13.18 -11.10 -9.12
C SER C 254 -13.93 -11.96 -8.09
N SER C 255 -14.47 -13.07 -8.54
CA SER C 255 -14.99 -14.07 -7.63
C SER C 255 -13.84 -14.79 -6.91
N PRO C 256 -14.07 -15.25 -5.69
CA PRO C 256 -12.99 -15.89 -4.92
C PRO C 256 -12.43 -17.10 -5.66
N GLY C 257 -11.11 -17.21 -5.67
CA GLY C 257 -10.43 -18.33 -6.28
C GLY C 257 -10.44 -18.35 -7.79
N GLY C 258 -10.99 -17.32 -8.43
CA GLY C 258 -11.36 -17.38 -9.83
C GLY C 258 -10.28 -16.94 -10.80
N ALA C 259 -10.68 -16.86 -12.06
CA ALA C 259 -9.75 -16.56 -13.14
C ALA C 259 -9.21 -15.14 -13.01
N THR C 260 -10.10 -14.18 -12.77
CA THR C 260 -9.71 -12.78 -12.72
C THR C 260 -8.67 -12.53 -11.63
N ILE C 261 -8.94 -12.99 -10.40
CA ILE C 261 -7.98 -12.74 -9.32
C ILE C 261 -6.64 -13.40 -9.63
N HIS C 262 -6.65 -14.54 -10.32
CA HIS C 262 -5.36 -15.13 -10.74
C HIS C 262 -4.65 -14.21 -11.74
N ALA C 263 -5.40 -13.60 -12.65
CA ALA C 263 -4.75 -12.71 -13.61
C ALA C 263 -4.27 -11.44 -12.92
N LEU C 264 -5.03 -10.94 -11.94
CA LEU C 264 -4.60 -9.73 -11.24
C LEU C 264 -3.29 -9.98 -10.49
N HIS C 265 -3.14 -11.18 -9.90
CA HIS C 265 -1.88 -11.51 -9.25
C HIS C 265 -0.71 -11.37 -10.21
N VAL C 266 -0.82 -11.93 -11.41
CA VAL C 266 0.34 -11.84 -12.29
C VAL C 266 0.59 -10.40 -12.72
N LEU C 267 -0.46 -9.57 -12.89
CA LEU C 267 -0.18 -8.14 -13.15
C LEU C 267 0.56 -7.53 -11.98
N GLU C 268 0.14 -7.84 -10.75
CA GLU C 268 0.79 -7.28 -9.58
C GLU C 268 2.24 -7.73 -9.47
N SER C 269 2.52 -8.99 -9.79
CA SER C 269 3.91 -9.45 -9.65
C SER C 269 4.83 -8.77 -10.64
N GLY C 270 4.32 -8.27 -11.76
CA GLY C 270 5.14 -7.47 -12.66
C GLY C 270 5.17 -5.99 -12.33
N GLY C 271 4.58 -5.55 -11.22
CA GLY C 271 4.49 -4.12 -10.94
C GLY C 271 3.70 -3.33 -11.95
N PHE C 272 2.64 -3.92 -12.51
CA PHE C 272 1.80 -3.28 -13.51
C PHE C 272 1.40 -1.85 -13.12
N ARG C 273 0.89 -1.68 -11.88
CA ARG C 273 0.47 -0.36 -11.43
C ARG C 273 1.62 0.64 -11.53
N SER C 274 2.80 0.23 -11.05
CA SER C 274 3.95 1.12 -11.06
C SER C 274 4.36 1.54 -12.47
N LEU C 275 4.14 0.69 -13.47
CA LEU C 275 4.55 1.07 -14.81
C LEU C 275 3.68 2.21 -15.35
N LEU C 276 2.38 2.16 -15.06
CA LEU C 276 1.47 3.24 -15.41
C LEU C 276 1.81 4.54 -14.66
N ILE C 277 2.14 4.45 -13.37
CA ILE C 277 2.63 5.64 -12.66
C ILE C 277 3.90 6.16 -13.33
N ASN C 278 4.84 5.26 -13.65
CA ASN C 278 6.06 5.63 -14.37
C ASN C 278 5.72 6.39 -15.66
N ALA C 279 4.76 5.88 -16.44
CA ALA C 279 4.38 6.51 -17.70
C ALA C 279 3.89 7.94 -17.48
N VAL C 280 2.89 8.13 -16.61
CA VAL C 280 2.34 9.47 -16.39
C VAL C 280 3.44 10.42 -15.95
N GLU C 281 4.31 9.94 -15.06
CA GLU C 281 5.41 10.77 -14.58
C GLU C 281 6.36 11.12 -15.72
N ALA C 282 6.78 10.12 -16.49
CA ALA C 282 7.75 10.37 -17.54
C ALA C 282 7.21 11.34 -18.57
N SER C 283 5.93 11.18 -18.97
CA SER C 283 5.37 12.12 -19.94
C SER C 283 5.25 13.52 -19.37
N CYS C 284 4.81 13.64 -18.12
CA CYS C 284 4.74 14.95 -17.48
C CYS C 284 6.12 15.60 -17.40
N ILE C 285 7.12 14.83 -16.97
CA ILE C 285 8.45 15.40 -16.81
C ILE C 285 9.02 15.84 -18.16
N ARG C 286 8.83 15.03 -19.19
CA ARG C 286 9.31 15.41 -20.52
C ARG C 286 8.60 16.68 -21.01
N THR C 287 7.31 16.81 -20.70
CA THR C 287 6.58 18.04 -21.05
C THR C 287 7.20 19.25 -20.37
N ARG C 288 7.55 19.12 -19.08
CA ARG C 288 8.20 20.22 -18.37
C ARG C 288 9.58 20.50 -18.95
N GLU C 289 10.33 19.44 -19.23
CA GLU C 289 11.65 19.57 -19.83
C GLU C 289 11.60 20.38 -21.11
N LEU C 290 10.68 20.01 -22.01
CA LEU C 290 10.60 20.67 -23.30
C LEU C 290 10.34 22.16 -23.12
N GLN C 291 9.43 22.54 -22.22
CA GLN C 291 9.15 23.96 -22.04
C GLN C 291 10.36 24.71 -21.50
N SER C 292 11.14 24.06 -20.64
CA SER C 292 12.33 24.73 -20.10
C SER C 292 13.42 24.87 -21.16
N MET C 293 13.46 23.97 -22.14
CA MET C 293 14.32 24.20 -23.30
C MET C 293 13.84 25.42 -24.10
N ALA C 294 12.54 25.66 -24.12
CA ALA C 294 12.01 26.84 -24.81
C ALA C 294 12.37 28.13 -24.07
N ASP C 295 12.23 28.13 -22.74
CA ASP C 295 12.45 29.31 -21.91
C ASP C 295 13.80 30.00 -22.15
N ASN D 17 -38.14 -7.95 -31.72
CA ASN D 17 -38.57 -7.67 -30.36
C ASN D 17 -39.78 -8.51 -29.97
N LEU D 18 -40.16 -9.43 -30.86
CA LEU D 18 -41.16 -10.44 -30.50
C LEU D 18 -40.58 -11.49 -29.58
N TYR D 19 -39.25 -11.71 -29.66
CA TYR D 19 -38.57 -12.60 -28.73
C TYR D 19 -38.89 -12.23 -27.28
N PHE D 20 -38.97 -10.93 -27.00
CA PHE D 20 -38.99 -10.43 -25.65
C PHE D 20 -40.37 -10.03 -25.16
N GLN D 21 -41.37 -10.00 -26.06
CA GLN D 21 -42.73 -9.58 -25.76
C GLN D 21 -43.17 -10.04 -24.37
N SER D 22 -43.33 -11.35 -24.20
CA SER D 22 -43.74 -11.93 -22.93
C SER D 22 -42.73 -12.97 -22.44
N MET D 23 -41.46 -12.79 -22.79
CA MET D 23 -40.42 -13.70 -22.33
C MET D 23 -40.07 -13.39 -20.88
N SER D 24 -39.91 -14.44 -20.09
CA SER D 24 -39.52 -14.32 -18.69
C SER D 24 -38.08 -14.81 -18.53
N VAL D 25 -37.33 -14.14 -17.66
CA VAL D 25 -35.92 -14.42 -17.43
C VAL D 25 -35.72 -14.73 -15.95
N GLY D 26 -34.95 -15.78 -15.67
CA GLY D 26 -34.59 -16.12 -14.30
C GLY D 26 -33.09 -16.15 -14.09
N PHE D 27 -32.68 -15.90 -12.85
CA PHE D 27 -31.28 -15.95 -12.46
C PHE D 27 -31.12 -16.90 -11.28
N ILE D 28 -30.34 -17.94 -11.46
CA ILE D 28 -29.90 -18.78 -10.36
C ILE D 28 -28.62 -18.16 -9.85
N GLY D 29 -28.69 -17.50 -8.71
CA GLY D 29 -27.61 -16.64 -8.24
C GLY D 29 -28.02 -15.19 -8.40
N ALA D 30 -27.79 -14.39 -7.37
CA ALA D 30 -28.12 -12.97 -7.36
C ALA D 30 -26.88 -12.14 -7.04
N GLY D 31 -25.73 -12.57 -7.51
CA GLY D 31 -24.49 -11.87 -7.27
C GLY D 31 -24.29 -10.71 -8.23
N GLN D 32 -23.01 -10.35 -8.43
CA GLN D 32 -22.66 -9.18 -9.24
C GLN D 32 -23.16 -9.32 -10.66
N LEU D 33 -23.00 -10.51 -11.26
CA LEU D 33 -23.36 -10.68 -12.66
C LEU D 33 -24.87 -10.63 -12.87
N ALA D 34 -25.64 -11.29 -11.99
CA ALA D 34 -27.10 -11.26 -12.11
C ALA D 34 -27.62 -9.83 -12.00
N PHE D 35 -27.06 -9.04 -11.07
CA PHE D 35 -27.48 -7.63 -10.98
C PHE D 35 -27.11 -6.86 -12.23
N ALA D 36 -25.86 -7.00 -12.67
CA ALA D 36 -25.39 -6.27 -13.85
C ALA D 36 -26.26 -6.59 -15.06
N LEU D 37 -26.54 -7.87 -15.30
CA LEU D 37 -27.39 -8.25 -16.43
C LEU D 37 -28.81 -7.73 -16.25
N ALA D 38 -29.38 -7.92 -15.06
CA ALA D 38 -30.73 -7.41 -14.80
C ALA D 38 -30.78 -5.89 -14.95
N LYS D 39 -29.79 -5.18 -14.41
CA LYS D 39 -29.75 -3.73 -14.61
C LYS D 39 -29.56 -3.38 -16.08
N GLY D 40 -28.64 -4.08 -16.75
CA GLY D 40 -28.45 -3.86 -18.17
C GLY D 40 -29.71 -4.13 -18.98
N PHE D 41 -30.36 -5.28 -18.75
CA PHE D 41 -31.55 -5.63 -19.53
C PHE D 41 -32.67 -4.63 -19.30
N THR D 42 -32.91 -4.25 -18.05
CA THR D 42 -33.99 -3.30 -17.80
C THR D 42 -33.68 -1.95 -18.46
N ALA D 43 -32.43 -1.46 -18.29
CA ALA D 43 -32.06 -0.18 -18.87
C ALA D 43 -32.20 -0.16 -20.38
N ALA D 44 -31.99 -1.30 -21.04
CA ALA D 44 -32.18 -1.40 -22.47
C ALA D 44 -33.65 -1.40 -22.86
N GLY D 45 -34.55 -1.60 -21.91
CA GLY D 45 -35.96 -1.75 -22.20
C GLY D 45 -36.36 -3.07 -22.80
N VAL D 46 -35.50 -4.10 -22.73
CA VAL D 46 -35.88 -5.39 -23.29
C VAL D 46 -36.77 -6.15 -22.32
N LEU D 47 -36.58 -5.97 -21.01
CA LEU D 47 -37.35 -6.67 -19.99
C LEU D 47 -37.76 -5.71 -18.89
N ALA D 48 -38.99 -5.85 -18.41
CA ALA D 48 -39.43 -5.19 -17.19
C ALA D 48 -38.85 -5.91 -15.99
N ALA D 49 -38.38 -5.13 -15.01
CA ALA D 49 -37.78 -5.70 -13.80
C ALA D 49 -38.70 -6.70 -13.11
N HIS D 50 -40.03 -6.50 -13.19
CA HIS D 50 -40.94 -7.45 -12.56
C HIS D 50 -40.99 -8.79 -13.28
N LYS D 51 -40.63 -8.82 -14.58
CA LYS D 51 -40.57 -10.07 -15.33
C LYS D 51 -39.26 -10.82 -15.13
N ILE D 52 -38.45 -10.42 -14.15
CA ILE D 52 -37.16 -11.05 -13.87
C ILE D 52 -37.20 -11.60 -12.45
N MET D 53 -36.84 -12.86 -12.30
CA MET D 53 -36.77 -13.51 -11.00
C MET D 53 -35.34 -13.93 -10.71
N ALA D 54 -34.92 -13.79 -9.45
CA ALA D 54 -33.59 -14.16 -9.02
C ALA D 54 -33.68 -14.97 -7.73
N SER D 55 -32.83 -15.97 -7.61
CA SER D 55 -32.73 -16.76 -6.39
C SER D 55 -31.31 -16.66 -5.85
N SER D 56 -31.19 -16.81 -4.53
CA SER D 56 -29.91 -16.76 -3.86
C SER D 56 -30.00 -17.52 -2.54
N PRO D 57 -29.01 -18.37 -2.24
CA PRO D 57 -29.02 -19.05 -0.93
C PRO D 57 -29.05 -18.07 0.24
N ASP D 58 -28.25 -17.00 0.18
CA ASP D 58 -28.22 -15.97 1.21
C ASP D 58 -28.80 -14.69 0.63
N MET D 59 -30.00 -14.32 1.10
CA MET D 59 -30.60 -13.04 0.74
C MET D 59 -30.01 -11.88 1.52
N ASP D 60 -28.93 -12.11 2.26
CA ASP D 60 -28.25 -11.09 3.05
C ASP D 60 -27.17 -10.36 2.26
N LEU D 61 -26.99 -10.70 0.97
CA LEU D 61 -26.01 -10.03 0.14
C LEU D 61 -26.50 -8.64 -0.26
N ALA D 62 -25.55 -7.81 -0.72
CA ALA D 62 -25.88 -6.45 -1.12
C ALA D 62 -26.59 -6.43 -2.46
N THR D 63 -26.08 -7.19 -3.44
CA THR D 63 -26.73 -7.28 -4.75
C THR D 63 -28.17 -7.75 -4.63
N VAL D 64 -28.48 -8.57 -3.63
CA VAL D 64 -29.85 -9.01 -3.41
C VAL D 64 -30.71 -7.86 -2.88
N SER D 65 -30.11 -6.95 -2.10
CA SER D 65 -30.81 -5.75 -1.69
C SER D 65 -30.95 -4.75 -2.85
N ALA D 66 -29.89 -4.62 -3.65
CA ALA D 66 -29.95 -3.76 -4.83
C ALA D 66 -31.02 -4.25 -5.80
N LEU D 67 -31.00 -5.56 -6.13
CA LEU D 67 -31.97 -6.13 -7.04
C LEU D 67 -33.39 -5.97 -6.53
N ARG D 68 -33.63 -6.27 -5.25
CA ARG D 68 -34.96 -6.12 -4.69
C ARG D 68 -35.48 -4.69 -4.89
N LYS D 69 -34.60 -3.70 -4.71
CA LYS D 69 -34.98 -2.31 -4.91
C LYS D 69 -35.25 -1.98 -6.38
N MET D 70 -34.92 -2.86 -7.32
CA MET D 70 -35.19 -2.65 -8.73
C MET D 70 -36.59 -3.05 -9.15
N GLY D 71 -37.35 -3.71 -8.27
CA GLY D 71 -38.57 -4.37 -8.69
C GLY D 71 -38.35 -5.77 -9.19
N VAL D 72 -37.25 -6.41 -8.79
CA VAL D 72 -36.90 -7.75 -9.23
C VAL D 72 -37.37 -8.74 -8.16
N LYS D 73 -38.03 -9.81 -8.59
CA LYS D 73 -38.55 -10.80 -7.67
C LYS D 73 -37.40 -11.68 -7.18
N LEU D 74 -37.25 -11.76 -5.85
CA LEU D 74 -36.27 -12.64 -5.22
C LEU D 74 -36.97 -13.81 -4.56
N THR D 75 -36.20 -14.88 -4.33
CA THR D 75 -36.64 -16.07 -3.61
C THR D 75 -35.42 -16.89 -3.20
N PRO D 76 -35.50 -17.67 -2.12
CA PRO D 76 -34.40 -18.58 -1.79
C PRO D 76 -34.48 -19.93 -2.45
N HIS D 77 -35.57 -20.23 -3.17
CA HIS D 77 -35.77 -21.54 -3.79
C HIS D 77 -35.53 -21.42 -5.29
N ASN D 78 -34.46 -22.05 -5.75
CA ASN D 78 -34.13 -22.05 -7.18
C ASN D 78 -35.24 -22.68 -8.01
N LYS D 79 -36.00 -23.63 -7.43
CA LYS D 79 -37.12 -24.22 -8.16
C LYS D 79 -38.18 -23.17 -8.50
N GLU D 80 -38.33 -22.14 -7.66
CA GLU D 80 -39.26 -21.06 -7.99
C GLU D 80 -38.78 -20.29 -9.22
N THR D 81 -37.49 -19.96 -9.27
CA THR D 81 -36.94 -19.30 -10.44
C THR D 81 -37.13 -20.15 -11.69
N VAL D 82 -36.89 -21.46 -11.58
CA VAL D 82 -37.05 -22.33 -12.73
C VAL D 82 -38.50 -22.32 -13.21
N GLN D 83 -39.44 -22.44 -12.27
CA GLN D 83 -40.86 -22.47 -12.65
C GLN D 83 -41.27 -21.17 -13.33
N HIS D 84 -40.74 -20.04 -12.88
CA HIS D 84 -41.15 -18.73 -13.34
C HIS D 84 -40.44 -18.27 -14.60
N SER D 85 -39.49 -19.03 -15.13
CA SER D 85 -38.59 -18.51 -16.15
C SER D 85 -38.67 -19.30 -17.45
N ASP D 86 -38.48 -18.58 -18.56
CA ASP D 86 -38.27 -19.18 -19.88
C ASP D 86 -36.78 -19.32 -20.14
N VAL D 87 -36.06 -18.22 -20.09
CA VAL D 87 -34.61 -18.19 -20.21
C VAL D 87 -34.03 -18.16 -18.81
N LEU D 88 -33.20 -19.15 -18.50
CA LEU D 88 -32.69 -19.38 -17.15
C LEU D 88 -31.18 -19.18 -17.14
N PHE D 89 -30.73 -18.04 -16.58
CA PHE D 89 -29.30 -17.77 -16.44
C PHE D 89 -28.75 -18.43 -15.18
N LEU D 90 -27.66 -19.17 -15.35
CA LEU D 90 -26.96 -19.77 -14.21
C LEU D 90 -25.82 -18.82 -13.84
N ALA D 91 -26.02 -18.03 -12.78
CA ALA D 91 -25.04 -17.03 -12.39
C ALA D 91 -24.44 -17.38 -11.03
N VAL D 92 -24.01 -18.62 -10.87
CA VAL D 92 -23.37 -19.08 -9.65
C VAL D 92 -21.95 -19.52 -9.98
N LYS D 93 -21.14 -19.64 -8.93
CA LYS D 93 -19.75 -20.04 -9.10
C LYS D 93 -19.67 -21.40 -9.80
N PRO D 94 -18.59 -21.65 -10.55
CA PRO D 94 -18.52 -22.90 -11.33
C PRO D 94 -18.62 -24.16 -10.52
N HIS D 95 -18.11 -24.16 -9.29
CA HIS D 95 -18.18 -25.39 -8.48
C HIS D 95 -19.59 -25.66 -7.97
N ILE D 96 -20.51 -24.69 -8.07
CA ILE D 96 -21.87 -24.88 -7.64
C ILE D 96 -22.75 -25.47 -8.75
N ILE D 97 -22.37 -25.30 -10.02
CA ILE D 97 -23.26 -25.64 -11.14
C ILE D 97 -23.77 -27.08 -11.05
N PRO D 98 -22.93 -28.12 -10.92
CA PRO D 98 -23.49 -29.48 -10.83
C PRO D 98 -24.37 -29.71 -9.61
N PHE D 99 -24.18 -28.94 -8.54
CA PHE D 99 -25.09 -29.04 -7.40
C PHE D 99 -26.44 -28.41 -7.73
N ILE D 100 -26.44 -27.29 -8.46
CA ILE D 100 -27.70 -26.69 -8.89
C ILE D 100 -28.39 -27.57 -9.90
N LEU D 101 -27.62 -28.15 -10.85
CA LEU D 101 -28.23 -28.99 -11.87
C LEU D 101 -28.92 -30.19 -11.26
N ASP D 102 -28.34 -30.76 -10.20
CA ASP D 102 -29.03 -31.84 -9.49
C ASP D 102 -30.30 -31.35 -8.82
N GLU D 103 -30.30 -30.10 -8.34
CA GLU D 103 -31.41 -29.59 -7.54
C GLU D 103 -32.64 -29.32 -8.40
N ILE D 104 -32.46 -28.68 -9.55
CA ILE D 104 -33.57 -28.23 -10.39
C ILE D 104 -33.63 -28.99 -11.72
N GLY D 105 -32.80 -30.03 -11.87
CA GLY D 105 -32.75 -30.75 -13.14
C GLY D 105 -34.08 -31.39 -13.51
N ALA D 106 -34.80 -31.94 -12.54
CA ALA D 106 -36.11 -32.52 -12.83
C ALA D 106 -37.15 -31.45 -13.12
N ASP D 107 -36.86 -30.18 -12.85
CA ASP D 107 -37.76 -29.07 -13.15
C ASP D 107 -37.47 -28.41 -14.48
N ILE D 108 -36.35 -28.75 -15.13
CA ILE D 108 -36.05 -28.20 -16.44
C ILE D 108 -36.97 -28.84 -17.46
N GLU D 109 -37.69 -28.01 -18.21
CA GLU D 109 -38.66 -28.46 -19.20
C GLU D 109 -38.17 -28.11 -20.60
N ASP D 110 -38.91 -28.59 -21.60
CA ASP D 110 -38.53 -28.35 -22.98
C ASP D 110 -38.55 -26.87 -23.33
N ARG D 111 -39.33 -26.08 -22.59
CA ARG D 111 -39.41 -24.65 -22.85
C ARG D 111 -38.18 -23.90 -22.38
N HIS D 112 -37.42 -24.48 -21.46
CA HIS D 112 -36.30 -23.78 -20.86
C HIS D 112 -35.12 -23.68 -21.82
N ILE D 113 -34.53 -22.49 -21.88
CA ILE D 113 -33.18 -22.29 -22.40
C ILE D 113 -32.30 -21.99 -21.21
N VAL D 114 -31.38 -22.89 -20.92
CA VAL D 114 -30.47 -22.76 -19.79
C VAL D 114 -29.21 -22.08 -20.28
N VAL D 115 -28.96 -20.89 -19.77
CA VAL D 115 -27.82 -20.08 -20.20
C VAL D 115 -26.81 -20.09 -19.05
N SER D 116 -25.75 -20.85 -19.20
CA SER D 116 -24.71 -20.91 -18.17
C SER D 116 -23.74 -19.77 -18.36
N CYS D 117 -23.51 -19.00 -17.29
CA CYS D 117 -22.52 -17.94 -17.28
C CYS D 117 -21.30 -18.28 -16.46
N ALA D 118 -21.31 -19.41 -15.77
CA ALA D 118 -20.15 -19.79 -14.96
C ALA D 118 -18.93 -19.99 -15.86
N ALA D 119 -17.80 -19.43 -15.43
CA ALA D 119 -16.56 -19.61 -16.17
C ALA D 119 -16.18 -21.08 -16.23
N GLY D 120 -15.66 -21.51 -17.36
CA GLY D 120 -15.10 -22.84 -17.48
C GLY D 120 -16.10 -23.97 -17.66
N VAL D 121 -17.30 -23.85 -17.07
CA VAL D 121 -18.26 -24.96 -17.11
C VAL D 121 -18.69 -25.23 -18.55
N THR D 122 -18.43 -26.45 -19.01
CA THR D 122 -18.64 -26.80 -20.41
C THR D 122 -20.09 -27.17 -20.70
N ILE D 123 -20.50 -26.92 -21.94
CA ILE D 123 -21.82 -27.35 -22.40
C ILE D 123 -21.99 -28.84 -22.15
N SER D 124 -20.96 -29.63 -22.47
CA SER D 124 -21.04 -31.09 -22.31
C SER D 124 -21.44 -31.46 -20.89
N SER D 125 -20.80 -30.85 -19.88
CA SER D 125 -21.09 -31.23 -18.51
C SER D 125 -22.52 -30.89 -18.13
N ILE D 126 -23.02 -29.72 -18.55
CA ILE D 126 -24.39 -29.33 -18.22
C ILE D 126 -25.39 -30.24 -18.91
N GLU D 127 -25.19 -30.48 -20.21
CA GLU D 127 -26.10 -31.36 -20.94
C GLU D 127 -26.10 -32.76 -20.35
N LYS D 128 -24.94 -33.24 -19.90
CA LYS D 128 -24.89 -34.59 -19.34
C LYS D 128 -25.75 -34.69 -18.09
N LYS D 129 -25.64 -33.70 -17.20
CA LYS D 129 -26.48 -33.67 -16.01
C LYS D 129 -27.96 -33.58 -16.37
N LEU D 130 -28.32 -32.60 -17.21
CA LEU D 130 -29.74 -32.38 -17.50
C LEU D 130 -30.32 -33.47 -18.39
N SER D 131 -29.49 -34.12 -19.23
CA SER D 131 -29.98 -35.17 -20.12
C SER D 131 -30.47 -36.41 -19.38
N ALA D 132 -30.05 -36.61 -18.14
CA ALA D 132 -30.61 -37.71 -17.36
C ALA D 132 -32.04 -37.43 -16.93
N PHE D 133 -32.44 -36.15 -16.89
CA PHE D 133 -33.80 -35.77 -16.51
C PHE D 133 -34.72 -35.73 -17.73
N ARG D 134 -34.40 -34.90 -18.71
CA ARG D 134 -35.13 -34.85 -19.97
C ARG D 134 -34.15 -34.91 -21.12
N PRO D 135 -34.54 -35.50 -22.26
CA PRO D 135 -33.52 -35.91 -23.25
C PRO D 135 -32.80 -34.79 -23.99
N ALA D 136 -33.46 -33.66 -24.30
CA ALA D 136 -32.87 -32.64 -25.16
C ALA D 136 -32.86 -31.26 -24.49
N PRO D 137 -32.08 -31.09 -23.41
CA PRO D 137 -32.02 -29.77 -22.77
C PRO D 137 -31.42 -28.74 -23.72
N ARG D 138 -32.06 -27.58 -23.80
CA ARG D 138 -31.56 -26.45 -24.60
C ARG D 138 -30.60 -25.64 -23.73
N VAL D 139 -29.32 -25.65 -24.10
CA VAL D 139 -28.25 -25.11 -23.26
C VAL D 139 -27.41 -24.17 -24.10
N ILE D 140 -27.14 -22.98 -23.58
CA ILE D 140 -26.22 -22.05 -24.21
C ILE D 140 -25.18 -21.68 -23.17
N ARG D 141 -23.92 -21.67 -23.58
CA ARG D 141 -22.86 -21.23 -22.70
C ARG D 141 -22.45 -19.82 -23.10
N CYS D 142 -22.23 -18.99 -22.09
CA CYS D 142 -22.07 -17.56 -22.24
C CYS D 142 -20.87 -17.09 -21.44
N MET D 143 -20.10 -16.15 -21.99
CA MET D 143 -19.10 -15.43 -21.21
C MET D 143 -19.32 -13.95 -21.45
N THR D 144 -19.79 -13.26 -20.43
CA THR D 144 -20.07 -11.84 -20.50
C THR D 144 -19.22 -11.17 -19.43
N ASN D 145 -19.53 -9.92 -19.13
CA ASN D 145 -18.73 -9.18 -18.15
C ASN D 145 -19.58 -8.08 -17.55
N THR D 146 -19.04 -7.46 -16.52
CA THR D 146 -19.82 -6.54 -15.71
C THR D 146 -20.27 -5.26 -16.44
N PRO D 147 -19.54 -4.74 -17.47
CA PRO D 147 -20.04 -3.52 -18.13
C PRO D 147 -21.37 -3.68 -18.87
N VAL D 148 -21.99 -4.86 -18.83
CA VAL D 148 -23.38 -4.92 -19.29
C VAL D 148 -24.24 -3.99 -18.45
N VAL D 149 -23.81 -3.66 -17.24
CA VAL D 149 -24.60 -2.80 -16.38
C VAL D 149 -24.71 -1.39 -16.95
N VAL D 150 -23.77 -0.96 -17.80
CA VAL D 150 -23.92 0.29 -18.55
C VAL D 150 -24.08 -0.01 -20.04
N ARG D 151 -24.58 -1.21 -20.35
CA ARG D 151 -24.89 -1.61 -21.72
C ARG D 151 -23.68 -1.53 -22.64
N GLU D 152 -22.49 -1.82 -22.11
CA GLU D 152 -21.26 -1.85 -22.90
C GLU D 152 -20.48 -3.12 -22.62
N GLY D 153 -21.21 -4.21 -22.40
CA GLY D 153 -20.60 -5.49 -22.19
C GLY D 153 -19.91 -6.02 -23.43
N ALA D 154 -19.15 -7.08 -23.21
CA ALA D 154 -18.52 -7.86 -24.28
C ALA D 154 -18.96 -9.29 -24.03
N THR D 155 -19.78 -9.86 -24.91
CA THR D 155 -20.38 -11.15 -24.66
C THR D 155 -20.10 -12.11 -25.81
N VAL D 156 -19.71 -13.34 -25.49
CA VAL D 156 -19.71 -14.39 -26.49
C VAL D 156 -20.59 -15.51 -25.95
N TYR D 157 -21.11 -16.31 -26.87
CA TYR D 157 -21.96 -17.41 -26.47
C TYR D 157 -21.71 -18.53 -27.46
N ALA D 158 -21.79 -19.77 -26.95
CA ALA D 158 -21.78 -20.98 -27.78
C ALA D 158 -23.06 -21.77 -27.56
N THR D 159 -23.64 -22.28 -28.64
CA THR D 159 -24.91 -23.00 -28.59
C THR D 159 -24.67 -24.49 -28.40
N GLY D 160 -25.55 -25.12 -27.63
CA GLY D 160 -25.42 -26.52 -27.28
C GLY D 160 -25.99 -27.44 -28.34
N THR D 161 -26.02 -28.73 -28.00
CA THR D 161 -26.42 -29.75 -28.96
C THR D 161 -27.88 -29.59 -29.39
N HIS D 162 -28.76 -29.26 -28.44
CA HIS D 162 -30.19 -29.24 -28.69
C HIS D 162 -30.77 -27.83 -28.76
N ALA D 163 -29.92 -26.80 -28.72
CA ALA D 163 -30.43 -25.44 -28.87
C ALA D 163 -31.00 -25.26 -30.28
N GLN D 164 -32.22 -24.73 -30.37
CA GLN D 164 -32.82 -24.50 -31.67
C GLN D 164 -32.22 -23.24 -32.30
N VAL D 165 -32.48 -23.05 -33.60
CA VAL D 165 -31.86 -21.93 -34.31
C VAL D 165 -32.33 -20.60 -33.76
N GLU D 166 -33.62 -20.52 -33.41
CA GLU D 166 -34.14 -19.31 -32.78
C GLU D 166 -33.44 -19.03 -31.45
N ASP D 167 -32.99 -20.09 -30.75
CA ASP D 167 -32.36 -19.92 -29.44
C ASP D 167 -31.10 -19.08 -29.54
N GLY D 168 -30.23 -19.40 -30.51
CA GLY D 168 -29.03 -18.62 -30.70
C GLY D 168 -29.34 -17.21 -31.16
N ARG D 169 -30.35 -17.06 -32.03
CA ARG D 169 -30.74 -15.72 -32.46
C ARG D 169 -31.32 -14.94 -31.29
N LEU D 170 -32.16 -15.60 -30.50
CA LEU D 170 -32.74 -14.98 -29.30
C LEU D 170 -31.64 -14.55 -28.33
N MET D 171 -30.70 -15.45 -28.08
CA MET D 171 -29.58 -15.14 -27.21
C MET D 171 -28.81 -13.93 -27.71
N GLU D 172 -28.51 -13.89 -29.01
CA GLU D 172 -27.77 -12.77 -29.57
C GLU D 172 -28.53 -11.46 -29.40
N GLN D 173 -29.84 -11.47 -29.70
CA GLN D 173 -30.59 -10.23 -29.59
C GLN D 173 -30.66 -9.76 -28.14
N LEU D 174 -30.83 -10.69 -27.20
CA LEU D 174 -30.90 -10.30 -25.79
C LEU D 174 -29.60 -9.66 -25.32
N LEU D 175 -28.47 -10.34 -25.53
CA LEU D 175 -27.19 -9.86 -25.06
C LEU D 175 -26.63 -8.71 -25.88
N SER D 176 -27.09 -8.57 -27.14
CA SER D 176 -26.71 -7.40 -27.91
C SER D 176 -27.32 -6.12 -27.35
N SER D 177 -28.42 -6.23 -26.60
CA SER D 177 -29.01 -5.03 -26.03
C SER D 177 -28.18 -4.45 -24.90
N VAL D 178 -27.17 -5.18 -24.41
CA VAL D 178 -26.32 -4.68 -23.33
C VAL D 178 -24.85 -4.68 -23.72
N GLY D 179 -24.53 -4.73 -25.01
CA GLY D 179 -23.15 -4.58 -25.42
C GLY D 179 -22.86 -5.38 -26.67
N PHE D 180 -21.57 -5.59 -26.91
CA PHE D 180 -21.15 -6.42 -28.02
C PHE D 180 -21.52 -7.87 -27.76
N CYS D 181 -21.98 -8.57 -28.79
CA CYS D 181 -22.31 -9.98 -28.63
C CYS D 181 -22.07 -10.71 -29.93
N THR D 182 -21.38 -11.85 -29.86
CA THR D 182 -21.22 -12.65 -31.06
C THR D 182 -21.11 -14.12 -30.69
N GLU D 183 -21.53 -14.98 -31.60
CA GLU D 183 -21.39 -16.41 -31.38
C GLU D 183 -19.95 -16.84 -31.62
N VAL D 184 -19.50 -17.81 -30.82
CA VAL D 184 -18.19 -18.42 -31.01
C VAL D 184 -18.35 -19.93 -30.83
N GLU D 185 -17.36 -20.67 -31.35
CA GLU D 185 -17.19 -22.06 -30.96
C GLU D 185 -16.81 -22.13 -29.49
N GLU D 186 -17.32 -23.14 -28.79
CA GLU D 186 -17.16 -23.18 -27.33
C GLU D 186 -15.68 -23.21 -26.93
N ASP D 187 -14.81 -23.78 -27.78
CA ASP D 187 -13.40 -23.90 -27.42
C ASP D 187 -12.69 -22.56 -27.32
N LEU D 188 -13.27 -21.47 -27.85
CA LEU D 188 -12.70 -20.14 -27.66
C LEU D 188 -13.08 -19.49 -26.33
N ILE D 189 -14.03 -20.06 -25.57
CA ILE D 189 -14.64 -19.29 -24.48
C ILE D 189 -13.68 -19.10 -23.30
N ASP D 190 -12.85 -20.09 -22.99
CA ASP D 190 -11.89 -19.92 -21.90
C ASP D 190 -10.94 -18.76 -22.19
N ALA D 191 -10.54 -18.61 -23.45
CA ALA D 191 -9.68 -17.50 -23.87
C ALA D 191 -10.41 -16.17 -23.81
N VAL D 192 -11.69 -16.15 -24.18
CA VAL D 192 -12.47 -14.92 -24.07
C VAL D 192 -12.59 -14.51 -22.60
N THR D 193 -12.82 -15.48 -21.72
CA THR D 193 -12.77 -15.24 -20.28
C THR D 193 -11.50 -14.49 -19.89
N GLY D 194 -10.35 -14.97 -20.37
CA GLY D 194 -9.09 -14.32 -20.02
C GLY D 194 -8.96 -12.92 -20.55
N LEU D 195 -9.62 -12.62 -21.67
CA LEU D 195 -9.49 -11.33 -22.34
C LEU D 195 -10.58 -10.36 -21.87
N SER D 196 -11.83 -10.59 -22.30
CA SER D 196 -12.89 -9.63 -21.97
C SER D 196 -13.67 -9.99 -20.72
N GLY D 197 -13.71 -11.27 -20.33
CA GLY D 197 -14.30 -11.65 -19.05
C GLY D 197 -13.58 -11.02 -17.87
N SER D 198 -12.27 -11.27 -17.76
CA SER D 198 -11.46 -10.66 -16.72
C SER D 198 -11.06 -9.22 -17.05
N GLY D 199 -11.19 -8.84 -18.32
CA GLY D 199 -10.64 -7.56 -18.78
C GLY D 199 -11.02 -6.32 -18.00
N PRO D 200 -12.27 -6.18 -17.56
CA PRO D 200 -12.60 -4.92 -16.84
C PRO D 200 -11.82 -4.78 -15.56
N ALA D 201 -11.45 -5.89 -14.91
CA ALA D 201 -10.61 -5.81 -13.72
C ALA D 201 -9.22 -5.31 -14.06
N TYR D 202 -8.70 -5.69 -15.24
CA TYR D 202 -7.42 -5.15 -15.67
C TYR D 202 -7.53 -3.65 -15.87
N ALA D 203 -8.62 -3.20 -16.48
CA ALA D 203 -8.85 -1.78 -16.71
C ALA D 203 -9.00 -1.00 -15.40
N PHE D 204 -9.74 -1.56 -14.43
CA PHE D 204 -9.89 -0.88 -13.15
C PHE D 204 -8.56 -0.77 -12.42
N THR D 205 -7.77 -1.85 -12.42
CA THR D 205 -6.41 -1.74 -11.90
C THR D 205 -5.63 -0.65 -12.62
N ALA D 206 -5.67 -0.65 -13.95
CA ALA D 206 -4.93 0.35 -14.72
C ALA D 206 -5.37 1.76 -14.38
N LEU D 207 -6.69 1.97 -14.27
CA LEU D 207 -7.23 3.30 -13.98
C LEU D 207 -6.86 3.77 -12.59
N ASP D 208 -6.90 2.88 -11.60
CA ASP D 208 -6.45 3.24 -10.26
C ASP D 208 -5.00 3.71 -10.29
N ALA D 209 -4.15 2.96 -11.01
CA ALA D 209 -2.72 3.26 -11.10
C ALA D 209 -2.46 4.55 -11.88
N LEU D 210 -3.15 4.73 -13.01
CA LEU D 210 -3.02 5.99 -13.75
C LEU D 210 -3.41 7.17 -12.88
N ALA D 211 -4.47 7.02 -12.09
CA ALA D 211 -4.89 8.11 -11.22
C ALA D 211 -3.83 8.42 -10.18
N ASP D 212 -3.20 7.39 -9.61
CA ASP D 212 -2.06 7.58 -8.71
C ASP D 212 -0.92 8.33 -9.41
N GLY D 213 -0.63 7.96 -10.66
CA GLY D 213 0.36 8.71 -11.43
C GLY D 213 -0.02 10.17 -11.58
N GLY D 214 -1.28 10.44 -11.90
CA GLY D 214 -1.73 11.82 -11.99
C GLY D 214 -1.60 12.56 -10.67
N VAL D 215 -1.96 11.90 -9.58
CA VAL D 215 -1.82 12.50 -8.25
C VAL D 215 -0.35 12.76 -7.94
N LYS D 216 0.53 11.80 -8.24
CA LYS D 216 1.96 12.04 -8.00
C LYS D 216 2.43 13.29 -8.72
N MET D 217 1.90 13.57 -9.91
CA MET D 217 2.35 14.72 -10.67
C MET D 217 1.54 15.98 -10.37
N GLY D 218 0.69 15.96 -9.34
CA GLY D 218 0.06 17.18 -8.87
C GLY D 218 -1.43 17.29 -9.13
N LEU D 219 -2.07 16.30 -9.77
CA LEU D 219 -3.50 16.42 -10.01
C LEU D 219 -4.30 16.00 -8.77
N PRO D 220 -5.43 16.65 -8.52
CA PRO D 220 -6.38 16.12 -7.53
C PRO D 220 -6.87 14.74 -7.96
N ARG D 221 -7.05 13.85 -6.98
CA ARG D 221 -7.44 12.48 -7.26
CA ARG D 221 -7.46 12.47 -7.24
C ARG D 221 -8.70 12.41 -8.12
N ARG D 222 -9.72 13.20 -7.78
CA ARG D 222 -10.98 13.14 -8.51
C ARG D 222 -10.79 13.45 -9.99
N LEU D 223 -10.08 14.53 -10.30
CA LEU D 223 -9.81 14.88 -11.69
C LEU D 223 -8.98 13.82 -12.38
N ALA D 224 -8.00 13.25 -11.66
CA ALA D 224 -7.11 12.27 -12.28
C ALA D 224 -7.88 11.00 -12.63
N VAL D 225 -8.80 10.58 -11.77
CA VAL D 225 -9.62 9.41 -12.07
C VAL D 225 -10.47 9.65 -13.30
N ARG D 226 -11.09 10.82 -13.37
CA ARG D 226 -11.97 11.17 -14.48
C ARG D 226 -11.18 11.26 -15.80
N LEU D 227 -10.06 11.97 -15.78
CA LEU D 227 -9.21 12.10 -16.96
C LEU D 227 -8.70 10.74 -17.42
N GLY D 228 -8.24 9.91 -16.49
CA GLY D 228 -7.74 8.60 -16.87
C GLY D 228 -8.83 7.73 -17.45
N ALA D 229 -10.01 7.73 -16.81
CA ALA D 229 -11.14 6.95 -17.32
C ALA D 229 -11.58 7.42 -18.70
N GLN D 230 -11.65 8.74 -18.90
CA GLN D 230 -12.04 9.29 -20.20
C GLN D 230 -11.01 8.98 -21.27
N ALA D 231 -9.72 9.02 -20.93
CA ALA D 231 -8.67 8.69 -21.90
C ALA D 231 -8.82 7.26 -22.40
N LEU D 232 -8.99 6.31 -21.47
CA LEU D 232 -9.19 4.91 -21.83
C LEU D 232 -10.46 4.70 -22.66
N LEU D 233 -11.57 5.30 -22.22
CA LEU D 233 -12.81 5.22 -23.00
C LEU D 233 -12.60 5.78 -24.41
N GLY D 234 -12.01 6.97 -24.51
CA GLY D 234 -11.85 7.56 -25.83
C GLY D 234 -10.97 6.72 -26.75
N ALA D 235 -9.88 6.17 -26.20
CA ALA D 235 -8.96 5.37 -27.01
C ALA D 235 -9.59 4.07 -27.45
N ALA D 236 -10.32 3.41 -26.54
CA ALA D 236 -11.06 2.21 -26.91
C ALA D 236 -12.09 2.50 -28.00
N LYS D 237 -12.87 3.58 -27.84
CA LYS D 237 -13.83 3.93 -28.89
C LYS D 237 -13.12 4.20 -30.20
N MET D 238 -11.98 4.91 -30.14
CA MET D 238 -11.20 5.20 -31.34
C MET D 238 -10.82 3.92 -32.07
N LEU D 239 -10.27 2.95 -31.33
CA LEU D 239 -9.84 1.71 -31.97
C LEU D 239 -11.01 0.96 -32.56
N LEU D 240 -12.15 0.95 -31.86
CA LEU D 240 -13.33 0.27 -32.39
C LEU D 240 -13.84 0.89 -33.66
N HIS D 241 -13.70 2.22 -33.80
CA HIS D 241 -14.20 2.94 -34.97
C HIS D 241 -13.16 3.07 -36.06
N SER D 242 -11.94 2.60 -35.84
CA SER D 242 -10.86 2.72 -36.81
C SER D 242 -10.58 1.38 -37.47
N GLU D 243 -10.24 1.41 -38.75
CA GLU D 243 -9.71 0.22 -39.41
C GLU D 243 -8.21 0.09 -39.21
N GLN D 244 -7.59 1.02 -38.49
CA GLN D 244 -6.14 1.05 -38.37
C GLN D 244 -5.66 0.15 -37.25
N HIS D 245 -4.44 -0.33 -37.40
CA HIS D 245 -3.86 -1.17 -36.39
C HIS D 245 -3.61 -0.36 -35.12
N PRO D 246 -3.71 -0.98 -33.94
CA PRO D 246 -3.40 -0.28 -32.69
C PRO D 246 -2.03 0.39 -32.68
N GLY D 247 -1.01 -0.26 -33.27
CA GLY D 247 0.29 0.35 -33.36
C GLY D 247 0.32 1.58 -34.26
N GLN D 248 -0.50 1.60 -35.31
CA GLN D 248 -0.59 2.80 -36.14
C GLN D 248 -1.21 3.96 -35.36
N LEU D 249 -2.25 3.67 -34.56
CA LEU D 249 -2.86 4.73 -33.78
C LEU D 249 -1.90 5.21 -32.69
N LYS D 250 -1.17 4.27 -32.07
CA LYS D 250 -0.10 4.64 -31.16
C LYS D 250 0.92 5.55 -31.86
N ASP D 251 1.34 5.19 -33.07
CA ASP D 251 2.27 6.04 -33.82
C ASP D 251 1.71 7.44 -34.03
N ASN D 252 0.40 7.55 -34.32
CA ASN D 252 -0.19 8.86 -34.57
C ASN D 252 -0.14 9.78 -33.35
N VAL D 253 -0.21 9.21 -32.14
CA VAL D 253 -0.23 10.01 -30.92
C VAL D 253 1.15 10.56 -30.58
N SER D 254 2.22 9.85 -30.92
CA SER D 254 3.55 10.16 -30.39
C SER D 254 4.28 11.13 -31.33
N SER D 255 4.50 12.34 -30.85
CA SER D 255 5.37 13.26 -31.57
C SER D 255 6.83 12.86 -31.38
N PRO D 256 7.65 13.04 -32.41
CA PRO D 256 9.09 12.77 -32.27
C PRO D 256 9.68 13.53 -31.10
N GLY D 257 10.44 12.82 -30.28
CA GLY D 257 11.07 13.42 -29.13
C GLY D 257 10.14 13.80 -28.01
N GLY D 258 8.84 13.53 -28.14
CA GLY D 258 7.83 14.12 -27.27
C GLY D 258 7.54 13.32 -26.01
N ALA D 259 6.52 13.79 -25.30
CA ALA D 259 6.18 13.25 -23.98
C ALA D 259 5.66 11.83 -24.08
N THR D 260 4.82 11.56 -25.07
CA THR D 260 4.20 10.24 -25.15
C THR D 260 5.23 9.16 -25.43
N ILE D 261 6.11 9.39 -26.41
CA ILE D 261 7.09 8.35 -26.72
C ILE D 261 8.03 8.14 -25.53
N HIS D 262 8.28 9.18 -24.74
CA HIS D 262 9.07 8.99 -23.53
C HIS D 262 8.35 8.09 -22.53
N ALA D 263 7.03 8.28 -22.36
CA ALA D 263 6.25 7.44 -21.47
C ALA D 263 6.16 6.02 -22.01
N LEU D 264 5.99 5.88 -23.33
CA LEU D 264 5.89 4.53 -23.89
C LEU D 264 7.17 3.74 -23.64
N HIS D 265 8.32 4.42 -23.70
CA HIS D 265 9.59 3.76 -23.40
C HIS D 265 9.58 3.16 -22.01
N VAL D 266 9.13 3.92 -21.01
CA VAL D 266 9.17 3.35 -19.67
C VAL D 266 8.18 2.21 -19.51
N LEU D 267 7.03 2.24 -20.22
CA LEU D 267 6.17 1.06 -20.21
C LEU D 267 6.89 -0.13 -20.80
N GLU D 268 7.54 0.07 -21.96
CA GLU D 268 8.28 -1.00 -22.59
C GLU D 268 9.37 -1.55 -21.69
N SER D 269 10.08 -0.67 -20.97
CA SER D 269 11.16 -1.13 -20.10
C SER D 269 10.64 -2.01 -18.96
N GLY D 270 9.40 -1.84 -18.54
CA GLY D 270 8.85 -2.72 -17.52
C GLY D 270 8.17 -3.96 -18.10
N GLY D 271 8.25 -4.18 -19.40
CA GLY D 271 7.54 -5.31 -19.99
C GLY D 271 6.04 -5.21 -19.87
N PHE D 272 5.50 -3.99 -19.87
CA PHE D 272 4.06 -3.73 -19.83
C PHE D 272 3.23 -4.66 -20.71
N ARG D 273 3.63 -4.82 -21.98
CA ARG D 273 2.87 -5.67 -22.90
C ARG D 273 2.82 -7.11 -22.41
N SER D 274 3.97 -7.65 -21.96
CA SER D 274 4.05 -9.02 -21.47
C SER D 274 3.20 -9.23 -20.22
N LEU D 275 3.03 -8.20 -19.39
CA LEU D 275 2.16 -8.36 -18.22
C LEU D 275 0.71 -8.57 -18.64
N LEU D 276 0.26 -7.86 -19.67
CA LEU D 276 -1.11 -8.05 -20.15
C LEU D 276 -1.28 -9.40 -20.83
N ILE D 277 -0.25 -9.84 -21.58
CA ILE D 277 -0.31 -11.19 -22.15
C ILE D 277 -0.35 -12.21 -21.00
N ASN D 278 0.52 -12.03 -20.01
CA ASN D 278 0.53 -12.90 -18.84
C ASN D 278 -0.85 -12.97 -18.21
N ALA D 279 -1.53 -11.82 -18.09
CA ALA D 279 -2.84 -11.79 -17.43
C ALA D 279 -3.88 -12.59 -18.21
N VAL D 280 -4.00 -12.35 -19.51
CA VAL D 280 -4.97 -13.10 -20.32
C VAL D 280 -4.69 -14.59 -20.22
N GLU D 281 -3.40 -14.98 -20.26
CA GLU D 281 -3.07 -16.40 -20.20
C GLU D 281 -3.42 -16.99 -18.84
N ALA D 282 -3.11 -16.25 -17.77
CA ALA D 282 -3.33 -16.74 -16.42
C ALA D 282 -4.80 -16.96 -16.16
N SER D 283 -5.65 -16.02 -16.60
CA SER D 283 -7.09 -16.17 -16.40
C SER D 283 -7.66 -17.30 -17.26
N CYS D 284 -7.23 -17.39 -18.52
CA CYS D 284 -7.61 -18.50 -19.39
C CYS D 284 -7.22 -19.83 -18.78
N ILE D 285 -5.97 -19.93 -18.31
CA ILE D 285 -5.49 -21.19 -17.75
C ILE D 285 -6.25 -21.52 -16.46
N ARG D 286 -6.48 -20.52 -15.60
CA ARG D 286 -7.28 -20.79 -14.40
C ARG D 286 -8.68 -21.24 -14.76
N THR D 287 -9.26 -20.64 -15.79
CA THR D 287 -10.59 -21.06 -16.24
C THR D 287 -10.60 -22.53 -16.65
N ARG D 288 -9.59 -22.95 -17.43
CA ARG D 288 -9.48 -24.36 -17.80
C ARG D 288 -9.33 -25.26 -16.59
N GLU D 289 -8.60 -24.80 -15.56
CA GLU D 289 -8.49 -25.59 -14.34
C GLU D 289 -9.84 -25.74 -13.63
N LEU D 290 -10.64 -24.67 -13.60
CA LEU D 290 -11.94 -24.73 -12.94
C LEU D 290 -12.89 -25.68 -13.64
N GLN D 291 -12.71 -25.87 -14.96
CA GLN D 291 -13.49 -26.87 -15.67
C GLN D 291 -13.01 -28.28 -15.30
N SER D 292 -11.70 -28.52 -15.39
CA SER D 292 -11.15 -29.85 -15.10
C SER D 292 -11.24 -30.20 -13.62
N MET D 293 -11.34 -29.20 -12.74
CA MET D 293 -11.64 -29.49 -11.35
C MET D 293 -13.07 -30.00 -11.16
N ALA D 294 -13.96 -29.69 -12.10
CA ALA D 294 -15.32 -30.24 -12.07
C ALA D 294 -15.32 -31.69 -12.54
N ASP D 295 -15.07 -31.91 -13.82
CA ASP D 295 -15.07 -33.26 -14.39
C ASP D 295 -13.76 -34.00 -14.10
N SER E 22 46.05 1.80 38.32
CA SER E 22 46.49 3.17 38.61
C SER E 22 45.82 4.16 37.68
N MET E 23 45.35 3.66 36.54
CA MET E 23 44.74 4.48 35.51
C MET E 23 43.31 4.84 35.85
N SER E 24 42.92 6.06 35.47
CA SER E 24 41.55 6.54 35.66
C SER E 24 40.93 6.78 34.29
N VAL E 25 39.72 6.28 34.09
CA VAL E 25 39.08 6.27 32.77
C VAL E 25 37.70 6.90 32.87
N GLY E 26 37.37 7.77 31.91
CA GLY E 26 36.07 8.39 31.87
C GLY E 26 35.31 8.20 30.57
N PHE E 27 33.99 8.29 30.63
CA PHE E 27 33.14 8.24 29.44
C PHE E 27 32.23 9.45 29.39
N ILE E 28 32.34 10.22 28.31
CA ILE E 28 31.32 11.21 27.97
C ILE E 28 30.28 10.48 27.14
N GLY E 29 29.11 10.27 27.72
CA GLY E 29 28.13 9.39 27.11
C GLY E 29 28.07 8.09 27.87
N ALA E 30 26.86 7.63 28.17
CA ALA E 30 26.66 6.43 28.97
C ALA E 30 25.71 5.49 28.26
N GLY E 31 25.84 5.39 26.94
CA GLY E 31 24.96 4.60 26.12
C GLY E 31 25.52 3.21 25.87
N GLN E 32 25.11 2.63 24.74
CA GLN E 32 25.44 1.23 24.47
C GLN E 32 26.95 1.01 24.36
N LEU E 33 27.68 1.98 23.78
CA LEU E 33 29.11 1.76 23.55
C LEU E 33 29.91 1.92 24.83
N ALA E 34 29.58 2.94 25.64
CA ALA E 34 30.28 3.14 26.90
C ALA E 34 30.03 1.97 27.86
N PHE E 35 28.81 1.45 27.87
CA PHE E 35 28.55 0.27 28.67
C PHE E 35 29.40 -0.89 28.20
N ALA E 36 29.36 -1.16 26.89
CA ALA E 36 30.08 -2.28 26.31
C ALA E 36 31.56 -2.22 26.65
N LEU E 37 32.18 -1.06 26.43
CA LEU E 37 33.59 -0.89 26.76
C LEU E 37 33.85 -1.07 28.24
N ALA E 38 32.99 -0.49 29.10
CA ALA E 38 33.20 -0.59 30.54
C ALA E 38 32.99 -2.01 31.03
N LYS E 39 31.96 -2.70 30.51
CA LYS E 39 31.77 -4.10 30.84
C LYS E 39 32.97 -4.94 30.41
N GLY E 40 33.45 -4.73 29.17
CA GLY E 40 34.57 -5.51 28.70
C GLY E 40 35.84 -5.21 29.47
N PHE E 41 36.11 -3.92 29.73
CA PHE E 41 37.27 -3.51 30.51
C PHE E 41 37.27 -4.15 31.89
N THR E 42 36.12 -4.12 32.58
CA THR E 42 36.09 -4.66 33.93
C THR E 42 36.13 -6.18 33.91
N ALA E 43 35.47 -6.81 32.93
CA ALA E 43 35.55 -8.26 32.81
C ALA E 43 36.98 -8.71 32.51
N ALA E 44 37.73 -7.90 31.76
CA ALA E 44 39.10 -8.25 31.42
C ALA E 44 40.03 -8.15 32.61
N GLY E 45 39.64 -7.43 33.66
CA GLY E 45 40.49 -7.24 34.82
C GLY E 45 41.50 -6.10 34.70
N VAL E 46 41.67 -5.52 33.52
CA VAL E 46 42.64 -4.44 33.32
C VAL E 46 42.23 -3.15 34.00
N LEU E 47 40.99 -3.07 34.47
CA LEU E 47 40.42 -1.84 34.97
C LEU E 47 39.35 -2.21 35.97
N ALA E 48 39.44 -1.65 37.17
CA ALA E 48 38.40 -1.86 38.17
C ALA E 48 37.27 -0.85 37.94
N ALA E 49 36.05 -1.27 38.24
CA ALA E 49 34.90 -0.43 37.91
C ALA E 49 34.94 0.90 38.65
N HIS E 50 35.56 0.93 39.83
CA HIS E 50 35.62 2.13 40.62
C HIS E 50 36.60 3.15 40.06
N LYS E 51 37.44 2.77 39.10
CA LYS E 51 38.29 3.73 38.41
C LYS E 51 37.66 4.24 37.11
N ILE E 52 36.37 4.01 36.91
CA ILE E 52 35.66 4.44 35.71
C ILE E 52 34.51 5.36 36.12
N MET E 53 34.36 6.46 35.39
CA MET E 53 33.28 7.41 35.59
C MET E 53 32.63 7.73 34.25
N ALA E 54 31.30 7.77 34.21
CA ALA E 54 30.57 8.09 33.00
C ALA E 54 29.51 9.13 33.30
N SER E 55 29.31 10.04 32.35
CA SER E 55 28.31 11.10 32.44
C SER E 55 27.32 10.97 31.31
N SER E 56 26.10 11.45 31.57
CA SER E 56 25.04 11.30 30.59
C SER E 56 24.01 12.38 30.82
N PRO E 57 23.42 12.94 29.77
CA PRO E 57 22.32 13.92 29.94
C PRO E 57 20.99 13.32 30.35
N ASP E 58 20.95 12.02 30.69
CA ASP E 58 19.72 11.33 31.08
C ASP E 58 20.12 10.24 32.07
N MET E 59 20.17 10.61 33.35
CA MET E 59 20.59 9.66 34.39
C MET E 59 19.59 8.53 34.59
N ASP E 60 18.51 8.48 33.81
CA ASP E 60 17.52 7.41 33.89
C ASP E 60 17.67 6.39 32.76
N LEU E 61 18.78 6.43 32.03
CA LEU E 61 19.00 5.44 30.98
C LEU E 61 19.30 4.07 31.58
N ALA E 62 18.87 3.03 30.86
CA ALA E 62 19.10 1.67 31.31
C ALA E 62 20.59 1.32 31.31
N THR E 63 21.35 1.86 30.37
CA THR E 63 22.80 1.69 30.37
C THR E 63 23.42 2.36 31.60
N VAL E 64 22.86 3.50 32.01
CA VAL E 64 23.35 4.20 33.20
C VAL E 64 23.13 3.34 34.46
N SER E 65 21.93 2.76 34.58
CA SER E 65 21.65 1.88 35.72
C SER E 65 22.61 0.70 35.73
N ALA E 66 22.76 0.05 34.58
CA ALA E 66 23.69 -1.07 34.44
C ALA E 66 25.11 -0.67 34.88
N LEU E 67 25.57 0.50 34.43
CA LEU E 67 26.89 0.97 34.84
C LEU E 67 26.97 1.16 36.35
N ARG E 68 25.88 1.63 36.97
CA ARG E 68 25.87 1.81 38.41
C ARG E 68 26.04 0.47 39.12
N LYS E 69 25.31 -0.56 38.69
CA LYS E 69 25.41 -1.88 39.30
C LYS E 69 26.83 -2.42 39.24
N MET E 70 27.55 -2.14 38.15
CA MET E 70 28.92 -2.65 38.00
C MET E 70 29.90 -1.98 38.94
N GLY E 71 29.56 -0.85 39.54
CA GLY E 71 30.50 -0.08 40.32
C GLY E 71 31.13 1.09 39.59
N VAL E 72 30.65 1.41 38.40
CA VAL E 72 31.12 2.61 37.71
C VAL E 72 30.50 3.82 38.38
N LYS E 73 31.35 4.79 38.75
CA LYS E 73 30.86 6.07 39.25
C LYS E 73 30.11 6.80 38.14
N LEU E 74 29.07 7.55 38.52
CA LEU E 74 28.20 8.21 37.58
C LEU E 74 27.92 9.65 37.99
N THR E 75 27.64 10.48 37.00
CA THR E 75 27.42 11.91 37.16
C THR E 75 26.60 12.40 35.98
N PRO E 76 25.87 13.50 36.13
CA PRO E 76 25.28 14.16 34.95
C PRO E 76 26.08 15.35 34.41
N HIS E 77 27.28 15.59 34.94
CA HIS E 77 28.11 16.71 34.53
C HIS E 77 29.36 16.20 33.84
N ASN E 78 29.45 16.47 32.53
CA ASN E 78 30.63 16.08 31.78
C ASN E 78 31.90 16.66 32.37
N LYS E 79 31.79 17.79 33.10
CA LYS E 79 32.96 18.38 33.76
C LYS E 79 33.50 17.45 34.84
N GLU E 80 32.61 16.79 35.59
CA GLU E 80 33.08 15.86 36.62
C GLU E 80 33.82 14.70 35.99
N THR E 81 33.27 14.12 34.93
CA THR E 81 33.96 13.05 34.22
C THR E 81 35.37 13.48 33.82
N VAL E 82 35.52 14.69 33.30
CA VAL E 82 36.82 15.15 32.85
C VAL E 82 37.78 15.27 34.03
N GLN E 83 37.32 15.92 35.11
CA GLN E 83 38.15 16.13 36.29
C GLN E 83 38.60 14.81 36.92
N HIS E 84 37.81 13.74 36.75
CA HIS E 84 38.15 12.45 37.34
C HIS E 84 39.17 11.67 36.51
N SER E 85 39.09 11.79 35.18
CA SER E 85 39.70 10.82 34.28
C SER E 85 41.10 11.25 33.83
N ASP E 86 41.93 10.25 33.55
CA ASP E 86 43.15 10.46 32.78
C ASP E 86 42.87 10.20 31.30
N VAL E 87 42.43 8.98 30.98
CA VAL E 87 41.95 8.64 29.65
C VAL E 87 40.47 9.00 29.60
N LEU E 88 40.10 9.80 28.60
CA LEU E 88 38.74 10.29 28.46
C LEU E 88 38.18 9.78 27.15
N PHE E 89 37.16 8.94 27.22
CA PHE E 89 36.49 8.40 26.03
C PHE E 89 35.33 9.31 25.66
N LEU E 90 35.25 9.67 24.39
CA LEU E 90 34.11 10.40 23.84
C LEU E 90 33.18 9.36 23.18
N ALA E 91 32.07 9.05 23.86
CA ALA E 91 31.16 8.03 23.37
C ALA E 91 29.77 8.59 23.16
N VAL E 92 29.66 9.73 22.45
CA VAL E 92 28.37 10.30 22.09
C VAL E 92 28.28 10.32 20.57
N LYS E 93 27.10 10.68 20.07
CA LYS E 93 26.89 10.68 18.63
C LYS E 93 27.81 11.73 17.98
N PRO E 94 28.21 11.51 16.73
CA PRO E 94 29.19 12.43 16.11
C PRO E 94 28.76 13.88 16.11
N HIS E 95 27.48 14.18 15.89
CA HIS E 95 27.05 15.58 15.84
C HIS E 95 27.11 16.28 17.21
N ILE E 96 27.28 15.52 18.30
CA ILE E 96 27.39 16.12 19.63
C ILE E 96 28.85 16.41 20.00
N ILE E 97 29.81 15.72 19.38
CA ILE E 97 31.23 15.93 19.73
C ILE E 97 31.62 17.40 19.76
N PRO E 98 31.34 18.22 18.72
CA PRO E 98 31.70 19.65 18.82
C PRO E 98 31.19 20.32 20.07
N PHE E 99 29.97 19.98 20.50
CA PHE E 99 29.41 20.66 21.66
C PHE E 99 30.02 20.18 22.96
N ILE E 100 30.25 18.87 23.09
CA ILE E 100 31.01 18.36 24.23
C ILE E 100 32.37 19.04 24.29
N LEU E 101 33.03 19.18 23.13
CA LEU E 101 34.34 19.80 23.11
C LEU E 101 34.27 21.26 23.58
N ASP E 102 33.24 21.99 23.16
CA ASP E 102 33.07 23.36 23.65
C ASP E 102 32.77 23.39 25.14
N GLU E 103 32.03 22.41 25.65
CA GLU E 103 31.59 22.43 27.05
C GLU E 103 32.72 22.09 28.02
N ILE E 104 33.66 21.25 27.62
CA ILE E 104 34.71 20.77 28.52
C ILE E 104 36.11 21.10 28.03
N GLY E 105 36.24 21.77 26.89
CA GLY E 105 37.56 22.09 26.35
C GLY E 105 38.45 22.85 27.32
N ALA E 106 37.86 23.72 28.14
CA ALA E 106 38.63 24.46 29.12
C ALA E 106 39.19 23.57 30.23
N ASP E 107 38.61 22.38 30.43
CA ASP E 107 39.00 21.48 31.51
C ASP E 107 40.07 20.47 31.11
N ILE E 108 40.50 20.44 29.85
CA ILE E 108 41.53 19.51 29.41
C ILE E 108 42.89 19.96 29.96
N GLU E 109 43.66 19.01 30.48
CA GLU E 109 45.00 19.28 31.00
C GLU E 109 46.02 18.49 30.20
N ASP E 110 47.29 18.75 30.50
CA ASP E 110 48.38 18.05 29.82
C ASP E 110 48.30 16.54 30.03
N ARG E 111 47.68 16.10 31.12
CA ARG E 111 47.61 14.68 31.43
C ARG E 111 46.56 13.93 30.62
N HIS E 112 45.60 14.63 30.02
CA HIS E 112 44.45 13.98 29.42
C HIS E 112 44.81 13.36 28.07
N ILE E 113 44.31 12.15 27.85
CA ILE E 113 44.24 11.56 26.52
C ILE E 113 42.77 11.49 26.17
N VAL E 114 42.38 12.18 25.11
CA VAL E 114 41.01 12.26 24.66
C VAL E 114 40.84 11.28 23.53
N VAL E 115 40.03 10.25 23.75
CA VAL E 115 39.84 9.18 22.79
C VAL E 115 38.46 9.32 22.21
N SER E 116 38.37 9.80 20.98
CA SER E 116 37.07 9.89 20.32
C SER E 116 36.66 8.54 19.73
N CYS E 117 35.44 8.10 20.07
CA CYS E 117 34.86 6.92 19.44
C CYS E 117 33.80 7.26 18.40
N ALA E 118 33.45 8.54 18.23
CA ALA E 118 32.41 8.90 17.28
C ALA E 118 32.87 8.62 15.85
N ALA E 119 32.05 7.91 15.09
CA ALA E 119 32.43 7.61 13.70
C ALA E 119 32.50 8.90 12.89
N GLY E 120 33.43 8.91 11.94
CA GLY E 120 33.60 10.07 11.08
C GLY E 120 34.40 11.22 11.65
N VAL E 121 34.18 11.59 12.93
CA VAL E 121 34.80 12.79 13.49
C VAL E 121 36.31 12.66 13.45
N THR E 122 36.95 13.58 12.73
CA THR E 122 38.38 13.54 12.48
C THR E 122 39.18 14.09 13.64
N ILE E 123 40.42 13.59 13.75
CA ILE E 123 41.38 14.13 14.71
C ILE E 123 41.58 15.62 14.46
N SER E 124 41.54 16.03 13.19
CA SER E 124 41.71 17.43 12.85
C SER E 124 40.64 18.28 13.54
N SER E 125 39.38 17.89 13.42
CA SER E 125 38.31 18.72 13.97
C SER E 125 38.34 18.74 15.49
N ILE E 126 38.71 17.63 16.11
CA ILE E 126 38.82 17.58 17.57
C ILE E 126 39.99 18.44 18.03
N GLU E 127 41.15 18.26 17.40
CA GLU E 127 42.33 19.04 17.79
C GLU E 127 42.10 20.53 17.58
N LYS E 128 41.41 20.90 16.50
CA LYS E 128 41.12 22.31 16.28
C LYS E 128 40.28 22.87 17.42
N LYS E 129 39.28 22.11 17.89
CA LYS E 129 38.40 22.59 18.95
C LYS E 129 39.15 22.74 20.27
N LEU E 130 39.80 21.67 20.72
CA LEU E 130 40.48 21.71 22.01
C LEU E 130 41.69 22.66 21.99
N SER E 131 42.33 22.85 20.83
CA SER E 131 43.50 23.72 20.78
C SER E 131 43.15 25.17 20.99
N ALA E 132 41.87 25.54 20.85
CA ALA E 132 41.45 26.88 21.22
C ALA E 132 41.54 27.11 22.73
N PHE E 133 41.63 26.03 23.51
CA PHE E 133 41.72 26.18 24.96
C PHE E 133 43.14 25.97 25.44
N ARG E 134 43.61 24.71 25.47
CA ARG E 134 44.99 24.34 25.76
C ARG E 134 45.67 23.87 24.48
N PRO E 135 46.96 24.16 24.27
CA PRO E 135 47.53 24.11 22.91
C PRO E 135 47.80 22.73 22.31
N ALA E 136 48.25 21.75 23.09
CA ALA E 136 48.69 20.46 22.55
C ALA E 136 47.83 19.30 23.07
N PRO E 137 46.55 19.26 22.73
CA PRO E 137 45.70 18.17 23.25
C PRO E 137 46.13 16.84 22.66
N ARG E 138 46.20 15.84 23.53
CA ARG E 138 46.58 14.48 23.15
C ARG E 138 45.30 13.76 22.75
N VAL E 139 45.14 13.51 21.46
CA VAL E 139 43.90 13.00 20.89
C VAL E 139 44.19 11.68 20.20
N ILE E 140 43.29 10.71 20.40
CA ILE E 140 43.32 9.43 19.72
C ILE E 140 41.93 9.18 19.18
N ARG E 141 41.84 8.79 17.91
CA ARG E 141 40.56 8.43 17.31
C ARG E 141 40.49 6.92 17.20
N CYS E 142 39.33 6.35 17.54
CA CYS E 142 39.22 4.90 17.45
C CYS E 142 37.88 4.53 16.84
N MET E 143 37.86 3.37 16.20
CA MET E 143 36.63 2.76 15.71
C MET E 143 36.58 1.39 16.36
N THR E 144 35.61 1.18 17.22
CA THR E 144 35.44 -0.10 17.88
C THR E 144 34.03 -0.59 17.58
N ASN E 145 33.59 -1.63 18.29
CA ASN E 145 32.25 -2.17 18.02
C ASN E 145 31.72 -2.81 19.30
N THR E 146 30.45 -3.17 19.26
CA THR E 146 29.75 -3.60 20.47
C THR E 146 30.31 -4.91 21.05
N PRO E 147 30.85 -5.86 20.26
CA PRO E 147 31.39 -7.09 20.89
C PRO E 147 32.53 -6.91 21.90
N VAL E 148 33.03 -5.69 22.13
CA VAL E 148 33.93 -5.51 23.27
C VAL E 148 33.23 -5.92 24.55
N VAL E 149 31.88 -5.93 24.55
CA VAL E 149 31.12 -6.31 25.74
C VAL E 149 31.36 -7.76 26.13
N VAL E 150 31.73 -8.62 25.17
CA VAL E 150 32.14 -9.99 25.44
C VAL E 150 33.63 -10.19 25.13
N ARG E 151 34.39 -9.09 25.15
CA ARG E 151 35.83 -9.11 24.96
C ARG E 151 36.22 -9.70 23.61
N GLU E 152 35.40 -9.48 22.60
CA GLU E 152 35.75 -9.89 21.24
C GLU E 152 35.50 -8.76 20.28
N GLY E 153 35.78 -7.53 20.70
CA GLY E 153 35.64 -6.40 19.79
C GLY E 153 36.71 -6.42 18.71
N ALA E 154 36.50 -5.55 17.73
CA ALA E 154 37.48 -5.27 16.70
C ALA E 154 37.70 -3.76 16.74
N THR E 155 38.93 -3.34 17.03
CA THR E 155 39.22 -1.95 17.28
C THR E 155 40.44 -1.51 16.48
N VAL E 156 40.32 -0.37 15.82
CA VAL E 156 41.49 0.31 15.29
C VAL E 156 41.54 1.68 15.91
N TYR E 157 42.74 2.25 15.95
CA TYR E 157 42.90 3.59 16.47
C TYR E 157 43.97 4.30 15.66
N ALA E 158 43.84 5.62 15.57
CA ALA E 158 44.85 6.47 14.98
C ALA E 158 45.27 7.53 16.00
N THR E 159 46.56 7.78 16.10
CA THR E 159 47.08 8.75 17.06
C THR E 159 47.17 10.14 16.46
N GLY E 160 46.87 11.15 17.28
CA GLY E 160 46.81 12.52 16.81
C GLY E 160 48.17 13.18 16.81
N THR E 161 48.15 14.49 16.51
CA THR E 161 49.37 15.28 16.35
C THR E 161 50.21 15.31 17.62
N HIS E 162 49.57 15.39 18.77
CA HIS E 162 50.27 15.55 20.04
C HIS E 162 50.20 14.31 20.91
N ALA E 163 49.60 13.23 20.43
CA ALA E 163 49.65 11.97 21.15
C ALA E 163 51.09 11.49 21.28
N GLN E 164 51.54 11.25 22.50
CA GLN E 164 52.86 10.69 22.69
C GLN E 164 52.89 9.22 22.26
N VAL E 165 54.09 8.66 22.15
CA VAL E 165 54.23 7.26 21.76
C VAL E 165 53.62 6.36 22.81
N GLU E 166 53.84 6.69 24.09
CA GLU E 166 53.24 5.90 25.16
C GLU E 166 51.72 5.95 25.09
N ASP E 167 51.15 7.01 24.53
CA ASP E 167 49.70 7.13 24.45
C ASP E 167 49.12 6.08 23.52
N GLY E 168 49.72 5.90 22.34
CA GLY E 168 49.26 4.86 21.44
C GLY E 168 49.43 3.48 22.03
N ARG E 169 50.48 3.28 22.83
CA ARG E 169 50.71 1.99 23.46
C ARG E 169 49.76 1.74 24.63
N LEU E 170 49.51 2.76 25.46
CA LEU E 170 48.49 2.64 26.50
C LEU E 170 47.13 2.34 25.88
N MET E 171 46.87 2.93 24.72
CA MET E 171 45.60 2.70 24.04
C MET E 171 45.49 1.27 23.55
N GLU E 172 46.54 0.79 22.85
CA GLU E 172 46.48 -0.55 22.32
C GLU E 172 46.43 -1.58 23.44
N GLN E 173 47.16 -1.34 24.53
CA GLN E 173 47.11 -2.25 25.66
C GLN E 173 45.71 -2.32 26.26
N LEU E 174 45.05 -1.16 26.40
CA LEU E 174 43.72 -1.13 26.98
C LEU E 174 42.68 -1.77 26.07
N LEU E 175 42.73 -1.49 24.78
CA LEU E 175 41.70 -2.00 23.90
C LEU E 175 41.97 -3.43 23.43
N SER E 176 43.22 -3.88 23.47
CA SER E 176 43.53 -5.28 23.21
C SER E 176 42.92 -6.19 24.26
N SER E 177 42.62 -5.67 25.45
CA SER E 177 42.06 -6.52 26.50
C SER E 177 40.62 -6.90 26.26
N VAL E 178 39.94 -6.25 25.30
CA VAL E 178 38.54 -6.50 24.96
C VAL E 178 38.36 -6.90 23.49
N GLY E 179 39.43 -7.27 22.81
CA GLY E 179 39.32 -7.82 21.47
C GLY E 179 40.57 -7.53 20.65
N PHE E 180 40.43 -7.65 19.33
CA PHE E 180 41.50 -7.29 18.43
C PHE E 180 41.72 -5.78 18.45
N CYS E 181 42.98 -5.35 18.48
CA CYS E 181 43.28 -3.92 18.40
C CYS E 181 44.56 -3.70 17.59
N THR E 182 44.51 -2.76 16.65
CA THR E 182 45.75 -2.38 15.98
C THR E 182 45.68 -0.93 15.54
N GLU E 183 46.85 -0.33 15.40
CA GLU E 183 46.94 1.04 14.92
C GLU E 183 46.79 1.06 13.41
N VAL E 184 46.08 2.08 12.91
CA VAL E 184 45.95 2.35 11.48
C VAL E 184 46.18 3.83 11.25
N GLU E 185 46.47 4.18 9.99
CA GLU E 185 46.41 5.57 9.56
C GLU E 185 44.96 6.04 9.61
N GLU E 186 44.77 7.32 9.96
CA GLU E 186 43.40 7.80 10.16
C GLU E 186 42.54 7.60 8.92
N ASP E 187 43.14 7.67 7.72
CA ASP E 187 42.31 7.59 6.52
C ASP E 187 41.77 6.18 6.25
N LEU E 188 42.16 5.17 7.02
CA LEU E 188 41.50 3.87 6.91
C LEU E 188 40.25 3.74 7.77
N ILE E 189 40.01 4.67 8.70
CA ILE E 189 39.04 4.40 9.76
C ILE E 189 37.61 4.39 9.22
N ASP E 190 37.29 5.28 8.27
CA ASP E 190 35.94 5.23 7.69
C ASP E 190 35.65 3.86 7.05
N ALA E 191 36.64 3.26 6.39
CA ALA E 191 36.42 1.91 5.81
C ALA E 191 36.32 0.84 6.89
N VAL E 192 37.11 0.95 7.95
CA VAL E 192 36.96 0.01 9.07
C VAL E 192 35.56 0.12 9.66
N THR E 193 35.04 1.35 9.76
CA THR E 193 33.67 1.54 10.21
C THR E 193 32.71 0.72 9.35
N GLY E 194 32.88 0.75 8.04
CA GLY E 194 31.96 0.00 7.19
C GLY E 194 32.07 -1.49 7.35
N LEU E 195 33.22 -1.98 7.84
CA LEU E 195 33.51 -3.41 7.92
C LEU E 195 33.26 -3.92 9.33
N SER E 196 34.13 -3.59 10.28
CA SER E 196 33.97 -4.13 11.62
C SER E 196 33.12 -3.25 12.52
N GLY E 197 33.00 -1.95 12.21
CA GLY E 197 32.12 -1.10 13.00
C GLY E 197 30.66 -1.49 12.82
N SER E 198 30.20 -1.54 11.57
CA SER E 198 28.84 -1.95 11.23
C SER E 198 28.69 -3.46 11.15
N GLY E 199 29.80 -4.18 11.03
CA GLY E 199 29.81 -5.62 10.90
C GLY E 199 28.88 -6.42 11.80
N PRO E 200 28.88 -6.15 13.11
CA PRO E 200 28.00 -6.94 14.00
C PRO E 200 26.55 -6.90 13.56
N ALA E 201 26.08 -5.75 13.10
CA ALA E 201 24.70 -5.65 12.64
C ALA E 201 24.45 -6.53 11.41
N TYR E 202 25.44 -6.62 10.50
CA TYR E 202 25.32 -7.55 9.38
C TYR E 202 25.21 -8.98 9.89
N ALA E 203 26.07 -9.34 10.84
CA ALA E 203 26.00 -10.70 11.38
C ALA E 203 24.68 -10.96 12.08
N PHE E 204 24.16 -9.98 12.86
CA PHE E 204 22.88 -10.19 13.55
C PHE E 204 21.74 -10.39 12.57
N THR E 205 21.72 -9.61 11.49
CA THR E 205 20.75 -9.81 10.41
C THR E 205 20.90 -11.20 9.82
N ALA E 206 22.14 -11.62 9.57
CA ALA E 206 22.39 -12.94 8.98
C ALA E 206 21.91 -14.03 9.89
N LEU E 207 22.17 -13.89 11.20
CA LEU E 207 21.78 -14.88 12.19
C LEU E 207 20.27 -14.99 12.32
N ASP E 208 19.58 -13.85 12.31
CA ASP E 208 18.12 -13.89 12.32
C ASP E 208 17.57 -14.64 11.08
N ALA E 209 18.08 -14.31 9.89
CA ALA E 209 17.70 -14.98 8.64
C ALA E 209 18.02 -16.46 8.67
N LEU E 210 19.23 -16.83 9.11
CA LEU E 210 19.60 -18.24 9.15
C LEU E 210 18.70 -19.02 10.09
N ALA E 211 18.29 -18.38 11.19
CA ALA E 211 17.37 -19.03 12.12
C ALA E 211 16.00 -19.19 11.47
N ASP E 212 15.55 -18.21 10.69
CA ASP E 212 14.31 -18.37 9.96
C ASP E 212 14.39 -19.57 9.02
N GLY E 213 15.53 -19.73 8.36
CA GLY E 213 15.72 -20.88 7.47
C GLY E 213 15.70 -22.20 8.22
N GLY E 214 16.37 -22.26 9.38
CA GLY E 214 16.28 -23.43 10.22
C GLY E 214 14.84 -23.73 10.64
N VAL E 215 14.10 -22.68 11.03
CA VAL E 215 12.71 -22.86 11.41
C VAL E 215 11.87 -23.31 10.21
N LYS E 216 12.07 -22.71 9.03
CA LYS E 216 11.31 -23.19 7.87
C LYS E 216 11.56 -24.68 7.63
N MET E 217 12.75 -25.17 7.89
CA MET E 217 13.06 -26.57 7.64
C MET E 217 12.73 -27.47 8.82
N GLY E 218 12.13 -26.92 9.88
CA GLY E 218 11.56 -27.73 10.95
C GLY E 218 12.22 -27.62 12.31
N LEU E 219 13.22 -26.75 12.49
CA LEU E 219 13.93 -26.63 13.76
C LEU E 219 13.19 -25.67 14.69
N PRO E 220 13.14 -25.98 15.98
CA PRO E 220 12.70 -24.98 16.96
C PRO E 220 13.55 -23.72 16.85
N ARG E 221 12.91 -22.58 17.03
CA ARG E 221 13.59 -21.28 16.90
CA ARG E 221 13.60 -21.29 16.90
C ARG E 221 14.83 -21.22 17.80
N ARG E 222 14.67 -21.56 19.07
CA ARG E 222 15.78 -21.44 20.01
C ARG E 222 16.99 -22.25 19.54
N LEU E 223 16.75 -23.50 19.13
CA LEU E 223 17.84 -24.32 18.60
C LEU E 223 18.43 -23.72 17.33
N ALA E 224 17.57 -23.20 16.43
CA ALA E 224 18.07 -22.65 15.18
C ALA E 224 18.98 -21.45 15.43
N VAL E 225 18.60 -20.58 16.38
CA VAL E 225 19.43 -19.41 16.68
C VAL E 225 20.78 -19.86 17.24
N ARG E 226 20.75 -20.81 18.16
CA ARG E 226 21.98 -21.30 18.79
C ARG E 226 22.91 -21.95 17.76
N LEU E 227 22.38 -22.82 16.91
CA LEU E 227 23.20 -23.47 15.89
C LEU E 227 23.75 -22.47 14.90
N GLY E 228 22.93 -21.51 14.49
CA GLY E 228 23.39 -20.55 13.50
C GLY E 228 24.48 -19.69 14.08
N ALA E 229 24.28 -19.20 15.31
CA ALA E 229 25.29 -18.43 16.01
C ALA E 229 26.56 -19.25 16.26
N GLN E 230 26.40 -20.51 16.65
CA GLN E 230 27.59 -21.32 16.92
C GLN E 230 28.37 -21.59 15.64
N ALA E 231 27.67 -21.80 14.51
CA ALA E 231 28.33 -22.01 13.23
C ALA E 231 29.13 -20.79 12.81
N LEU E 232 28.54 -19.60 12.94
CA LEU E 232 29.26 -18.38 12.55
C LEU E 232 30.46 -18.14 13.46
N LEU E 233 30.31 -18.35 14.76
CA LEU E 233 31.43 -18.20 15.66
C LEU E 233 32.54 -19.18 15.29
N GLY E 234 32.19 -20.46 15.14
CA GLY E 234 33.22 -21.44 14.85
C GLY E 234 33.94 -21.17 13.54
N ALA E 235 33.18 -20.77 12.51
CA ALA E 235 33.79 -20.46 11.22
C ALA E 235 34.74 -19.27 11.35
N ALA E 236 34.31 -18.22 12.05
CA ALA E 236 35.17 -17.05 12.21
C ALA E 236 36.43 -17.39 12.98
N LYS E 237 36.30 -18.19 14.04
CA LYS E 237 37.48 -18.62 14.79
C LYS E 237 38.41 -19.44 13.92
N MET E 238 37.86 -20.33 13.09
CA MET E 238 38.69 -21.09 12.15
C MET E 238 39.51 -20.17 11.28
N LEU E 239 38.85 -19.19 10.65
CA LEU E 239 39.57 -18.32 9.72
C LEU E 239 40.64 -17.52 10.47
N LEU E 240 40.36 -17.11 11.70
CA LEU E 240 41.35 -16.38 12.48
C LEU E 240 42.53 -17.25 12.86
N HIS E 241 42.31 -18.55 13.06
CA HIS E 241 43.39 -19.45 13.45
C HIS E 241 44.12 -20.07 12.27
N SER E 242 43.71 -19.74 11.05
CA SER E 242 44.23 -20.37 9.84
C SER E 242 45.02 -19.35 9.04
N GLU E 243 46.08 -19.80 8.40
CA GLU E 243 46.72 -18.96 7.40
C GLU E 243 46.06 -19.11 6.04
N GLN E 244 45.06 -19.99 5.93
CA GLN E 244 44.48 -20.30 4.64
C GLN E 244 43.44 -19.27 4.22
N HIS E 245 43.26 -19.16 2.91
CA HIS E 245 42.30 -18.27 2.33
C HIS E 245 40.86 -18.71 2.68
N PRO E 246 39.94 -17.77 2.87
CA PRO E 246 38.55 -18.16 3.15
C PRO E 246 37.95 -19.01 2.05
N GLY E 247 38.38 -18.81 0.79
CA GLY E 247 37.92 -19.69 -0.27
C GLY E 247 38.44 -21.10 -0.13
N GLN E 248 39.67 -21.25 0.37
CA GLN E 248 40.20 -22.59 0.60
C GLN E 248 39.44 -23.29 1.72
N LEU E 249 39.09 -22.56 2.78
CA LEU E 249 38.31 -23.18 3.85
C LEU E 249 36.91 -23.51 3.35
N LYS E 250 36.33 -22.63 2.53
CA LYS E 250 35.08 -22.96 1.84
C LYS E 250 35.22 -24.25 1.04
N ASP E 251 36.28 -24.36 0.20
CA ASP E 251 36.52 -25.58 -0.56
C ASP E 251 36.56 -26.82 0.34
N ASN E 252 37.20 -26.70 1.52
CA ASN E 252 37.32 -27.86 2.42
C ASN E 252 35.96 -28.30 2.95
N VAL E 253 35.03 -27.38 3.15
CA VAL E 253 33.74 -27.73 3.74
C VAL E 253 32.88 -28.53 2.76
N SER E 254 32.97 -28.21 1.47
CA SER E 254 31.95 -28.67 0.50
C SER E 254 32.42 -29.96 -0.17
N SER E 255 31.77 -31.08 0.16
CA SER E 255 32.01 -32.31 -0.56
C SER E 255 31.37 -32.25 -1.95
N PRO E 256 31.94 -32.96 -2.91
CA PRO E 256 31.40 -32.91 -4.27
C PRO E 256 29.96 -33.41 -4.31
N GLY E 257 29.12 -32.68 -5.04
CA GLY E 257 27.73 -33.02 -5.19
C GLY E 257 26.87 -32.79 -3.97
N GLY E 258 27.45 -32.27 -2.88
CA GLY E 258 26.84 -32.33 -1.57
C GLY E 258 25.92 -31.15 -1.24
N ALA E 259 25.46 -31.17 0.02
CA ALA E 259 24.47 -30.22 0.46
C ALA E 259 25.04 -28.80 0.52
N THR E 260 26.27 -28.67 0.98
CA THR E 260 26.85 -27.34 1.14
C THR E 260 27.05 -26.65 -0.20
N ILE E 261 27.61 -27.35 -1.18
CA ILE E 261 27.84 -26.70 -2.47
C ILE E 261 26.51 -26.35 -3.14
N HIS E 262 25.46 -27.13 -2.91
CA HIS E 262 24.15 -26.72 -3.43
C HIS E 262 23.68 -25.43 -2.77
N ALA E 263 23.92 -25.27 -1.47
CA ALA E 263 23.51 -24.04 -0.79
C ALA E 263 24.38 -22.87 -1.24
N LEU E 264 25.67 -23.12 -1.45
CA LEU E 264 26.53 -22.02 -1.91
C LEU E 264 26.04 -21.54 -3.27
N HIS E 265 25.57 -22.44 -4.14
CA HIS E 265 25.06 -22.01 -5.43
C HIS E 265 23.91 -21.02 -5.26
N VAL E 266 22.94 -21.31 -4.38
CA VAL E 266 21.81 -20.38 -4.29
C VAL E 266 22.24 -19.06 -3.68
N LEU E 267 23.24 -19.06 -2.80
CA LEU E 267 23.82 -17.79 -2.34
C LEU E 267 24.41 -17.01 -3.49
N GLU E 268 25.26 -17.67 -4.30
CA GLU E 268 25.83 -17.03 -5.49
C GLU E 268 24.75 -16.51 -6.43
N SER E 269 23.68 -17.28 -6.62
CA SER E 269 22.67 -16.83 -7.57
C SER E 269 22.00 -15.54 -7.13
N GLY E 270 21.97 -15.29 -5.82
CA GLY E 270 21.41 -14.05 -5.32
C GLY E 270 22.41 -12.90 -5.24
N GLY E 271 23.67 -13.10 -5.64
CA GLY E 271 24.65 -12.03 -5.48
C GLY E 271 25.03 -11.80 -4.03
N PHE E 272 24.95 -12.83 -3.20
CA PHE E 272 25.24 -12.72 -1.77
C PHE E 272 26.50 -11.93 -1.51
N ARG E 273 27.60 -12.30 -2.18
CA ARG E 273 28.88 -11.60 -1.99
C ARG E 273 28.72 -10.12 -2.25
N SER E 274 28.07 -9.77 -3.37
CA SER E 274 27.96 -8.36 -3.74
C SER E 274 27.17 -7.57 -2.71
N LEU E 275 26.21 -8.20 -2.03
CA LEU E 275 25.43 -7.51 -1.01
C LEU E 275 26.32 -7.08 0.15
N LEU E 276 27.20 -7.97 0.61
CA LEU E 276 28.13 -7.63 1.68
C LEU E 276 29.13 -6.55 1.24
N ILE E 277 29.66 -6.64 0.02
CA ILE E 277 30.46 -5.53 -0.52
C ILE E 277 29.63 -4.24 -0.52
N ASN E 278 28.40 -4.31 -1.00
CA ASN E 278 27.55 -3.12 -0.98
C ASN E 278 27.42 -2.53 0.41
N ALA E 279 27.27 -3.40 1.41
CA ALA E 279 27.08 -2.97 2.80
C ALA E 279 28.30 -2.21 3.31
N VAL E 280 29.49 -2.81 3.23
CA VAL E 280 30.71 -2.15 3.67
C VAL E 280 30.88 -0.81 2.96
N GLU E 281 30.62 -0.79 1.65
CA GLU E 281 30.71 0.46 0.89
C GLU E 281 29.72 1.50 1.41
N ALA E 282 28.45 1.10 1.60
CA ALA E 282 27.43 2.07 2.00
C ALA E 282 27.72 2.62 3.38
N SER E 283 28.15 1.76 4.32
CA SER E 283 28.47 2.25 5.65
C SER E 283 29.68 3.19 5.62
N CYS E 284 30.75 2.80 4.91
CA CYS E 284 31.91 3.68 4.75
C CYS E 284 31.52 5.01 4.12
N ILE E 285 30.75 4.99 3.03
CA ILE E 285 30.38 6.23 2.36
C ILE E 285 29.53 7.11 3.27
N ARG E 286 28.59 6.50 4.00
CA ARG E 286 27.79 7.27 4.94
C ARG E 286 28.67 7.87 6.03
N THR E 287 29.67 7.12 6.48
CA THR E 287 30.59 7.68 7.48
C THR E 287 31.28 8.93 6.94
N ARG E 288 31.79 8.88 5.70
CA ARG E 288 32.43 10.07 5.11
C ARG E 288 31.44 11.22 4.99
N GLU E 289 30.20 10.92 4.64
CA GLU E 289 29.15 11.94 4.52
C GLU E 289 28.92 12.65 5.84
N LEU E 290 28.70 11.88 6.91
CA LEU E 290 28.49 12.49 8.22
C LEU E 290 29.65 13.38 8.64
N GLN E 291 30.84 13.17 8.07
CA GLN E 291 31.94 14.03 8.43
C GLN E 291 31.97 15.29 7.58
N SER E 292 31.78 15.16 6.26
CA SER E 292 31.66 16.35 5.43
C SER E 292 30.53 17.24 5.94
N MET E 293 29.42 16.63 6.34
CA MET E 293 28.35 17.34 7.02
C MET E 293 28.89 18.12 8.22
N ALA E 294 29.73 17.47 9.03
CA ALA E 294 30.27 18.11 10.23
C ALA E 294 30.98 19.42 9.87
N ASP E 295 31.91 19.37 8.92
CA ASP E 295 32.72 20.54 8.61
C ASP E 295 32.15 21.35 7.44
S SO4 F . 1.72 -21.26 11.99
O1 SO4 F . 0.82 -22.38 11.76
O2 SO4 F . 2.65 -21.13 10.88
O3 SO4 F . 0.88 -20.06 12.14
O4 SO4 F . 2.52 -21.46 13.20
C19 IQ0 G . 1.56 14.31 2.19
O5 IQ0 G . 1.26 13.24 1.59
C18 IQ0 G . 1.02 14.49 3.64
C20 IQ0 G . 2.24 14.42 4.70
C21 IQ0 G . 2.08 13.04 5.45
C22 IQ0 G . 0.79 12.69 5.21
C17 IQ0 G . 0.26 13.44 3.91
OXT IQ0 G . 2.32 15.20 1.66
S SO4 H . -16.79 6.36 6.72
O1 SO4 H . -17.54 5.25 6.17
O2 SO4 H . -15.36 6.23 6.39
O3 SO4 H . -17.29 7.61 6.13
O4 SO4 H . -16.94 6.42 8.17
C19 IQ0 I . -13.94 -15.34 -12.64
O5 IQ0 I . -13.64 -16.57 -12.49
C18 IQ0 I . -15.13 -14.87 -13.53
C20 IQ0 I . -14.81 -15.24 -15.07
C21 IQ0 I . -14.51 -13.88 -15.79
C22 IQ0 I . -14.78 -12.91 -14.86
C17 IQ0 I . -15.17 -13.56 -13.46
OXT IQ0 I . -13.28 -14.41 -12.10
S SO4 J . 3.03 14.03 -27.66
O1 SO4 J . 3.98 13.22 -26.92
O2 SO4 J . 3.07 13.56 -29.04
O3 SO4 J . 3.41 15.44 -27.62
O4 SO4 J . 1.68 13.89 -27.11
S SO4 K . 28.75 -31.24 2.88
O1 SO4 K . 28.09 -32.52 3.14
O2 SO4 K . 30.12 -31.44 2.39
O3 SO4 K . 28.00 -30.52 1.87
O4 SO4 K . 28.82 -30.48 4.13
#